data_1H7D
#
_entry.id   1H7D
#
_cell.length_a   1.000
_cell.length_b   1.000
_cell.length_c   1.000
_cell.angle_alpha   90.00
_cell.angle_beta   90.00
_cell.angle_gamma   90.00
#
_symmetry.space_group_name_H-M   'P 1'
#
_entity_poly.entity_id   1
_entity_poly.type   'polypeptide(L)'
_entity_poly.pdbx_seq_one_letter_code
;MVAAAMLLRSCPVLSQGPTGLLGKVAKTYQFLFSIGRCPILATQGPTCS
;
_entity_poly.pdbx_strand_id   A
#
# COMPACT_ATOMS: atom_id res chain seq x y z
N MET A 1 15.73 20.16 40.00
CA MET A 1 14.86 20.63 38.94
C MET A 1 13.42 20.19 39.17
N VAL A 2 12.54 20.66 38.29
CA VAL A 2 11.13 20.32 38.39
C VAL A 2 10.64 19.80 37.04
N ALA A 3 10.78 18.48 36.87
CA ALA A 3 10.34 17.85 35.63
C ALA A 3 10.54 16.34 35.76
N ALA A 4 9.42 15.64 35.89
CA ALA A 4 9.45 14.19 36.02
C ALA A 4 8.98 13.55 34.71
N ALA A 5 9.73 13.82 33.65
CA ALA A 5 9.40 13.30 32.34
C ALA A 5 7.94 13.61 32.02
N MET A 6 7.71 14.87 31.68
CA MET A 6 6.36 15.31 31.35
C MET A 6 6.40 16.50 30.38
N LEU A 7 7.19 16.34 29.34
CA LEU A 7 7.34 17.39 28.34
C LEU A 7 8.05 16.82 27.11
N LEU A 8 7.43 15.81 26.51
CA LEU A 8 8.00 15.17 25.34
C LEU A 8 7.00 14.15 24.78
N ARG A 9 6.31 14.55 23.73
CA ARG A 9 5.34 13.69 23.10
C ARG A 9 4.76 14.37 21.85
N SER A 10 5.65 14.92 21.05
CA SER A 10 5.24 15.58 19.82
C SER A 10 5.44 14.66 18.63
N CYS A 11 5.27 13.37 18.87
CA CYS A 11 5.43 12.38 17.82
C CYS A 11 6.69 12.72 17.03
N PRO A 12 7.86 12.47 17.67
CA PRO A 12 9.13 12.75 17.03
C PRO A 12 9.45 11.70 15.95
N VAL A 13 9.42 10.44 16.37
CA VAL A 13 9.70 9.34 15.46
C VAL A 13 9.28 8.03 16.11
N LEU A 14 9.63 7.90 17.38
CA LEU A 14 9.31 6.69 18.13
C LEU A 14 10.20 5.55 17.66
N SER A 15 11.37 5.92 17.17
CA SER A 15 12.31 4.92 16.67
C SER A 15 11.87 4.40 15.31
N GLN A 16 10.66 3.86 15.29
CA GLN A 16 10.12 3.31 14.06
C GLN A 16 8.69 3.84 13.85
N GLY A 17 8.61 5.10 13.47
CA GLY A 17 7.32 5.74 13.23
C GLY A 17 6.84 5.47 11.80
N PRO A 18 7.61 6.03 10.83
CA PRO A 18 7.28 5.86 9.42
C PRO A 18 7.62 4.44 8.95
N THR A 19 7.51 4.25 7.64
CA THR A 19 7.80 2.96 7.05
C THR A 19 6.84 1.89 7.58
N GLY A 20 5.63 2.33 7.88
CA GLY A 20 4.62 1.43 8.40
C GLY A 20 3.40 1.39 7.48
N LEU A 21 3.59 0.82 6.30
CA LEU A 21 2.53 0.72 5.33
C LEU A 21 2.26 2.09 4.72
N LEU A 22 3.00 2.38 3.66
CA LEU A 22 2.85 3.66 2.97
C LEU A 22 2.85 3.43 1.46
N GLY A 23 3.97 2.90 0.98
CA GLY A 23 4.12 2.62 -0.44
C GLY A 23 2.90 1.89 -0.99
N LYS A 24 2.23 1.18 -0.10
CA LYS A 24 1.04 0.43 -0.48
C LYS A 24 -0.10 1.41 -0.78
N VAL A 25 -0.22 2.41 0.09
CA VAL A 25 -1.25 3.42 -0.07
C VAL A 25 -0.89 4.33 -1.24
N ALA A 26 0.38 4.29 -1.62
CA ALA A 26 0.87 5.11 -2.71
C ALA A 26 1.05 4.25 -3.95
N LYS A 27 0.01 3.49 -4.27
CA LYS A 27 0.03 2.62 -5.42
C LYS A 27 -1.30 1.86 -5.52
N THR A 28 -1.63 1.19 -4.44
CA THR A 28 -2.88 0.42 -4.39
C THR A 28 -4.06 1.32 -4.72
N TYR A 29 -4.16 2.43 -4.00
CA TYR A 29 -5.24 3.37 -4.22
C TYR A 29 -5.17 3.98 -5.62
N GLN A 30 -3.95 4.11 -6.11
CA GLN A 30 -3.72 4.67 -7.43
C GLN A 30 -4.51 3.88 -8.49
N PHE A 31 -4.89 2.68 -8.10
CA PHE A 31 -5.65 1.82 -9.00
C PHE A 31 -7.10 1.67 -8.54
N LEU A 32 -7.27 1.68 -7.22
CA LEU A 32 -8.59 1.55 -6.63
C LEU A 32 -9.15 2.95 -6.33
N PHE A 33 -8.61 3.93 -7.04
CA PHE A 33 -9.04 5.30 -6.86
C PHE A 33 -10.45 5.52 -7.43
N SER A 34 -10.61 5.13 -8.68
CA SER A 34 -11.89 5.28 -9.35
C SER A 34 -12.18 4.03 -10.20
N ILE A 35 -12.78 3.04 -9.56
CA ILE A 35 -13.12 1.81 -10.23
C ILE A 35 -14.43 1.98 -11.00
N GLY A 36 -15.52 1.57 -10.35
CA GLY A 36 -16.84 1.67 -10.94
C GLY A 36 -17.85 0.80 -10.20
N ARG A 37 -17.52 -0.48 -10.10
CA ARG A 37 -18.38 -1.44 -9.43
C ARG A 37 -17.93 -1.62 -7.98
N CYS A 38 -17.84 -0.51 -7.27
CA CYS A 38 -17.42 -0.53 -5.88
C CYS A 38 -18.14 -1.69 -5.19
N PRO A 39 -17.47 -2.23 -4.13
CA PRO A 39 -18.04 -3.34 -3.39
C PRO A 39 -19.15 -2.86 -2.45
N ILE A 40 -20.27 -3.57 -2.51
CA ILE A 40 -21.41 -3.23 -1.68
C ILE A 40 -21.53 -4.23 -0.54
N LEU A 41 -21.11 -5.45 -0.82
CA LEU A 41 -21.16 -6.51 0.17
C LEU A 41 -20.11 -6.25 1.25
N ALA A 42 -18.87 -6.15 0.80
CA ALA A 42 -17.76 -5.90 1.71
C ALA A 42 -17.64 -7.07 2.69
N THR A 43 -16.52 -7.78 2.56
CA THR A 43 -16.27 -8.93 3.42
C THR A 43 -17.33 -10.01 3.19
N GLN A 44 -17.32 -10.55 1.98
CA GLN A 44 -18.26 -11.60 1.62
C GLN A 44 -17.53 -12.93 1.41
N GLY A 45 -16.24 -12.81 1.10
CA GLY A 45 -15.43 -13.99 0.87
C GLY A 45 -14.94 -14.58 2.20
N PRO A 46 -13.84 -15.38 2.11
CA PRO A 46 -13.27 -16.01 3.29
C PRO A 46 -12.50 -15.00 4.14
N THR A 47 -12.30 -15.36 5.39
CA THR A 47 -11.58 -14.48 6.31
C THR A 47 -10.13 -14.31 5.86
N CYS A 48 -9.59 -15.38 5.28
CA CYS A 48 -8.23 -15.35 4.80
C CYS A 48 -8.19 -15.99 3.41
N SER A 49 -7.27 -15.49 2.59
CA SER A 49 -7.13 -16.00 1.24
C SER A 49 -8.49 -16.09 0.55
N MET A 1 -2.22 3.66 40.97
CA MET A 1 -2.30 4.00 42.38
C MET A 1 -0.91 4.32 42.94
N VAL A 2 0.10 4.04 42.14
CA VAL A 2 1.47 4.29 42.55
C VAL A 2 2.01 5.50 41.79
N ALA A 3 1.25 6.59 41.88
CA ALA A 3 1.64 7.82 41.21
C ALA A 3 1.22 7.75 39.74
N ALA A 4 0.60 8.84 39.28
CA ALA A 4 0.15 8.92 37.91
C ALA A 4 0.70 10.18 37.26
N ALA A 5 1.99 10.17 36.99
CA ALA A 5 2.65 11.30 36.37
C ALA A 5 2.05 11.54 34.99
N MET A 6 2.19 10.53 34.15
CA MET A 6 1.67 10.61 32.79
C MET A 6 2.38 11.71 32.00
N LEU A 7 3.57 11.38 31.52
CA LEU A 7 4.36 12.31 30.75
C LEU A 7 5.14 11.56 29.67
N LEU A 8 4.39 10.95 28.77
CA LEU A 8 5.00 10.19 27.68
C LEU A 8 5.98 9.16 28.27
N ARG A 9 5.43 8.25 29.05
CA ARG A 9 6.24 7.22 29.68
C ARG A 9 5.35 6.18 30.34
N SER A 10 4.49 5.56 29.54
CA SER A 10 3.58 4.55 30.05
C SER A 10 3.23 3.57 28.93
N CYS A 11 2.66 4.10 27.87
CA CYS A 11 2.27 3.28 26.72
C CYS A 11 3.51 3.05 25.86
N PRO A 12 3.51 1.86 25.18
CA PRO A 12 4.62 1.50 24.31
C PRO A 12 4.59 2.31 23.01
N VAL A 13 5.44 1.90 22.07
CA VAL A 13 5.52 2.56 20.79
C VAL A 13 4.53 1.91 19.82
N LEU A 14 4.06 0.73 20.20
CA LEU A 14 3.12 -0.01 19.37
C LEU A 14 3.89 -0.86 18.36
N SER A 15 4.85 -0.22 17.71
CA SER A 15 5.66 -0.90 16.71
C SER A 15 4.91 -0.99 15.39
N GLN A 16 3.71 -1.57 15.47
CA GLN A 16 2.88 -1.73 14.29
C GLN A 16 1.70 -0.74 14.33
N GLY A 17 2.05 0.54 14.34
CA GLY A 17 1.04 1.59 14.38
C GLY A 17 1.27 2.60 13.25
N PRO A 18 2.28 3.48 13.46
CA PRO A 18 2.61 4.49 12.47
C PRO A 18 3.33 3.89 11.27
N THR A 19 3.53 4.71 10.26
CA THR A 19 4.21 4.28 9.05
C THR A 19 3.75 2.86 8.67
N GLY A 20 2.66 2.82 7.92
CA GLY A 20 2.11 1.54 7.48
C GLY A 20 2.32 1.35 5.98
N LEU A 21 3.59 1.38 5.59
CA LEU A 21 3.94 1.21 4.18
C LEU A 21 3.03 2.09 3.32
N LEU A 22 3.37 3.36 3.27
CA LEU A 22 2.60 4.31 2.49
C LEU A 22 2.64 3.91 1.02
N GLY A 23 3.85 3.84 0.49
CA GLY A 23 4.04 3.45 -0.90
C GLY A 23 3.13 2.28 -1.28
N LYS A 24 2.97 1.37 -0.34
CA LYS A 24 2.14 0.20 -0.55
C LYS A 24 0.67 0.63 -0.62
N VAL A 25 0.31 1.52 0.28
CA VAL A 25 -1.05 2.02 0.33
C VAL A 25 -1.28 3.03 -0.80
N ALA A 26 -0.17 3.47 -1.38
CA ALA A 26 -0.22 4.42 -2.47
C ALA A 26 -0.73 3.72 -3.72
N LYS A 27 0.05 2.73 -4.17
CA LYS A 27 -0.32 1.97 -5.35
C LYS A 27 -1.80 1.59 -5.28
N THR A 28 -2.14 0.91 -4.19
CA THR A 28 -3.51 0.48 -3.99
C THR A 28 -4.49 1.57 -4.41
N TYR A 29 -4.34 2.74 -3.80
CA TYR A 29 -5.20 3.87 -4.10
C TYR A 29 -4.94 4.37 -5.52
N GLN A 30 -3.68 4.40 -5.90
CA GLN A 30 -3.29 4.86 -7.22
C GLN A 30 -4.11 4.13 -8.29
N PHE A 31 -4.62 2.97 -7.90
CA PHE A 31 -5.42 2.17 -8.82
C PHE A 31 -6.88 2.14 -8.39
N LEU A 32 -7.10 1.86 -7.11
CA LEU A 32 -8.44 1.80 -6.57
C LEU A 32 -9.18 3.09 -6.93
N PHE A 33 -8.43 4.17 -7.02
CA PHE A 33 -9.00 5.46 -7.36
C PHE A 33 -9.99 5.34 -8.51
N SER A 34 -9.71 4.39 -9.39
CA SER A 34 -10.56 4.15 -10.54
C SER A 34 -10.50 2.68 -10.95
N ILE A 35 -11.47 1.92 -10.47
CA ILE A 35 -11.53 0.50 -10.78
C ILE A 35 -12.65 0.25 -11.79
N GLY A 36 -13.67 1.10 -11.71
CA GLY A 36 -14.81 0.99 -12.61
C GLY A 36 -15.87 0.05 -12.04
N ARG A 37 -16.66 0.60 -11.12
CA ARG A 37 -17.71 -0.17 -10.48
C ARG A 37 -19.08 0.27 -11.02
N CYS A 38 -19.13 1.53 -11.44
CA CYS A 38 -20.37 2.09 -11.96
C CYS A 38 -20.13 3.56 -12.31
N PRO A 39 -20.88 4.03 -13.33
CA PRO A 39 -20.75 5.42 -13.77
C PRO A 39 -21.44 6.37 -12.78
N ILE A 40 -22.75 6.24 -12.72
CA ILE A 40 -23.53 7.08 -11.82
C ILE A 40 -22.99 8.51 -11.87
N LEU A 41 -22.75 8.98 -13.08
CA LEU A 41 -22.24 10.33 -13.27
C LEU A 41 -20.72 10.31 -13.10
N ALA A 42 -20.29 9.78 -11.97
CA ALA A 42 -18.87 9.70 -11.67
C ALA A 42 -18.34 11.11 -11.36
N THR A 43 -18.43 11.96 -12.37
CA THR A 43 -17.96 13.33 -12.23
C THR A 43 -18.25 14.12 -13.51
N GLN A 44 -19.49 14.06 -13.95
CA GLN A 44 -19.90 14.77 -15.15
C GLN A 44 -21.42 14.93 -15.19
N GLY A 45 -21.98 15.22 -14.02
CA GLY A 45 -23.41 15.40 -13.89
C GLY A 45 -23.82 16.80 -14.36
N PRO A 46 -23.55 17.80 -13.49
CA PRO A 46 -23.89 19.19 -13.80
C PRO A 46 -22.92 19.76 -14.82
N THR A 47 -22.83 19.09 -15.97
CA THR A 47 -21.94 19.52 -17.03
C THR A 47 -20.62 20.05 -16.44
N CYS A 48 -19.90 19.15 -15.80
CA CYS A 48 -18.62 19.51 -15.19
C CYS A 48 -17.51 19.16 -16.17
N SER A 49 -16.67 20.15 -16.44
CA SER A 49 -15.56 19.96 -17.36
C SER A 49 -16.08 19.51 -18.72
N MET A 1 44.99 -21.71 -0.09
CA MET A 1 44.66 -22.40 -1.32
C MET A 1 43.16 -22.71 -1.39
N VAL A 2 42.49 -22.52 -0.26
CA VAL A 2 41.06 -22.77 -0.18
C VAL A 2 40.30 -21.50 -0.60
N ALA A 3 39.07 -21.41 -0.12
CA ALA A 3 38.24 -20.26 -0.43
C ALA A 3 37.02 -20.25 0.50
N ALA A 4 36.87 -19.14 1.21
CA ALA A 4 35.76 -19.00 2.14
C ALA A 4 35.04 -17.68 1.86
N ALA A 5 34.30 -17.66 0.77
CA ALA A 5 33.57 -16.46 0.38
C ALA A 5 32.37 -16.86 -0.48
N MET A 6 32.67 -17.29 -1.69
CA MET A 6 31.64 -17.71 -2.62
C MET A 6 30.51 -16.68 -2.68
N LEU A 7 30.89 -15.46 -3.03
CA LEU A 7 29.92 -14.38 -3.14
C LEU A 7 29.77 -13.71 -1.76
N LEU A 8 29.64 -14.54 -0.75
CA LEU A 8 29.49 -14.05 0.61
C LEU A 8 28.03 -13.65 0.84
N ARG A 9 27.54 -12.78 -0.03
CA ARG A 9 26.17 -12.32 0.07
C ARG A 9 25.64 -11.94 -1.33
N SER A 10 26.45 -11.19 -2.05
CA SER A 10 26.07 -10.75 -3.38
C SER A 10 24.79 -9.91 -3.31
N CYS A 11 24.79 -8.97 -2.39
CA CYS A 11 23.63 -8.10 -2.21
C CYS A 11 23.52 -7.21 -3.44
N PRO A 12 22.26 -6.81 -3.76
CA PRO A 12 22.00 -5.96 -4.90
C PRO A 12 22.41 -4.51 -4.61
N VAL A 13 22.68 -4.25 -3.34
CA VAL A 13 23.09 -2.92 -2.92
C VAL A 13 21.97 -1.93 -3.24
N LEU A 14 20.73 -2.40 -3.10
CA LEU A 14 19.57 -1.57 -3.37
C LEU A 14 19.51 -0.44 -2.34
N SER A 15 19.81 -0.80 -1.10
CA SER A 15 19.79 0.16 -0.01
C SER A 15 18.48 0.95 -0.04
N GLN A 16 17.50 0.44 0.70
CA GLN A 16 16.20 1.08 0.77
C GLN A 16 15.43 0.85 -0.52
N GLY A 17 14.73 -0.27 -0.58
CA GLY A 17 13.95 -0.62 -1.75
C GLY A 17 12.45 -0.57 -1.44
N PRO A 18 11.98 -1.65 -0.75
CA PRO A 18 10.57 -1.74 -0.39
C PRO A 18 10.24 -0.81 0.77
N THR A 19 9.05 -0.98 1.31
CA THR A 19 8.60 -0.16 2.43
C THR A 19 7.84 -1.02 3.45
N GLY A 20 6.87 -1.75 2.94
CA GLY A 20 6.07 -2.61 3.80
C GLY A 20 4.69 -2.01 4.05
N LEU A 21 4.70 -0.78 4.53
CA LEU A 21 3.45 -0.08 4.82
C LEU A 21 3.61 1.40 4.43
N LEU A 22 3.63 1.63 3.12
CA LEU A 22 3.77 2.98 2.61
C LEU A 22 3.41 2.98 1.12
N GLY A 23 4.22 2.28 0.34
CA GLY A 23 4.00 2.20 -1.09
C GLY A 23 2.56 1.75 -1.40
N LYS A 24 2.00 1.00 -0.47
CA LYS A 24 0.64 0.50 -0.63
C LYS A 24 -0.34 1.67 -0.52
N VAL A 25 -0.06 2.55 0.43
CA VAL A 25 -0.91 3.71 0.65
C VAL A 25 -0.66 4.73 -0.46
N ALA A 26 0.37 4.47 -1.25
CA ALA A 26 0.72 5.35 -2.34
C ALA A 26 0.87 4.54 -3.63
N LYS A 27 -0.09 3.65 -3.85
CA LYS A 27 -0.08 2.81 -5.03
C LYS A 27 -1.42 2.08 -5.14
N THR A 28 -1.90 1.62 -4.01
CA THR A 28 -3.17 0.90 -3.96
C THR A 28 -4.32 1.84 -4.37
N TYR A 29 -4.29 3.03 -3.78
CA TYR A 29 -5.32 4.01 -4.07
C TYR A 29 -5.28 4.44 -5.54
N GLN A 30 -4.07 4.58 -6.05
CA GLN A 30 -3.88 4.98 -7.43
C GLN A 30 -4.53 3.96 -8.37
N PHE A 31 -4.84 2.80 -7.81
CA PHE A 31 -5.46 1.74 -8.58
C PHE A 31 -6.92 1.56 -8.19
N LEU A 32 -7.16 1.57 -6.88
CA LEU A 32 -8.50 1.39 -6.36
C LEU A 32 -9.42 2.44 -6.99
N PHE A 33 -8.81 3.53 -7.45
CA PHE A 33 -9.56 4.60 -8.08
C PHE A 33 -9.79 4.31 -9.56
N SER A 34 -8.72 3.87 -10.22
CA SER A 34 -8.80 3.56 -11.64
C SER A 34 -9.30 2.13 -11.83
N ILE A 35 -10.54 1.91 -11.39
CA ILE A 35 -11.15 0.59 -11.52
C ILE A 35 -12.25 0.65 -12.57
N GLY A 36 -12.88 1.81 -12.68
CA GLY A 36 -13.94 2.01 -13.65
C GLY A 36 -14.91 3.10 -13.17
N ARG A 37 -16.09 2.66 -12.76
CA ARG A 37 -17.11 3.58 -12.29
C ARG A 37 -18.46 2.87 -12.18
N CYS A 38 -18.65 1.90 -13.05
CA CYS A 38 -19.88 1.14 -13.07
C CYS A 38 -19.57 -0.29 -13.53
N PRO A 39 -19.21 -1.15 -12.53
CA PRO A 39 -18.89 -2.53 -12.83
C PRO A 39 -20.15 -3.35 -13.13
N ILE A 40 -20.60 -3.24 -14.38
CA ILE A 40 -21.80 -3.95 -14.79
C ILE A 40 -21.39 -5.31 -15.38
N LEU A 41 -20.22 -5.32 -15.99
CA LEU A 41 -19.70 -6.55 -16.59
C LEU A 41 -18.97 -7.37 -15.52
N ALA A 42 -18.25 -6.65 -14.67
CA ALA A 42 -17.50 -7.29 -13.61
C ALA A 42 -18.46 -7.74 -12.51
N THR A 43 -19.33 -8.67 -12.88
CA THR A 43 -20.31 -9.20 -11.94
C THR A 43 -21.04 -10.41 -12.54
N GLN A 44 -20.24 -11.41 -12.91
CA GLN A 44 -20.79 -12.61 -13.51
C GLN A 44 -19.68 -13.63 -13.78
N GLY A 45 -18.73 -13.20 -14.60
CA GLY A 45 -17.60 -14.05 -14.95
C GLY A 45 -18.06 -15.24 -15.79
N PRO A 46 -17.10 -16.18 -16.02
CA PRO A 46 -17.41 -17.37 -16.81
C PRO A 46 -18.24 -18.37 -16.00
N THR A 47 -19.27 -18.88 -16.65
CA THR A 47 -20.16 -19.84 -16.01
C THR A 47 -19.40 -21.12 -15.67
N CYS A 48 -19.59 -21.58 -14.44
CA CYS A 48 -18.94 -22.79 -13.98
C CYS A 48 -19.79 -23.99 -14.40
N SER A 49 -19.14 -24.91 -15.11
CA SER A 49 -19.82 -26.11 -15.58
C SER A 49 -18.92 -27.32 -15.40
N MET A 1 18.31 -24.36 27.68
CA MET A 1 18.43 -25.33 26.61
C MET A 1 17.73 -24.84 25.34
N VAL A 2 17.01 -23.74 25.49
CA VAL A 2 16.29 -23.15 24.37
C VAL A 2 17.05 -21.91 23.88
N ALA A 3 18.19 -22.16 23.26
CA ALA A 3 19.02 -21.08 22.74
C ALA A 3 19.98 -21.65 21.69
N ALA A 4 19.44 -21.90 20.52
CA ALA A 4 20.23 -22.44 19.43
C ALA A 4 20.30 -21.42 18.29
N ALA A 5 20.95 -20.30 18.58
CA ALA A 5 21.09 -19.25 17.60
C ALA A 5 21.90 -18.10 18.20
N MET A 6 23.19 -18.13 17.93
CA MET A 6 24.09 -17.10 18.43
C MET A 6 24.15 -15.91 17.48
N LEU A 7 23.00 -15.58 16.92
CA LEU A 7 22.91 -14.46 15.98
C LEU A 7 22.72 -13.16 16.77
N LEU A 8 21.65 -13.13 17.56
CA LEU A 8 21.34 -11.96 18.35
C LEU A 8 20.93 -10.82 17.43
N ARG A 9 19.78 -10.97 16.81
CA ARG A 9 19.26 -9.96 15.91
C ARG A 9 17.75 -10.10 15.74
N SER A 10 17.32 -11.34 15.57
CA SER A 10 15.90 -11.63 15.41
C SER A 10 15.31 -10.75 14.30
N CYS A 11 16.05 -10.66 13.21
CA CYS A 11 15.61 -9.86 12.07
C CYS A 11 15.15 -8.49 12.60
N PRO A 12 16.12 -7.55 12.66
CA PRO A 12 15.83 -6.20 13.14
C PRO A 12 15.06 -5.41 12.09
N VAL A 13 13.75 -5.62 12.07
CA VAL A 13 12.89 -4.93 11.12
C VAL A 13 12.39 -3.62 11.75
N LEU A 14 12.22 -3.67 13.07
CA LEU A 14 11.75 -2.51 13.79
C LEU A 14 10.28 -2.26 13.45
N SER A 15 9.48 -3.31 13.58
CA SER A 15 8.06 -3.22 13.28
C SER A 15 7.84 -2.39 12.02
N GLN A 16 8.17 -2.99 10.89
CA GLN A 16 8.02 -2.31 9.60
C GLN A 16 9.00 -1.14 9.50
N GLY A 17 10.23 -1.48 9.16
CA GLY A 17 11.27 -0.47 9.02
C GLY A 17 11.34 0.06 7.59
N PRO A 18 11.76 -0.85 6.66
CA PRO A 18 11.88 -0.49 5.26
C PRO A 18 10.50 -0.41 4.60
N THR A 19 10.19 0.77 4.08
CA THR A 19 8.92 0.99 3.43
C THR A 19 7.81 1.22 4.46
N GLY A 20 7.72 0.27 5.38
CA GLY A 20 6.71 0.36 6.44
C GLY A 20 5.34 0.76 5.86
N LEU A 21 4.80 -0.14 5.05
CA LEU A 21 3.51 0.10 4.43
C LEU A 21 3.45 1.55 3.94
N LEU A 22 4.16 1.81 2.85
CA LEU A 22 4.19 3.14 2.28
C LEU A 22 3.60 3.10 0.87
N GLY A 23 4.23 2.29 0.03
CA GLY A 23 3.78 2.15 -1.34
C GLY A 23 2.35 1.61 -1.40
N LYS A 24 2.04 0.76 -0.43
CA LYS A 24 0.71 0.16 -0.36
C LYS A 24 -0.31 1.24 0.01
N VAL A 25 0.20 2.36 0.48
CA VAL A 25 -0.66 3.47 0.86
C VAL A 25 -0.52 4.60 -0.16
N ALA A 26 0.48 4.45 -1.03
CA ALA A 26 0.73 5.45 -2.05
C ALA A 26 0.83 4.75 -3.42
N LYS A 27 -0.12 3.87 -3.67
CA LYS A 27 -0.15 3.14 -4.93
C LYS A 27 -1.48 2.38 -5.04
N THR A 28 -1.89 1.80 -3.92
CA THR A 28 -3.13 1.05 -3.89
C THR A 28 -4.32 1.98 -4.15
N TYR A 29 -4.23 3.18 -3.60
CA TYR A 29 -5.29 4.16 -3.77
C TYR A 29 -5.40 4.60 -5.22
N GLN A 30 -4.26 4.60 -5.90
CA GLN A 30 -4.22 4.99 -7.30
C GLN A 30 -4.44 3.78 -8.21
N PHE A 31 -5.06 2.76 -7.63
CA PHE A 31 -5.33 1.53 -8.36
C PHE A 31 -6.84 1.22 -8.36
N LEU A 32 -7.45 1.45 -7.21
CA LEU A 32 -8.87 1.20 -7.06
C LEU A 32 -9.65 2.47 -7.42
N PHE A 33 -8.97 3.38 -8.09
CA PHE A 33 -9.57 4.63 -8.49
C PHE A 33 -9.69 4.72 -10.01
N SER A 34 -8.58 4.46 -10.67
CA SER A 34 -8.55 4.50 -12.13
C SER A 34 -9.11 3.19 -12.71
N ILE A 35 -10.37 2.94 -12.40
CA ILE A 35 -11.04 1.74 -12.89
C ILE A 35 -12.55 1.92 -12.78
N GLY A 36 -13.15 2.31 -13.90
CA GLY A 36 -14.58 2.51 -13.95
C GLY A 36 -14.92 4.01 -14.02
N ARG A 37 -14.84 4.65 -12.87
CA ARG A 37 -15.12 6.07 -12.78
C ARG A 37 -15.29 6.50 -11.32
N CYS A 38 -15.77 5.55 -10.52
CA CYS A 38 -15.99 5.80 -9.10
C CYS A 38 -17.09 6.85 -8.97
N PRO A 39 -17.84 6.75 -7.84
CA PRO A 39 -18.93 7.68 -7.58
C PRO A 39 -18.40 9.04 -7.15
N ILE A 40 -19.05 10.08 -7.64
CA ILE A 40 -18.66 11.44 -7.31
C ILE A 40 -19.65 12.43 -7.92
N LEU A 41 -20.06 12.11 -9.14
CA LEU A 41 -21.01 12.95 -9.85
C LEU A 41 -22.42 12.72 -9.28
N ALA A 42 -22.89 11.50 -9.44
CA ALA A 42 -24.20 11.12 -8.95
C ALA A 42 -25.27 11.90 -9.73
N THR A 43 -25.67 11.33 -10.85
CA THR A 43 -26.67 11.97 -11.69
C THR A 43 -28.04 11.93 -11.01
N GLN A 44 -28.37 10.76 -10.49
CA GLN A 44 -29.64 10.57 -9.81
C GLN A 44 -29.41 10.29 -8.32
N GLY A 45 -28.68 9.22 -8.05
CA GLY A 45 -28.37 8.84 -6.68
C GLY A 45 -29.65 8.53 -5.91
N PRO A 46 -29.98 7.21 -5.83
CA PRO A 46 -31.17 6.77 -5.13
C PRO A 46 -30.97 6.85 -3.61
N THR A 47 -31.79 7.67 -2.97
CA THR A 47 -31.71 7.84 -1.54
C THR A 47 -32.33 6.64 -0.82
N CYS A 48 -31.47 5.85 -0.21
CA CYS A 48 -31.92 4.66 0.51
C CYS A 48 -32.52 3.69 -0.50
N SER A 49 -32.38 2.40 -0.19
CA SER A 49 -32.90 1.36 -1.06
C SER A 49 -33.16 0.09 -0.25
N MET A 1 11.28 -4.95 52.58
CA MET A 1 12.24 -5.67 51.78
C MET A 1 11.93 -5.53 50.29
N VAL A 2 12.85 -6.01 49.47
CA VAL A 2 12.69 -5.95 48.03
C VAL A 2 12.91 -7.34 47.43
N ALA A 3 13.27 -7.34 46.16
CA ALA A 3 13.52 -8.60 45.45
C ALA A 3 14.40 -8.32 44.23
N ALA A 4 14.09 -9.04 43.15
CA ALA A 4 14.84 -8.89 41.92
C ALA A 4 13.91 -9.16 40.73
N ALA A 5 13.17 -8.14 40.36
CA ALA A 5 12.24 -8.25 39.24
C ALA A 5 12.01 -6.86 38.64
N MET A 6 11.48 -5.97 39.47
CA MET A 6 11.20 -4.61 39.02
C MET A 6 10.48 -4.61 37.68
N LEU A 7 9.31 -5.24 37.66
CA LEU A 7 8.53 -5.33 36.45
C LEU A 7 9.28 -6.15 35.40
N LEU A 8 9.07 -7.45 35.46
CA LEU A 8 9.72 -8.36 34.52
C LEU A 8 8.86 -9.61 34.35
N ARG A 9 7.61 -9.38 33.97
CA ARG A 9 6.69 -10.49 33.77
C ARG A 9 5.37 -9.97 33.20
N SER A 10 5.48 -8.99 32.31
CA SER A 10 4.32 -8.40 31.68
C SER A 10 4.73 -7.55 30.48
N CYS A 11 5.57 -8.14 29.64
CA CYS A 11 6.05 -7.45 28.45
C CYS A 11 4.88 -7.25 27.50
N PRO A 12 4.95 -6.15 26.71
CA PRO A 12 3.91 -5.84 25.76
C PRO A 12 3.97 -6.76 24.54
N VAL A 13 5.05 -6.63 23.79
CA VAL A 13 5.25 -7.44 22.60
C VAL A 13 4.10 -7.17 21.61
N LEU A 14 3.64 -5.93 21.61
CA LEU A 14 2.57 -5.54 20.72
C LEU A 14 3.15 -5.02 19.41
N SER A 15 4.42 -5.34 19.19
CA SER A 15 5.10 -4.91 17.99
C SER A 15 4.66 -5.79 16.81
N GLN A 16 3.36 -5.79 16.57
CA GLN A 16 2.80 -6.57 15.48
C GLN A 16 1.43 -6.02 15.09
N GLY A 17 1.25 -4.73 15.35
CA GLY A 17 -0.02 -4.07 15.03
C GLY A 17 0.06 -3.37 13.67
N PRO A 18 0.83 -2.25 13.64
CA PRO A 18 1.00 -1.49 12.42
C PRO A 18 1.94 -2.20 11.45
N THR A 19 2.32 -1.48 10.41
CA THR A 19 3.22 -2.03 9.40
C THR A 19 4.26 -0.98 9.00
N GLY A 20 3.77 0.16 8.55
CA GLY A 20 4.64 1.25 8.13
C GLY A 20 5.10 1.05 6.69
N LEU A 21 4.30 1.57 5.78
CA LEU A 21 4.61 1.45 4.36
C LEU A 21 4.24 2.75 3.65
N LEU A 22 2.94 2.98 3.53
CA LEU A 22 2.44 4.17 2.88
C LEU A 22 2.52 4.01 1.37
N GLY A 23 3.74 3.78 0.89
CA GLY A 23 3.98 3.60 -0.52
C GLY A 23 3.25 2.36 -1.05
N LYS A 24 3.10 1.38 -0.16
CA LYS A 24 2.43 0.14 -0.52
C LYS A 24 0.92 0.40 -0.62
N VAL A 25 0.48 1.43 0.09
CA VAL A 25 -0.93 1.80 0.08
C VAL A 25 -1.18 2.84 -1.02
N ALA A 26 -0.10 3.42 -1.49
CA ALA A 26 -0.19 4.43 -2.55
C ALA A 26 -0.58 3.75 -3.85
N LYS A 27 0.25 2.79 -4.26
CA LYS A 27 0.01 2.06 -5.49
C LYS A 27 -1.43 1.52 -5.49
N THR A 28 -1.93 1.26 -4.28
CA THR A 28 -3.27 0.74 -4.12
C THR A 28 -4.31 1.80 -4.51
N TYR A 29 -4.10 3.00 -3.98
CA TYR A 29 -5.00 4.11 -4.26
C TYR A 29 -4.96 4.48 -5.74
N GLN A 30 -3.75 4.47 -6.30
CA GLN A 30 -3.57 4.80 -7.70
C GLN A 30 -4.41 3.89 -8.57
N PHE A 31 -4.85 2.78 -7.99
CA PHE A 31 -5.66 1.82 -8.71
C PHE A 31 -7.10 1.83 -8.19
N LEU A 32 -7.23 1.98 -6.87
CA LEU A 32 -8.53 2.01 -6.25
C LEU A 32 -9.33 3.19 -6.80
N PHE A 33 -8.70 4.35 -6.79
CA PHE A 33 -9.34 5.56 -7.28
C PHE A 33 -10.19 5.26 -8.52
N SER A 34 -9.58 4.55 -9.46
CA SER A 34 -10.28 4.20 -10.69
C SER A 34 -9.90 2.78 -11.11
N ILE A 35 -10.59 1.82 -10.51
CA ILE A 35 -10.34 0.41 -10.80
C ILE A 35 -10.70 0.14 -12.27
N GLY A 36 -11.92 -0.33 -12.46
CA GLY A 36 -12.40 -0.65 -13.81
C GLY A 36 -13.82 -0.12 -14.01
N ARG A 37 -14.15 0.10 -15.27
CA ARG A 37 -15.47 0.59 -15.62
C ARG A 37 -16.27 -0.49 -16.37
N CYS A 38 -15.52 -1.35 -17.05
CA CYS A 38 -16.15 -2.42 -17.80
C CYS A 38 -16.94 -1.81 -18.96
N PRO A 39 -17.06 -2.58 -20.07
CA PRO A 39 -17.79 -2.12 -21.23
C PRO A 39 -19.29 -2.19 -21.00
N ILE A 40 -19.81 -3.41 -20.97
CA ILE A 40 -21.23 -3.63 -20.76
C ILE A 40 -22.00 -3.15 -21.99
N LEU A 41 -21.87 -1.86 -22.27
CA LEU A 41 -22.55 -1.27 -23.40
C LEU A 41 -21.54 -0.50 -24.25
N ALA A 42 -20.43 -1.16 -24.54
CA ALA A 42 -19.38 -0.55 -25.34
C ALA A 42 -19.50 -1.02 -26.79
N THR A 43 -19.35 -2.32 -26.97
CA THR A 43 -19.43 -2.92 -28.29
C THR A 43 -19.97 -4.35 -28.19
N GLN A 44 -21.22 -4.46 -27.77
CA GLN A 44 -21.86 -5.75 -27.63
C GLN A 44 -23.33 -5.58 -27.22
N GLY A 45 -23.52 -4.89 -26.11
CA GLY A 45 -24.86 -4.65 -25.59
C GLY A 45 -25.81 -4.28 -26.74
N PRO A 46 -25.56 -3.08 -27.33
CA PRO A 46 -26.39 -2.60 -28.43
C PRO A 46 -26.08 -3.37 -29.72
N THR A 47 -27.13 -3.60 -30.49
CA THR A 47 -27.00 -4.31 -31.75
C THR A 47 -26.01 -3.59 -32.68
N CYS A 48 -25.55 -4.31 -33.68
CA CYS A 48 -24.60 -3.75 -34.63
C CYS A 48 -25.36 -2.81 -35.57
N SER A 49 -24.66 -1.78 -36.02
CA SER A 49 -25.26 -0.81 -36.93
C SER A 49 -24.27 -0.47 -38.04
N MET A 1 42.41 -11.26 13.39
CA MET A 1 42.19 -10.16 14.32
C MET A 1 40.76 -10.19 14.86
N VAL A 2 39.96 -11.06 14.28
CA VAL A 2 38.56 -11.20 14.70
C VAL A 2 38.49 -12.09 15.94
N ALA A 3 37.43 -11.90 16.71
CA ALA A 3 37.23 -12.67 17.92
C ALA A 3 35.77 -12.54 18.37
N ALA A 4 35.00 -13.56 18.05
CA ALA A 4 33.59 -13.58 18.41
C ALA A 4 33.33 -14.71 19.41
N ALA A 5 33.64 -15.92 18.98
CA ALA A 5 33.44 -17.09 19.81
C ALA A 5 31.96 -17.24 20.15
N MET A 6 31.17 -17.44 19.11
CA MET A 6 29.73 -17.60 19.27
C MET A 6 29.05 -17.82 17.92
N LEU A 7 29.57 -17.14 16.91
CA LEU A 7 29.02 -17.25 15.56
C LEU A 7 27.49 -17.22 15.65
N LEU A 8 26.98 -16.15 16.22
CA LEU A 8 25.54 -15.99 16.36
C LEU A 8 25.25 -14.68 17.11
N ARG A 9 24.80 -13.69 16.35
CA ARG A 9 24.49 -12.40 16.94
C ARG A 9 23.35 -11.73 16.16
N SER A 10 23.51 -11.73 14.84
CA SER A 10 22.52 -11.13 13.97
C SER A 10 22.03 -9.81 14.55
N CYS A 11 22.97 -9.10 15.17
CA CYS A 11 22.65 -7.82 15.79
C CYS A 11 22.35 -6.81 14.67
N PRO A 12 21.47 -5.83 15.01
CA PRO A 12 21.09 -4.81 14.05
C PRO A 12 22.21 -3.79 13.84
N VAL A 13 22.07 -2.99 12.80
CA VAL A 13 23.06 -1.97 12.50
C VAL A 13 22.35 -0.72 11.96
N LEU A 14 21.48 -0.95 11.00
CA LEU A 14 20.73 0.15 10.39
C LEU A 14 19.41 0.33 11.13
N SER A 15 19.07 -0.67 11.92
CA SER A 15 17.84 -0.64 12.69
C SER A 15 16.66 -1.11 11.84
N GLN A 16 16.58 -0.56 10.63
CA GLN A 16 15.52 -0.91 9.71
C GLN A 16 14.20 -0.27 10.13
N GLY A 17 14.13 1.04 9.94
CA GLY A 17 12.94 1.78 10.30
C GLY A 17 12.09 2.09 9.06
N PRO A 18 12.59 3.05 8.24
CA PRO A 18 11.89 3.44 7.03
C PRO A 18 12.04 2.37 5.94
N THR A 19 11.57 1.17 6.26
CA THR A 19 11.65 0.06 5.32
C THR A 19 10.75 0.33 4.11
N GLY A 20 9.46 0.43 4.38
CA GLY A 20 8.49 0.67 3.34
C GLY A 20 7.06 0.47 3.85
N LEU A 21 6.42 1.58 4.20
CA LEU A 21 5.06 1.53 4.71
C LEU A 21 4.34 2.82 4.32
N LEU A 22 4.07 2.95 3.03
CA LEU A 22 3.38 4.13 2.51
C LEU A 22 3.00 3.88 1.05
N GLY A 23 4.01 3.59 0.25
CA GLY A 23 3.79 3.35 -1.16
C GLY A 23 2.83 2.18 -1.37
N LYS A 24 2.68 1.39 -0.33
CA LYS A 24 1.79 0.23 -0.38
C LYS A 24 0.34 0.71 -0.37
N VAL A 25 0.09 1.73 0.44
CA VAL A 25 -1.24 2.30 0.56
C VAL A 25 -1.49 3.25 -0.61
N ALA A 26 -0.40 3.68 -1.22
CA ALA A 26 -0.48 4.60 -2.34
C ALA A 26 -0.84 3.82 -3.61
N LYS A 27 0.05 2.91 -3.98
CA LYS A 27 -0.17 2.09 -5.16
C LYS A 27 -1.63 1.65 -5.21
N THR A 28 -2.05 0.99 -4.14
CA THR A 28 -3.43 0.51 -4.05
C THR A 28 -4.40 1.59 -4.51
N TYR A 29 -4.33 2.74 -3.84
CA TYR A 29 -5.20 3.85 -4.17
C TYR A 29 -4.96 4.32 -5.61
N GLN A 30 -3.70 4.39 -5.97
CA GLN A 30 -3.33 4.83 -7.31
C GLN A 30 -4.11 4.04 -8.35
N PHE A 31 -4.59 2.88 -7.94
CA PHE A 31 -5.37 2.02 -8.84
C PHE A 31 -6.83 1.99 -8.42
N LEU A 32 -7.04 1.86 -7.12
CA LEU A 32 -8.40 1.81 -6.58
C LEU A 32 -9.16 3.05 -7.03
N PHE A 33 -8.46 4.17 -7.04
CA PHE A 33 -9.05 5.44 -7.45
C PHE A 33 -9.90 5.27 -8.70
N SER A 34 -9.35 4.53 -9.66
CA SER A 34 -10.05 4.28 -10.90
C SER A 34 -9.85 2.83 -11.34
N ILE A 35 -10.72 1.96 -10.86
CA ILE A 35 -10.65 0.55 -11.19
C ILE A 35 -11.31 0.31 -12.55
N GLY A 36 -12.56 -0.10 -12.49
CA GLY A 36 -13.33 -0.37 -13.71
C GLY A 36 -13.04 0.69 -14.78
N ARG A 37 -13.50 1.90 -14.50
CA ARG A 37 -13.31 3.01 -15.42
C ARG A 37 -13.70 2.60 -16.84
N CYS A 38 -15.00 2.72 -17.11
CA CYS A 38 -15.52 2.37 -18.43
C CYS A 38 -15.32 0.86 -18.63
N PRO A 39 -16.24 0.27 -19.43
CA PRO A 39 -16.18 -1.16 -19.71
C PRO A 39 -15.06 -1.47 -20.71
N ILE A 40 -13.92 -1.87 -20.16
CA ILE A 40 -12.77 -2.19 -20.98
C ILE A 40 -13.10 -3.41 -21.87
N LEU A 41 -13.83 -4.33 -21.27
CA LEU A 41 -14.22 -5.54 -21.98
C LEU A 41 -14.88 -5.16 -23.30
N ALA A 42 -16.01 -4.46 -23.19
CA ALA A 42 -16.75 -4.03 -24.36
C ALA A 42 -17.95 -3.20 -23.93
N THR A 43 -18.84 -3.85 -23.21
CA THR A 43 -20.05 -3.19 -22.72
C THR A 43 -20.56 -3.87 -21.45
N GLN A 44 -20.86 -5.15 -21.59
CA GLN A 44 -21.35 -5.93 -20.47
C GLN A 44 -21.54 -7.39 -20.87
N GLY A 45 -20.42 -8.04 -21.17
CA GLY A 45 -20.45 -9.44 -21.57
C GLY A 45 -20.85 -10.34 -20.40
N PRO A 46 -20.31 -11.58 -20.43
CA PRO A 46 -20.61 -12.55 -19.38
C PRO A 46 -19.86 -12.20 -18.09
N THR A 47 -20.16 -11.03 -17.56
CA THR A 47 -19.53 -10.57 -16.34
C THR A 47 -20.21 -9.29 -15.83
N CYS A 48 -20.64 -9.33 -14.58
CA CYS A 48 -21.30 -8.19 -13.97
C CYS A 48 -20.37 -7.63 -12.89
N SER A 49 -19.15 -7.34 -13.30
CA SER A 49 -18.17 -6.80 -12.37
C SER A 49 -18.16 -5.27 -12.45
N MET A 1 30.45 -21.11 30.59
CA MET A 1 30.26 -22.55 30.71
C MET A 1 28.92 -22.98 30.11
N VAL A 2 28.74 -22.65 28.85
CA VAL A 2 27.52 -22.99 28.15
C VAL A 2 27.72 -22.80 26.65
N ALA A 3 26.92 -23.54 25.88
CA ALA A 3 27.00 -23.46 24.43
C ALA A 3 25.69 -23.97 23.83
N ALA A 4 24.65 -23.16 23.96
CA ALA A 4 23.34 -23.52 23.44
C ALA A 4 22.37 -22.36 23.68
N ALA A 5 22.53 -21.32 22.88
CA ALA A 5 21.66 -20.15 23.00
C ALA A 5 22.00 -19.16 21.89
N MET A 6 23.24 -18.69 21.90
CA MET A 6 23.69 -17.74 20.90
C MET A 6 22.81 -16.48 20.89
N LEU A 7 23.03 -15.64 21.89
CA LEU A 7 22.27 -14.41 22.01
C LEU A 7 23.04 -13.43 22.90
N LEU A 8 24.00 -12.75 22.27
CA LEU A 8 24.81 -11.77 22.99
C LEU A 8 25.58 -10.92 21.99
N ARG A 9 25.02 -9.75 21.70
CA ARG A 9 25.65 -8.83 20.76
C ARG A 9 25.12 -7.41 20.97
N SER A 10 23.80 -7.33 21.12
CA SER A 10 23.15 -6.05 21.32
C SER A 10 23.39 -5.14 20.11
N CYS A 11 23.11 -5.68 18.94
CA CYS A 11 23.28 -4.94 17.71
C CYS A 11 22.09 -5.24 16.79
N PRO A 12 21.77 -4.23 15.93
CA PRO A 12 20.66 -4.37 15.00
C PRO A 12 21.03 -5.29 13.84
N VAL A 13 20.03 -5.63 13.05
CA VAL A 13 20.24 -6.49 11.90
C VAL A 13 19.33 -6.05 10.75
N LEU A 14 18.06 -5.86 11.09
CA LEU A 14 17.08 -5.44 10.10
C LEU A 14 16.84 -6.57 9.10
N SER A 15 16.52 -7.73 9.64
CA SER A 15 16.28 -8.90 8.80
C SER A 15 14.87 -8.83 8.22
N GLN A 16 14.62 -7.75 7.49
CA GLN A 16 13.31 -7.55 6.87
C GLN A 16 12.25 -7.31 7.95
N GLY A 17 12.41 -6.21 8.66
CA GLY A 17 11.48 -5.87 9.72
C GLY A 17 10.46 -4.84 9.22
N PRO A 18 10.95 -3.59 9.00
CA PRO A 18 10.09 -2.52 8.53
C PRO A 18 9.77 -2.68 7.04
N THR A 19 8.86 -1.85 6.57
CA THR A 19 8.45 -1.90 5.18
C THR A 19 8.30 -0.48 4.62
N GLY A 20 7.62 0.35 5.38
CA GLY A 20 7.40 1.73 4.99
C GLY A 20 5.98 2.19 5.33
N LEU A 21 5.01 1.47 4.79
CA LEU A 21 3.62 1.79 5.05
C LEU A 21 3.26 3.11 4.35
N LEU A 22 3.37 3.09 3.02
CA LEU A 22 3.07 4.26 2.24
C LEU A 22 2.83 3.86 0.78
N GLY A 23 3.87 3.27 0.18
CA GLY A 23 3.78 2.83 -1.20
C GLY A 23 2.67 1.80 -1.37
N LYS A 24 2.54 0.93 -0.37
CA LYS A 24 1.53 -0.10 -0.40
C LYS A 24 0.14 0.53 -0.26
N VAL A 25 0.14 1.79 0.18
CA VAL A 25 -1.10 2.51 0.38
C VAL A 25 -1.32 3.45 -0.82
N ALA A 26 -0.21 3.96 -1.34
CA ALA A 26 -0.27 4.87 -2.47
C ALA A 26 -0.67 4.08 -3.72
N LYS A 27 0.15 3.11 -4.06
CA LYS A 27 -0.11 2.29 -5.23
C LYS A 27 -1.56 1.81 -5.20
N THR A 28 -1.92 1.21 -4.08
CA THR A 28 -3.27 0.69 -3.91
C THR A 28 -4.30 1.74 -4.38
N TYR A 29 -4.25 2.89 -3.73
CA TYR A 29 -5.15 3.97 -4.08
C TYR A 29 -4.96 4.42 -5.52
N GLN A 30 -3.70 4.53 -5.91
CA GLN A 30 -3.36 4.95 -7.26
C GLN A 30 -4.11 4.10 -8.28
N PHE A 31 -4.53 2.92 -7.83
CA PHE A 31 -5.26 2.01 -8.70
C PHE A 31 -6.72 1.92 -8.28
N LEU A 32 -6.93 1.77 -6.97
CA LEU A 32 -8.28 1.67 -6.44
C LEU A 32 -9.10 2.87 -6.91
N PHE A 33 -8.45 4.01 -6.99
CA PHE A 33 -9.10 5.22 -7.44
C PHE A 33 -10.00 4.96 -8.64
N SER A 34 -9.40 4.43 -9.69
CA SER A 34 -10.13 4.13 -10.90
C SER A 34 -9.63 2.80 -11.50
N ILE A 35 -10.17 1.72 -10.96
CA ILE A 35 -9.79 0.39 -11.42
C ILE A 35 -10.15 0.25 -12.90
N GLY A 36 -11.33 -0.32 -13.14
CA GLY A 36 -11.81 -0.52 -14.49
C GLY A 36 -12.66 -1.79 -14.60
N ARG A 37 -13.91 -1.60 -14.97
CA ARG A 37 -14.83 -2.70 -15.10
C ARG A 37 -16.00 -2.33 -16.03
N CYS A 38 -15.70 -2.28 -17.31
CA CYS A 38 -16.70 -1.93 -18.31
C CYS A 38 -17.47 -3.20 -18.69
N PRO A 39 -18.76 -3.01 -19.07
CA PRO A 39 -19.60 -4.13 -19.45
C PRO A 39 -19.23 -4.63 -20.84
N ILE A 40 -18.27 -5.54 -20.87
CA ILE A 40 -17.81 -6.12 -22.13
C ILE A 40 -18.71 -7.31 -22.49
N LEU A 41 -19.78 -7.45 -21.72
CA LEU A 41 -20.73 -8.54 -21.96
C LEU A 41 -20.06 -9.87 -21.60
N ALA A 42 -19.48 -9.91 -20.40
CA ALA A 42 -18.81 -11.11 -19.93
C ALA A 42 -18.73 -11.07 -18.41
N THR A 43 -18.06 -10.05 -17.91
CA THR A 43 -17.90 -9.88 -16.47
C THR A 43 -19.24 -9.60 -15.81
N GLN A 44 -20.00 -8.70 -16.43
CA GLN A 44 -21.30 -8.33 -15.91
C GLN A 44 -22.41 -8.95 -16.77
N GLY A 45 -22.36 -8.62 -18.06
CA GLY A 45 -23.35 -9.13 -18.99
C GLY A 45 -23.69 -10.59 -18.68
N PRO A 46 -24.90 -11.01 -19.14
CA PRO A 46 -25.36 -12.38 -18.92
C PRO A 46 -24.62 -13.35 -19.85
N THR A 47 -23.81 -14.20 -19.23
CA THR A 47 -23.06 -15.18 -19.96
C THR A 47 -22.68 -16.37 -19.07
N CYS A 48 -21.93 -16.05 -18.02
CA CYS A 48 -21.50 -17.07 -17.07
C CYS A 48 -20.80 -18.18 -17.86
N SER A 49 -19.55 -17.91 -18.21
CA SER A 49 -18.75 -18.86 -18.97
C SER A 49 -19.59 -19.49 -20.07
N MET A 1 10.44 10.71 33.06
CA MET A 1 11.49 10.28 32.16
C MET A 1 11.05 9.09 31.31
N VAL A 2 10.42 9.41 30.19
CA VAL A 2 9.93 8.37 29.29
C VAL A 2 11.10 7.78 28.51
N ALA A 3 10.99 6.49 28.22
CA ALA A 3 12.04 5.80 27.48
C ALA A 3 11.94 6.16 25.99
N ALA A 4 12.11 5.15 25.16
CA ALA A 4 12.04 5.35 23.72
C ALA A 4 10.97 4.43 23.13
N ALA A 5 11.19 3.13 23.29
CA ALA A 5 10.26 2.14 22.79
C ALA A 5 10.70 0.76 23.25
N MET A 6 11.92 0.40 22.88
CA MET A 6 12.47 -0.89 23.24
C MET A 6 12.55 -1.05 24.77
N LEU A 7 13.14 -0.05 25.40
CA LEU A 7 13.29 -0.06 26.84
C LEU A 7 14.59 -0.77 27.22
N LEU A 8 14.80 -1.92 26.58
CA LEU A 8 16.00 -2.70 26.83
C LEU A 8 16.25 -3.62 25.64
N ARG A 9 15.96 -4.90 25.84
CA ARG A 9 16.14 -5.89 24.80
C ARG A 9 15.16 -7.05 24.97
N SER A 10 13.97 -6.70 25.45
CA SER A 10 12.94 -7.69 25.66
C SER A 10 11.57 -7.02 25.76
N CYS A 11 11.40 -5.99 24.95
CA CYS A 11 10.14 -5.25 24.93
C CYS A 11 9.98 -4.62 23.54
N PRO A 12 9.55 -5.47 22.58
CA PRO A 12 9.35 -5.02 21.20
C PRO A 12 8.06 -4.20 21.09
N VAL A 13 8.12 -3.18 20.23
CA VAL A 13 6.97 -2.32 20.02
C VAL A 13 6.91 -1.90 18.56
N LEU A 14 8.06 -1.42 18.07
CA LEU A 14 8.16 -0.98 16.69
C LEU A 14 7.26 0.23 16.48
N SER A 15 7.30 1.14 17.44
CA SER A 15 6.50 2.35 17.38
C SER A 15 5.03 2.02 17.69
N GLN A 16 4.48 1.11 16.90
CA GLN A 16 3.10 0.71 17.09
C GLN A 16 2.86 -0.67 16.46
N GLY A 17 3.36 -0.83 15.25
CA GLY A 17 3.22 -2.09 14.54
C GLY A 17 3.64 -1.95 13.07
N PRO A 18 2.95 -1.01 12.37
CA PRO A 18 3.23 -0.77 10.97
C PRO A 18 4.54 0.02 10.81
N THR A 19 4.73 0.97 11.71
CA THR A 19 5.91 1.80 11.67
C THR A 19 5.78 2.90 10.61
N GLY A 20 5.47 2.46 9.40
CA GLY A 20 5.30 3.39 8.29
C GLY A 20 4.05 3.06 7.48
N LEU A 21 4.25 2.23 6.46
CA LEU A 21 3.14 1.83 5.61
C LEU A 21 2.69 3.03 4.77
N LEU A 22 3.63 3.56 4.00
CA LEU A 22 3.34 4.70 3.15
C LEU A 22 4.02 4.50 1.79
N GLY A 23 3.40 3.65 0.98
CA GLY A 23 3.92 3.35 -0.34
C GLY A 23 3.12 2.24 -1.02
N LYS A 24 2.97 1.15 -0.28
CA LYS A 24 2.23 0.00 -0.79
C LYS A 24 0.74 0.33 -0.80
N VAL A 25 0.38 1.33 -0.02
CA VAL A 25 -1.02 1.76 0.07
C VAL A 25 -1.27 2.84 -0.98
N ALA A 26 -0.19 3.41 -1.48
CA ALA A 26 -0.29 4.46 -2.48
C ALA A 26 -0.73 3.86 -3.80
N LYS A 27 0.04 2.88 -4.27
CA LYS A 27 -0.27 2.21 -5.51
C LYS A 27 -1.72 1.74 -5.49
N THR A 28 -2.04 0.96 -4.46
CA THR A 28 -3.39 0.43 -4.31
C THR A 28 -4.42 1.50 -4.66
N TYR A 29 -4.38 2.59 -3.91
CA TYR A 29 -5.30 3.69 -4.12
C TYR A 29 -5.20 4.23 -5.55
N GLN A 30 -3.96 4.40 -5.99
CA GLN A 30 -3.71 4.90 -7.33
C GLN A 30 -4.42 4.02 -8.37
N PHE A 31 -4.78 2.81 -7.94
CA PHE A 31 -5.46 1.87 -8.81
C PHE A 31 -6.92 1.72 -8.39
N LEU A 32 -7.20 2.09 -7.16
CA LEU A 32 -8.55 1.98 -6.63
C LEU A 32 -9.19 3.38 -6.61
N PHE A 33 -8.62 4.27 -7.41
CA PHE A 33 -9.12 5.63 -7.50
C PHE A 33 -10.18 5.76 -8.59
N SER A 34 -9.94 5.07 -9.69
CA SER A 34 -10.86 5.09 -10.81
C SER A 34 -10.93 3.71 -11.47
N ILE A 35 -11.83 2.90 -10.96
CA ILE A 35 -12.01 1.55 -11.49
C ILE A 35 -13.34 1.47 -12.25
N GLY A 36 -14.29 2.27 -11.80
CA GLY A 36 -15.59 2.30 -12.42
C GLY A 36 -16.64 2.93 -11.50
N ARG A 37 -16.83 4.23 -11.66
CA ARG A 37 -17.79 4.95 -10.84
C ARG A 37 -18.31 6.17 -11.60
N CYS A 38 -19.07 5.90 -12.65
CA CYS A 38 -19.64 6.95 -13.46
C CYS A 38 -18.50 7.74 -14.11
N PRO A 39 -18.79 8.30 -15.32
CA PRO A 39 -17.79 9.07 -16.04
C PRO A 39 -17.59 10.45 -15.41
N ILE A 40 -16.48 10.58 -14.70
CA ILE A 40 -16.16 11.84 -14.04
C ILE A 40 -15.74 12.87 -15.10
N LEU A 41 -14.98 12.38 -16.07
CA LEU A 41 -14.50 13.25 -17.14
C LEU A 41 -15.68 13.96 -17.79
N ALA A 42 -16.49 13.18 -18.49
CA ALA A 42 -17.65 13.71 -19.17
C ALA A 42 -18.36 12.59 -19.92
N THR A 43 -17.69 12.06 -20.93
CA THR A 43 -18.24 10.98 -21.72
C THR A 43 -17.21 10.50 -22.75
N GLN A 44 -16.68 11.45 -23.50
CA GLN A 44 -15.69 11.13 -24.52
C GLN A 44 -15.19 12.41 -25.19
N GLY A 45 -14.25 13.07 -24.53
CA GLY A 45 -13.68 14.30 -25.04
C GLY A 45 -12.19 14.39 -24.74
N PRO A 46 -11.88 14.63 -23.44
CA PRO A 46 -10.50 14.75 -23.00
C PRO A 46 -9.84 13.38 -22.93
N THR A 47 -8.57 13.38 -22.49
CA THR A 47 -7.82 12.15 -22.38
C THR A 47 -7.64 11.50 -23.75
N CYS A 48 -8.67 10.78 -24.17
CA CYS A 48 -8.64 10.11 -25.46
C CYS A 48 -8.91 11.14 -26.55
N SER A 49 -8.21 10.99 -27.67
CA SER A 49 -8.37 11.90 -28.78
C SER A 49 -8.01 11.19 -30.09
N MET A 1 35.54 14.91 7.18
CA MET A 1 35.64 13.75 8.04
C MET A 1 34.83 13.94 9.32
N VAL A 2 34.56 12.82 9.98
CA VAL A 2 33.80 12.85 11.22
C VAL A 2 32.58 13.75 11.04
N ALA A 3 32.06 13.77 9.82
CA ALA A 3 30.91 14.58 9.50
C ALA A 3 31.06 15.96 10.14
N ALA A 4 31.72 16.85 9.41
CA ALA A 4 31.94 18.19 9.90
C ALA A 4 31.18 19.19 9.01
N ALA A 5 29.87 19.03 8.99
CA ALA A 5 29.02 19.90 8.19
C ALA A 5 27.55 19.51 8.40
N MET A 6 27.11 19.64 9.64
CA MET A 6 25.74 19.31 9.98
C MET A 6 25.47 19.57 11.47
N LEU A 7 25.26 20.84 11.78
CA LEU A 7 24.99 21.22 13.16
C LEU A 7 23.48 21.19 13.40
N LEU A 8 22.77 22.05 12.69
CA LEU A 8 21.33 22.13 12.81
C LEU A 8 20.73 22.68 11.51
N ARG A 9 20.88 21.89 10.45
CA ARG A 9 20.36 22.29 9.15
C ARG A 9 20.27 21.06 8.23
N SER A 10 19.45 20.12 8.65
CA SER A 10 19.26 18.91 7.87
C SER A 10 17.77 18.58 7.75
N CYS A 11 17.09 18.67 8.89
CA CYS A 11 15.65 18.40 8.93
C CYS A 11 15.43 16.94 8.52
N PRO A 12 14.38 16.34 9.11
CA PRO A 12 14.05 14.95 8.82
C PRO A 12 13.39 14.82 7.45
N VAL A 13 12.89 13.63 7.18
CA VAL A 13 12.23 13.36 5.91
C VAL A 13 11.13 12.32 6.12
N LEU A 14 11.51 11.20 6.71
CA LEU A 14 10.56 10.14 6.98
C LEU A 14 9.56 10.60 8.04
N SER A 15 10.10 11.19 9.09
CA SER A 15 9.26 11.68 10.18
C SER A 15 8.81 10.52 11.06
N GLN A 16 8.14 9.57 10.42
CA GLN A 16 7.65 8.40 11.14
C GLN A 16 8.79 7.41 11.38
N GLY A 17 8.88 6.43 10.48
CA GLY A 17 9.92 5.42 10.58
C GLY A 17 9.83 4.42 9.42
N PRO A 18 8.68 3.72 9.35
CA PRO A 18 8.45 2.74 8.30
C PRO A 18 8.15 3.44 6.97
N THR A 19 8.13 2.63 5.92
CA THR A 19 7.84 3.15 4.59
C THR A 19 6.88 2.22 3.84
N GLY A 20 7.20 0.93 3.89
CA GLY A 20 6.38 -0.07 3.23
C GLY A 20 4.89 0.26 3.37
N LEU A 21 4.55 0.81 4.53
CA LEU A 21 3.17 1.18 4.81
C LEU A 21 2.93 2.63 4.36
N LEU A 22 3.33 2.90 3.12
CA LEU A 22 3.17 4.24 2.57
C LEU A 22 3.05 4.13 1.04
N GLY A 23 4.02 3.44 0.46
CA GLY A 23 4.02 3.25 -0.99
C GLY A 23 3.03 2.17 -1.42
N LYS A 24 2.82 1.22 -0.52
CA LYS A 24 1.90 0.13 -0.78
C LYS A 24 0.46 0.65 -0.74
N VAL A 25 0.24 1.60 0.15
CA VAL A 25 -1.07 2.20 0.30
C VAL A 25 -1.29 3.24 -0.79
N ALA A 26 -0.17 3.69 -1.36
CA ALA A 26 -0.24 4.68 -2.41
C ALA A 26 -0.73 4.04 -3.71
N LYS A 27 0.02 3.04 -4.16
CA LYS A 27 -0.33 2.33 -5.38
C LYS A 27 -1.78 1.83 -5.27
N THR A 28 -2.02 1.05 -4.24
CA THR A 28 -3.35 0.49 -4.00
C THR A 28 -4.41 1.56 -4.26
N TYR A 29 -4.31 2.65 -3.51
CA TYR A 29 -5.27 3.74 -3.65
C TYR A 29 -5.20 4.35 -5.05
N GLN A 30 -3.98 4.42 -5.58
CA GLN A 30 -3.77 4.97 -6.90
C GLN A 30 -4.25 3.99 -7.98
N PHE A 31 -4.67 2.82 -7.52
CA PHE A 31 -5.16 1.79 -8.42
C PHE A 31 -6.67 1.62 -8.30
N LEU A 32 -7.17 1.90 -7.10
CA LEU A 32 -8.59 1.78 -6.84
C LEU A 32 -9.24 3.16 -6.92
N PHE A 33 -8.58 4.05 -7.67
CA PHE A 33 -9.08 5.40 -7.84
C PHE A 33 -9.31 5.71 -9.32
N SER A 34 -9.34 4.65 -10.12
CA SER A 34 -9.56 4.81 -11.55
C SER A 34 -9.93 3.46 -12.17
N ILE A 35 -11.07 2.94 -11.75
CA ILE A 35 -11.53 1.66 -12.25
C ILE A 35 -12.70 1.90 -13.22
N GLY A 36 -13.44 2.95 -12.94
CA GLY A 36 -14.59 3.29 -13.77
C GLY A 36 -15.49 2.08 -14.00
N ARG A 37 -16.16 1.69 -12.92
CA ARG A 37 -17.06 0.55 -12.98
C ARG A 37 -16.30 -0.70 -13.42
N CYS A 38 -15.73 -1.39 -12.44
CA CYS A 38 -14.98 -2.60 -12.71
C CYS A 38 -15.75 -3.42 -13.76
N PRO A 39 -15.26 -3.33 -15.03
CA PRO A 39 -15.89 -4.05 -16.12
C PRO A 39 -15.55 -5.55 -16.06
N ILE A 40 -16.34 -6.26 -15.27
CA ILE A 40 -16.14 -7.70 -15.12
C ILE A 40 -16.60 -8.41 -16.39
N LEU A 41 -17.64 -7.86 -17.00
CA LEU A 41 -18.18 -8.44 -18.22
C LEU A 41 -17.05 -8.60 -19.24
N ALA A 42 -16.29 -7.53 -19.42
CA ALA A 42 -15.19 -7.54 -20.37
C ALA A 42 -15.73 -7.77 -21.78
N THR A 43 -16.33 -6.71 -22.33
CA THR A 43 -16.88 -6.78 -23.66
C THR A 43 -17.10 -5.38 -24.22
N GLN A 44 -16.06 -4.57 -24.12
CA GLN A 44 -16.12 -3.20 -24.61
C GLN A 44 -14.71 -2.63 -24.78
N GLY A 45 -14.06 -2.41 -23.65
CA GLY A 45 -12.71 -1.87 -23.66
C GLY A 45 -11.89 -2.44 -24.81
N PRO A 46 -11.82 -1.65 -25.92
CA PRO A 46 -11.07 -2.07 -27.10
C PRO A 46 -9.57 -1.95 -26.87
N THR A 47 -8.97 -3.07 -26.50
CA THR A 47 -7.55 -3.11 -26.24
C THR A 47 -6.92 -4.36 -26.87
N CYS A 48 -5.66 -4.23 -27.26
CA CYS A 48 -4.94 -5.34 -27.88
C CYS A 48 -5.65 -5.70 -29.18
N SER A 49 -4.95 -5.50 -30.28
CA SER A 49 -5.49 -5.80 -31.59
C SER A 49 -6.92 -5.26 -31.69
N MET A 1 29.41 8.94 36.71
CA MET A 1 30.30 9.15 35.60
C MET A 1 30.23 7.99 34.61
N VAL A 2 29.02 7.71 34.14
CA VAL A 2 28.80 6.64 33.20
C VAL A 2 28.52 7.22 31.82
N ALA A 3 28.92 6.48 30.79
CA ALA A 3 28.72 6.91 29.42
C ALA A 3 28.78 5.70 28.49
N ALA A 4 27.60 5.22 28.13
CA ALA A 4 27.50 4.06 27.25
C ALA A 4 26.67 4.43 26.02
N ALA A 5 27.24 5.26 25.18
CA ALA A 5 26.56 5.70 23.97
C ALA A 5 27.59 6.17 22.94
N MET A 6 28.21 7.31 23.25
CA MET A 6 29.21 7.86 22.37
C MET A 6 28.82 7.70 20.90
N LEU A 7 27.62 8.18 20.58
CA LEU A 7 27.11 8.09 19.23
C LEU A 7 28.03 8.87 18.29
N LEU A 8 27.82 10.18 18.27
CA LEU A 8 28.61 11.06 17.42
C LEU A 8 28.81 10.39 16.06
N ARG A 9 27.76 10.45 15.25
CA ARG A 9 27.80 9.85 13.92
C ARG A 9 26.52 10.20 13.16
N SER A 10 25.40 10.10 13.85
CA SER A 10 24.12 10.40 13.25
C SER A 10 23.83 9.40 12.12
N CYS A 11 24.03 8.13 12.43
CA CYS A 11 23.80 7.07 11.46
C CYS A 11 22.29 6.88 11.31
N PRO A 12 21.62 6.67 12.47
CA PRO A 12 20.17 6.47 12.47
C PRO A 12 19.44 7.80 12.26
N VAL A 13 19.60 8.34 11.06
CA VAL A 13 18.96 9.60 10.71
C VAL A 13 17.58 9.32 10.11
N LEU A 14 17.46 8.14 9.53
CA LEU A 14 16.20 7.73 8.91
C LEU A 14 15.92 8.65 7.71
N SER A 15 16.81 8.59 6.74
CA SER A 15 16.67 9.40 5.54
C SER A 15 16.06 8.56 4.42
N GLN A 16 14.80 8.18 4.62
CA GLN A 16 14.10 7.38 3.63
C GLN A 16 14.72 5.98 3.54
N GLY A 17 14.61 5.24 4.63
CA GLY A 17 15.16 3.90 4.69
C GLY A 17 14.17 2.89 4.08
N PRO A 18 12.97 2.80 4.71
CA PRO A 18 11.95 1.88 4.24
C PRO A 18 11.28 2.41 2.96
N THR A 19 10.29 1.67 2.51
CA THR A 19 9.55 2.06 1.31
C THR A 19 8.14 1.46 1.33
N GLY A 20 8.08 0.19 1.70
CA GLY A 20 6.80 -0.50 1.76
C GLY A 20 6.07 -0.18 3.06
N LEU A 21 5.95 1.12 3.33
CA LEU A 21 5.27 1.58 4.53
C LEU A 21 4.37 2.77 4.18
N LEU A 22 4.14 2.93 2.89
CA LEU A 22 3.30 4.03 2.41
C LEU A 22 3.03 3.83 0.91
N GLY A 23 4.08 3.48 0.19
CA GLY A 23 3.97 3.28 -1.24
C GLY A 23 2.93 2.20 -1.55
N LYS A 24 2.81 1.25 -0.63
CA LYS A 24 1.86 0.17 -0.80
C LYS A 24 0.43 0.71 -0.65
N VAL A 25 0.27 1.59 0.33
CA VAL A 25 -1.03 2.20 0.59
C VAL A 25 -1.31 3.24 -0.49
N ALA A 26 -0.25 3.68 -1.15
CA ALA A 26 -0.38 4.68 -2.19
C ALA A 26 -0.83 4.01 -3.49
N LYS A 27 -0.04 3.03 -3.92
CA LYS A 27 -0.35 2.30 -5.14
C LYS A 27 -1.81 1.86 -5.10
N THR A 28 -2.13 1.08 -4.08
CA THR A 28 -3.49 0.58 -3.92
C THR A 28 -4.51 1.68 -4.24
N TYR A 29 -4.42 2.76 -3.48
CA TYR A 29 -5.32 3.88 -3.68
C TYR A 29 -5.22 4.43 -5.09
N GLN A 30 -3.99 4.48 -5.59
CA GLN A 30 -3.74 4.97 -6.93
C GLN A 30 -4.17 3.94 -7.97
N PHE A 31 -4.62 2.80 -7.47
CA PHE A 31 -5.07 1.72 -8.35
C PHE A 31 -6.59 1.54 -8.26
N LEU A 32 -7.13 1.96 -7.12
CA LEU A 32 -8.57 1.85 -6.90
C LEU A 32 -9.22 3.22 -7.13
N PHE A 33 -8.55 4.03 -7.92
CA PHE A 33 -9.04 5.36 -8.22
C PHE A 33 -9.59 5.44 -9.65
N SER A 34 -8.77 5.00 -10.58
CA SER A 34 -9.16 5.01 -11.99
C SER A 34 -9.97 3.74 -12.31
N ILE A 35 -9.33 2.60 -12.14
CA ILE A 35 -9.97 1.33 -12.42
C ILE A 35 -10.74 1.43 -13.74
N GLY A 36 -10.08 1.04 -14.81
CA GLY A 36 -10.69 1.08 -16.12
C GLY A 36 -12.05 0.38 -16.12
N ARG A 37 -12.78 0.57 -17.21
CA ARG A 37 -14.09 -0.04 -17.35
C ARG A 37 -14.97 0.30 -16.13
N CYS A 38 -15.65 1.43 -16.24
CA CYS A 38 -16.51 1.88 -15.16
C CYS A 38 -17.48 2.93 -15.72
N PRO A 39 -18.68 2.46 -16.12
CA PRO A 39 -19.70 3.33 -16.67
C PRO A 39 -20.35 4.18 -15.58
N ILE A 40 -20.00 5.46 -15.57
CA ILE A 40 -20.55 6.37 -14.58
C ILE A 40 -22.07 6.35 -14.66
N LEU A 41 -22.60 7.17 -15.54
CA LEU A 41 -24.04 7.26 -15.72
C LEU A 41 -24.47 6.35 -16.87
N ALA A 42 -24.13 5.08 -16.74
CA ALA A 42 -24.46 4.10 -17.77
C ALA A 42 -23.57 4.33 -18.99
N THR A 43 -23.72 5.50 -19.59
CA THR A 43 -22.94 5.85 -20.77
C THR A 43 -22.19 7.16 -20.53
N GLN A 44 -22.92 8.15 -20.06
CA GLN A 44 -22.34 9.45 -19.79
C GLN A 44 -23.35 10.34 -19.05
N GLY A 45 -24.59 10.27 -19.49
CA GLY A 45 -25.65 11.05 -18.88
C GLY A 45 -26.71 11.44 -19.92
N PRO A 46 -27.76 10.58 -20.00
CA PRO A 46 -28.85 10.82 -20.94
C PRO A 46 -29.76 11.96 -20.46
N THR A 47 -29.28 13.18 -20.63
CA THR A 47 -30.03 14.34 -20.22
C THR A 47 -30.53 14.18 -18.79
N CYS A 48 -29.66 14.54 -17.85
CA CYS A 48 -29.99 14.44 -16.44
C CYS A 48 -30.25 12.96 -16.11
N SER A 49 -29.41 12.42 -15.26
CA SER A 49 -29.53 11.03 -14.85
C SER A 49 -29.90 10.17 -16.06
N MET A 1 3.23 -36.19 5.86
CA MET A 1 3.60 -35.73 4.54
C MET A 1 2.93 -34.39 4.20
N VAL A 2 3.34 -33.83 3.08
CA VAL A 2 2.79 -32.56 2.65
C VAL A 2 3.16 -31.47 3.66
N ALA A 3 3.43 -30.28 3.14
CA ALA A 3 3.80 -29.16 3.98
C ALA A 3 3.85 -27.89 3.13
N ALA A 4 3.18 -26.86 3.61
CA ALA A 4 3.14 -25.59 2.91
C ALA A 4 4.02 -24.58 3.65
N ALA A 5 5.30 -24.90 3.73
CA ALA A 5 6.25 -24.04 4.39
C ALA A 5 7.66 -24.28 3.82
N MET A 6 8.11 -25.51 3.96
CA MET A 6 9.43 -25.88 3.47
C MET A 6 10.46 -24.81 3.79
N LEU A 7 10.68 -24.61 5.08
CA LEU A 7 11.64 -23.61 5.54
C LEU A 7 11.52 -22.36 4.67
N LEU A 8 10.29 -21.88 4.53
CA LEU A 8 10.03 -20.70 3.73
C LEU A 8 8.75 -20.02 4.24
N ARG A 9 8.94 -19.11 5.18
CA ARG A 9 7.82 -18.38 5.76
C ARG A 9 8.32 -17.33 6.75
N SER A 10 9.24 -16.51 6.27
CA SER A 10 9.81 -15.46 7.11
C SER A 10 9.28 -14.10 6.66
N CYS A 11 9.50 -13.79 5.39
CA CYS A 11 9.06 -12.54 4.83
C CYS A 11 9.37 -11.43 5.83
N PRO A 12 10.61 -10.88 5.72
CA PRO A 12 11.04 -9.81 6.61
C PRO A 12 10.39 -8.48 6.23
N VAL A 13 10.46 -7.54 7.16
CA VAL A 13 9.88 -6.22 6.94
C VAL A 13 10.94 -5.30 6.34
N LEU A 14 12.18 -5.49 6.79
CA LEU A 14 13.28 -4.68 6.31
C LEU A 14 13.12 -3.25 6.81
N SER A 15 13.08 -3.11 8.13
CA SER A 15 12.93 -1.80 8.73
C SER A 15 14.25 -1.03 8.67
N GLN A 16 14.74 -0.86 7.46
CA GLN A 16 15.98 -0.14 7.24
C GLN A 16 16.11 0.29 5.78
N GLY A 17 14.98 0.72 5.22
CA GLY A 17 14.95 1.16 3.84
C GLY A 17 13.68 1.96 3.55
N PRO A 18 12.52 1.25 3.61
CA PRO A 18 11.24 1.88 3.36
C PRO A 18 10.80 2.73 4.54
N THR A 19 9.73 3.49 4.33
CA THR A 19 9.21 4.35 5.38
C THR A 19 8.36 3.55 6.36
N GLY A 20 7.30 2.95 5.83
CA GLY A 20 6.41 2.14 6.64
C GLY A 20 4.97 2.21 6.10
N LEU A 21 4.54 1.09 5.53
CA LEU A 21 3.20 1.01 4.97
C LEU A 21 2.87 2.32 4.24
N LEU A 22 3.58 2.54 3.15
CA LEU A 22 3.38 3.75 2.36
C LEU A 22 3.04 3.36 0.92
N GLY A 23 3.95 2.61 0.32
CA GLY A 23 3.76 2.17 -1.05
C GLY A 23 2.42 1.44 -1.22
N LYS A 24 1.99 0.81 -0.13
CA LYS A 24 0.73 0.09 -0.14
C LYS A 24 -0.43 1.09 -0.13
N VAL A 25 -0.09 2.32 0.20
CA VAL A 25 -1.10 3.37 0.24
C VAL A 25 -0.90 4.32 -0.94
N ALA A 26 0.36 4.46 -1.34
CA ALA A 26 0.70 5.33 -2.46
C ALA A 26 0.95 4.47 -3.70
N LYS A 27 0.00 3.59 -3.98
CA LYS A 27 0.12 2.70 -5.14
C LYS A 27 -1.18 1.93 -5.31
N THR A 28 -1.71 1.46 -4.18
CA THR A 28 -2.95 0.71 -4.19
C THR A 28 -4.13 1.62 -4.52
N TYR A 29 -4.14 2.78 -3.87
CA TYR A 29 -5.21 3.74 -4.08
C TYR A 29 -5.16 4.30 -5.51
N GLN A 30 -3.96 4.51 -6.00
CA GLN A 30 -3.77 5.03 -7.34
C GLN A 30 -4.51 4.16 -8.36
N PHE A 31 -4.81 2.95 -7.93
CA PHE A 31 -5.52 2.01 -8.80
C PHE A 31 -6.95 1.79 -8.31
N LEU A 32 -7.08 1.62 -6.99
CA LEU A 32 -8.38 1.40 -6.40
C LEU A 32 -9.30 2.57 -6.73
N PHE A 33 -8.69 3.67 -7.15
CA PHE A 33 -9.44 4.86 -7.51
C PHE A 33 -10.17 4.67 -8.83
N SER A 34 -9.46 4.06 -9.78
CA SER A 34 -10.03 3.81 -11.09
C SER A 34 -10.81 2.49 -11.08
N ILE A 35 -10.12 1.43 -11.49
CA ILE A 35 -10.73 0.11 -11.54
C ILE A 35 -12.13 0.22 -12.13
N GLY A 36 -12.19 0.02 -13.44
CA GLY A 36 -13.46 0.09 -14.15
C GLY A 36 -13.46 -0.81 -15.38
N ARG A 37 -14.60 -1.42 -15.63
CA ARG A 37 -14.75 -2.32 -16.77
C ARG A 37 -15.72 -1.72 -17.80
N CYS A 38 -16.66 -0.95 -17.28
CA CYS A 38 -17.66 -0.31 -18.13
C CYS A 38 -18.82 0.13 -17.25
N PRO A 39 -19.37 -0.85 -16.49
CA PRO A 39 -20.50 -0.58 -15.61
C PRO A 39 -20.04 0.19 -14.36
N ILE A 40 -20.32 1.49 -14.38
CA ILE A 40 -19.94 2.33 -13.27
C ILE A 40 -21.05 3.37 -13.02
N LEU A 41 -21.49 3.99 -14.12
CA LEU A 41 -22.54 4.99 -14.04
C LEU A 41 -23.02 5.33 -15.45
N ALA A 42 -23.58 4.31 -16.10
CA ALA A 42 -24.09 4.48 -17.45
C ALA A 42 -24.73 3.17 -17.91
N THR A 43 -25.80 2.78 -17.22
CA THR A 43 -26.50 1.56 -17.55
C THR A 43 -27.31 1.75 -18.84
N GLN A 44 -28.09 2.83 -18.86
CA GLN A 44 -28.91 3.13 -20.02
C GLN A 44 -29.80 4.34 -19.72
N GLY A 45 -29.21 5.34 -19.10
CA GLY A 45 -29.93 6.56 -18.75
C GLY A 45 -30.42 6.52 -17.31
N PRO A 46 -31.25 7.53 -16.95
CA PRO A 46 -31.79 7.62 -15.60
C PRO A 46 -32.89 6.57 -15.38
N THR A 47 -33.81 6.51 -16.34
CA THR A 47 -34.91 5.56 -16.26
C THR A 47 -35.52 5.58 -14.86
N CYS A 48 -36.29 4.54 -14.58
CA CYS A 48 -36.94 4.41 -13.28
C CYS A 48 -37.16 2.93 -13.00
N SER A 49 -37.95 2.30 -13.84
CA SER A 49 -38.26 0.89 -13.69
C SER A 49 -38.61 0.58 -12.23
N MET A 1 29.87 -24.80 8.41
CA MET A 1 31.12 -24.07 8.26
C MET A 1 30.87 -22.56 8.22
N VAL A 2 31.58 -21.86 9.08
CA VAL A 2 31.45 -20.40 9.14
C VAL A 2 30.03 -20.05 9.57
N ALA A 3 29.94 -19.27 10.63
CA ALA A 3 28.66 -18.84 11.15
C ALA A 3 28.10 -17.72 10.28
N ALA A 4 27.51 -16.73 10.94
CA ALA A 4 26.95 -15.59 10.23
C ALA A 4 25.77 -16.07 9.38
N ALA A 5 24.65 -16.29 10.06
CA ALA A 5 23.44 -16.74 9.39
C ALA A 5 22.32 -16.88 10.41
N MET A 6 21.62 -15.77 10.63
CA MET A 6 20.52 -15.74 11.56
C MET A 6 19.23 -16.28 10.92
N LEU A 7 19.19 -16.20 9.59
CA LEU A 7 18.04 -16.67 8.85
C LEU A 7 16.77 -16.26 9.59
N LEU A 8 16.51 -14.96 9.60
CA LEU A 8 15.33 -14.43 10.26
C LEU A 8 15.03 -13.04 9.70
N ARG A 9 14.27 -13.02 8.61
CA ARG A 9 13.90 -11.77 7.98
C ARG A 9 12.51 -11.87 7.36
N SER A 10 12.31 -12.92 6.59
CA SER A 10 11.03 -13.16 5.94
C SER A 10 10.58 -11.88 5.22
N CYS A 11 11.53 -11.24 4.55
CA CYS A 11 11.24 -10.02 3.82
C CYS A 11 12.45 -9.67 2.97
N PRO A 12 12.18 -9.01 1.82
CA PRO A 12 13.23 -8.61 0.90
C PRO A 12 14.00 -7.41 1.44
N VAL A 13 13.29 -6.29 1.54
CA VAL A 13 13.89 -5.07 2.05
C VAL A 13 12.79 -4.04 2.31
N LEU A 14 11.86 -3.95 1.38
CA LEU A 14 10.76 -3.02 1.50
C LEU A 14 11.28 -1.59 1.37
N SER A 15 12.08 -1.38 0.32
CA SER A 15 12.64 -0.07 0.08
C SER A 15 13.82 0.18 1.03
N GLN A 16 13.51 0.11 2.32
CA GLN A 16 14.53 0.32 3.34
C GLN A 16 14.02 -0.14 4.70
N GLY A 17 12.82 0.30 5.03
CA GLY A 17 12.20 -0.05 6.30
C GLY A 17 11.00 0.84 6.60
N PRO A 18 11.28 2.17 6.67
CA PRO A 18 10.23 3.15 6.95
C PRO A 18 9.35 3.37 5.73
N THR A 19 10.00 3.44 4.58
CA THR A 19 9.28 3.65 3.33
C THR A 19 8.92 2.30 2.70
N GLY A 20 8.66 1.33 3.56
CA GLY A 20 8.29 0.00 3.10
C GLY A 20 6.78 -0.12 2.90
N LEU A 21 6.05 0.20 3.96
CA LEU A 21 4.60 0.13 3.92
C LEU A 21 4.04 1.52 3.57
N LEU A 22 4.54 2.05 2.46
CA LEU A 22 4.11 3.36 2.01
C LEU A 22 3.43 3.22 0.63
N GLY A 23 4.17 2.62 -0.29
CA GLY A 23 3.65 2.42 -1.63
C GLY A 23 2.40 1.55 -1.62
N LYS A 24 2.29 0.74 -0.57
CA LYS A 24 1.14 -0.14 -0.42
C LYS A 24 -0.08 0.67 -0.01
N VAL A 25 0.19 1.88 0.46
CA VAL A 25 -0.88 2.77 0.90
C VAL A 25 -1.02 3.91 -0.11
N ALA A 26 0.00 4.07 -0.94
CA ALA A 26 -0.01 5.11 -1.95
C ALA A 26 -0.62 4.56 -3.24
N LYS A 27 0.07 3.59 -3.81
CA LYS A 27 -0.39 2.97 -5.05
C LYS A 27 -1.86 2.57 -4.89
N THR A 28 -2.14 1.91 -3.77
CA THR A 28 -3.49 1.46 -3.49
C THR A 28 -4.50 2.57 -3.83
N TYR A 29 -4.14 3.79 -3.46
CA TYR A 29 -5.00 4.93 -3.72
C TYR A 29 -5.15 5.18 -5.22
N GLN A 30 -4.06 4.94 -5.93
CA GLN A 30 -4.05 5.14 -7.38
C GLN A 30 -4.25 3.80 -8.09
N PHE A 31 -4.84 2.86 -7.37
CA PHE A 31 -5.10 1.54 -7.92
C PHE A 31 -6.60 1.24 -7.94
N LEU A 32 -7.26 1.60 -6.84
CA LEU A 32 -8.69 1.38 -6.73
C LEU A 32 -9.43 2.28 -7.72
N PHE A 33 -8.77 3.37 -8.08
CA PHE A 33 -9.34 4.32 -9.01
C PHE A 33 -8.90 4.02 -10.45
N SER A 34 -8.37 2.83 -10.62
CA SER A 34 -7.90 2.40 -11.94
C SER A 34 -7.92 0.88 -12.04
N ILE A 35 -8.99 0.37 -12.64
CA ILE A 35 -9.14 -1.07 -12.80
C ILE A 35 -10.02 -1.34 -14.01
N GLY A 36 -9.37 -1.56 -15.15
CA GLY A 36 -10.08 -1.84 -16.38
C GLY A 36 -9.89 -0.70 -17.40
N ARG A 37 -10.70 0.33 -17.24
CA ARG A 37 -10.63 1.48 -18.13
C ARG A 37 -11.09 1.09 -19.53
N CYS A 38 -12.34 1.43 -19.84
CA CYS A 38 -12.91 1.12 -21.14
C CYS A 38 -12.89 -0.40 -21.32
N PRO A 39 -14.03 -1.04 -20.99
CA PRO A 39 -14.16 -2.48 -21.11
C PRO A 39 -14.31 -2.90 -22.58
N ILE A 40 -13.87 -4.11 -22.88
CA ILE A 40 -13.96 -4.63 -24.23
C ILE A 40 -15.31 -5.32 -24.41
N LEU A 41 -16.36 -4.65 -23.95
CA LEU A 41 -17.71 -5.19 -24.06
C LEU A 41 -17.85 -6.37 -23.09
N ALA A 42 -17.54 -6.11 -21.83
CA ALA A 42 -17.64 -7.13 -20.81
C ALA A 42 -16.69 -8.29 -21.16
N THR A 43 -15.45 -8.15 -20.70
CA THR A 43 -14.44 -9.17 -20.94
C THR A 43 -14.96 -10.55 -20.51
N GLN A 44 -15.82 -10.54 -19.50
CA GLN A 44 -16.38 -11.77 -18.99
C GLN A 44 -17.34 -11.47 -17.84
N GLY A 45 -18.07 -10.37 -17.98
CA GLY A 45 -19.01 -9.96 -16.97
C GLY A 45 -18.49 -10.27 -15.56
N PRO A 46 -17.65 -9.33 -15.05
CA PRO A 46 -17.07 -9.49 -13.72
C PRO A 46 -18.10 -9.21 -12.63
N THR A 47 -18.96 -8.23 -12.91
CA THR A 47 -20.00 -7.86 -11.97
C THR A 47 -21.37 -8.30 -12.48
N CYS A 48 -22.31 -8.43 -11.56
CA CYS A 48 -23.66 -8.85 -11.90
C CYS A 48 -24.61 -7.70 -11.53
N SER A 49 -25.14 -7.07 -12.56
CA SER A 49 -26.06 -5.97 -12.36
C SER A 49 -25.38 -4.85 -11.57
N MET A 1 33.74 -21.70 -11.77
CA MET A 1 34.21 -22.11 -10.45
C MET A 1 34.79 -20.92 -9.69
N VAL A 2 34.97 -19.82 -10.41
CA VAL A 2 35.52 -18.62 -9.83
C VAL A 2 34.80 -17.40 -10.40
N ALA A 3 34.82 -16.32 -9.62
CA ALA A 3 34.18 -15.08 -10.04
C ALA A 3 32.80 -15.41 -10.61
N ALA A 4 31.81 -15.40 -9.73
CA ALA A 4 30.44 -15.69 -10.14
C ALA A 4 29.74 -14.38 -10.50
N ALA A 5 30.39 -13.61 -11.36
CA ALA A 5 29.84 -12.35 -11.80
C ALA A 5 30.20 -11.26 -10.77
N MET A 6 29.95 -11.57 -9.51
CA MET A 6 30.24 -10.64 -8.44
C MET A 6 29.90 -9.21 -8.85
N LEU A 7 28.66 -9.02 -9.24
CA LEU A 7 28.20 -7.71 -9.67
C LEU A 7 27.84 -6.88 -8.44
N LEU A 8 26.79 -7.31 -7.75
CA LEU A 8 26.34 -6.62 -6.56
C LEU A 8 25.39 -7.53 -5.78
N ARG A 9 25.95 -8.21 -4.79
CA ARG A 9 25.17 -9.11 -3.97
C ARG A 9 25.70 -9.11 -2.53
N SER A 10 25.75 -7.92 -1.96
CA SER A 10 26.24 -7.77 -0.60
C SER A 10 25.89 -6.38 -0.07
N CYS A 11 26.37 -5.38 -0.78
CA CYS A 11 26.11 -4.00 -0.40
C CYS A 11 24.63 -3.70 -0.63
N PRO A 12 24.09 -2.76 0.20
CA PRO A 12 22.70 -2.38 0.10
C PRO A 12 22.46 -1.49 -1.12
N VAL A 13 21.19 -1.34 -1.46
CA VAL A 13 20.81 -0.51 -2.61
C VAL A 13 19.47 0.17 -2.32
N LEU A 14 18.53 -0.63 -1.84
CA LEU A 14 17.21 -0.12 -1.52
C LEU A 14 16.49 0.25 -2.82
N SER A 15 16.40 -0.72 -3.72
CA SER A 15 15.74 -0.50 -4.99
C SER A 15 14.22 -0.67 -4.83
N GLN A 16 13.68 0.04 -3.86
CA GLN A 16 12.26 -0.02 -3.58
C GLN A 16 11.84 -1.44 -3.21
N GLY A 17 12.31 -1.86 -2.05
CA GLY A 17 12.00 -3.20 -1.56
C GLY A 17 11.56 -3.16 -0.09
N PRO A 18 12.56 -2.99 0.81
CA PRO A 18 12.29 -2.92 2.23
C PRO A 18 11.66 -1.58 2.62
N THR A 19 11.18 -1.52 3.85
CA THR A 19 10.55 -0.31 4.35
C THR A 19 9.58 0.25 3.32
N GLY A 20 8.98 -0.65 2.55
CA GLY A 20 8.03 -0.26 1.53
C GLY A 20 6.62 -0.16 2.11
N LEU A 21 6.52 0.50 3.25
CA LEU A 21 5.25 0.67 3.92
C LEU A 21 4.66 2.04 3.54
N LEU A 22 4.56 2.27 2.25
CA LEU A 22 4.02 3.52 1.75
C LEU A 22 3.16 3.25 0.51
N GLY A 23 3.81 2.77 -0.53
CA GLY A 23 3.12 2.46 -1.78
C GLY A 23 1.95 1.50 -1.52
N LYS A 24 2.00 0.85 -0.37
CA LYS A 24 0.95 -0.10 -0.01
C LYS A 24 -0.34 0.68 0.30
N VAL A 25 -0.21 2.00 0.34
CA VAL A 25 -1.34 2.86 0.62
C VAL A 25 -1.50 3.87 -0.52
N ALA A 26 -0.37 4.39 -0.97
CA ALA A 26 -0.37 5.37 -2.04
C ALA A 26 -0.74 4.67 -3.35
N LYS A 27 0.14 3.78 -3.79
CA LYS A 27 -0.09 3.05 -5.01
C LYS A 27 -1.44 2.33 -4.95
N THR A 28 -1.65 1.67 -3.82
CA THR A 28 -2.90 0.94 -3.61
C THR A 28 -4.10 1.82 -3.98
N TYR A 29 -3.95 3.11 -3.73
CA TYR A 29 -5.00 4.06 -4.04
C TYR A 29 -5.00 4.43 -5.52
N GLN A 30 -3.79 4.56 -6.07
CA GLN A 30 -3.64 4.91 -7.46
C GLN A 30 -4.25 3.81 -8.36
N PHE A 31 -4.53 2.68 -7.73
CA PHE A 31 -5.10 1.55 -8.45
C PHE A 31 -6.57 1.34 -8.04
N LEU A 32 -6.89 1.80 -6.85
CA LEU A 32 -8.24 1.67 -6.33
C LEU A 32 -9.03 2.93 -6.66
N PHE A 33 -8.53 3.66 -7.64
CA PHE A 33 -9.19 4.89 -8.07
C PHE A 33 -9.53 4.84 -9.56
N SER A 34 -8.52 4.53 -10.35
CA SER A 34 -8.70 4.45 -11.80
C SER A 34 -9.37 3.12 -12.17
N ILE A 35 -10.53 2.90 -11.56
CA ILE A 35 -11.28 1.68 -11.82
C ILE A 35 -12.56 2.03 -12.58
N GLY A 36 -13.06 3.23 -12.32
CA GLY A 36 -14.27 3.69 -12.96
C GLY A 36 -15.46 3.66 -12.01
N ARG A 37 -15.50 4.65 -11.12
CA ARG A 37 -16.57 4.74 -10.15
C ARG A 37 -17.86 5.19 -10.82
N CYS A 38 -18.07 6.50 -10.83
CA CYS A 38 -19.26 7.07 -11.44
C CYS A 38 -19.27 6.70 -12.93
N PRO A 39 -18.14 7.03 -13.61
CA PRO A 39 -18.00 6.74 -15.03
C PRO A 39 -17.73 5.25 -15.25
N ILE A 40 -18.82 4.50 -15.40
CA ILE A 40 -18.71 3.07 -15.62
C ILE A 40 -18.30 2.82 -17.08
N LEU A 41 -18.88 3.62 -17.97
CA LEU A 41 -18.57 3.49 -19.39
C LEU A 41 -18.76 4.85 -20.06
N ALA A 42 -17.76 5.70 -19.87
CA ALA A 42 -17.79 7.03 -20.45
C ALA A 42 -18.85 7.88 -19.72
N THR A 43 -20.09 7.44 -19.84
CA THR A 43 -21.19 8.14 -19.20
C THR A 43 -21.44 9.48 -19.89
N GLN A 44 -20.42 10.33 -19.86
CA GLN A 44 -20.51 11.65 -20.47
C GLN A 44 -19.12 12.11 -20.94
N GLY A 45 -18.50 11.27 -21.75
CA GLY A 45 -17.18 11.58 -22.28
C GLY A 45 -17.28 12.53 -23.47
N PRO A 46 -16.10 12.78 -24.11
CA PRO A 46 -16.04 13.67 -25.26
C PRO A 46 -16.60 12.98 -26.51
N THR A 47 -16.03 11.84 -26.82
CA THR A 47 -16.46 11.06 -27.97
C THR A 47 -16.24 9.57 -27.74
N CYS A 48 -14.99 9.21 -27.51
CA CYS A 48 -14.64 7.82 -27.27
C CYS A 48 -14.87 7.04 -28.56
N SER A 49 -13.98 7.25 -29.51
CA SER A 49 -14.06 6.58 -30.79
C SER A 49 -15.48 6.70 -31.36
N MET A 1 30.82 27.25 18.03
CA MET A 1 31.00 26.43 19.22
C MET A 1 29.95 25.32 19.27
N VAL A 2 28.96 25.43 18.39
CA VAL A 2 27.89 24.46 18.34
C VAL A 2 27.48 24.06 19.76
N ALA A 3 26.85 22.90 19.86
CA ALA A 3 26.41 22.40 21.15
C ALA A 3 25.08 23.03 21.52
N ALA A 4 24.06 22.66 20.75
CA ALA A 4 22.72 23.19 20.97
C ALA A 4 21.78 22.68 19.89
N ALA A 5 21.55 21.37 19.93
CA ALA A 5 20.68 20.74 18.96
C ALA A 5 20.51 19.25 19.31
N MET A 6 21.63 18.54 19.24
CA MET A 6 21.62 17.11 19.54
C MET A 6 23.04 16.54 19.48
N LEU A 7 23.97 17.26 20.09
CA LEU A 7 25.35 16.84 20.12
C LEU A 7 25.73 16.26 18.75
N LEU A 8 25.40 17.02 17.71
CA LEU A 8 25.70 16.60 16.34
C LEU A 8 24.54 15.74 15.83
N ARG A 9 24.27 14.67 16.56
CA ARG A 9 23.20 13.76 16.18
C ARG A 9 22.62 13.08 17.42
N SER A 10 23.40 12.17 17.99
CA SER A 10 22.99 11.45 19.17
C SER A 10 22.08 10.28 18.78
N CYS A 11 21.78 10.22 17.48
CA CYS A 11 20.92 9.16 16.97
C CYS A 11 21.81 7.97 16.59
N PRO A 12 21.22 6.75 16.69
CA PRO A 12 21.94 5.54 16.36
C PRO A 12 22.09 5.38 14.84
N VAL A 13 20.96 5.31 14.18
CA VAL A 13 20.94 5.16 12.73
C VAL A 13 19.64 5.73 12.17
N LEU A 14 18.57 4.98 12.36
CA LEU A 14 17.27 5.40 11.88
C LEU A 14 16.17 4.62 12.63
N SER A 15 16.29 4.65 13.94
CA SER A 15 15.31 3.95 14.78
C SER A 15 15.69 2.47 14.90
N GLN A 16 15.91 1.85 13.76
CA GLN A 16 16.28 0.45 13.72
C GLN A 16 16.81 0.08 12.33
N GLY A 17 15.90 -0.01 11.38
CA GLY A 17 16.26 -0.35 10.01
C GLY A 17 15.02 -0.38 9.11
N PRO A 18 14.11 -1.34 9.43
CA PRO A 18 12.89 -1.48 8.65
C PRO A 18 11.89 -0.38 8.98
N THR A 19 10.65 -0.59 8.56
CA THR A 19 9.60 0.38 8.81
C THR A 19 9.65 1.50 7.76
N GLY A 20 8.63 1.52 6.92
CA GLY A 20 8.56 2.54 5.89
C GLY A 20 7.99 1.95 4.59
N LEU A 21 6.66 1.84 4.55
CA LEU A 21 5.99 1.30 3.38
C LEU A 21 4.64 2.00 3.22
N LEU A 22 4.68 3.17 2.61
CA LEU A 22 3.47 3.95 2.38
C LEU A 22 3.07 3.83 0.91
N GLY A 23 4.05 3.48 0.09
CA GLY A 23 3.81 3.33 -1.34
C GLY A 23 2.80 2.21 -1.61
N LYS A 24 2.72 1.29 -0.66
CA LYS A 24 1.80 0.17 -0.78
C LYS A 24 0.37 0.65 -0.52
N VAL A 25 0.26 1.58 0.43
CA VAL A 25 -1.03 2.12 0.78
C VAL A 25 -1.40 3.23 -0.21
N ALA A 26 -0.40 3.70 -0.93
CA ALA A 26 -0.61 4.74 -1.92
C ALA A 26 -1.00 4.12 -3.26
N LYS A 27 -0.21 3.14 -3.67
CA LYS A 27 -0.46 2.45 -4.93
C LYS A 27 -1.87 1.86 -4.91
N THR A 28 -2.14 1.09 -3.86
CA THR A 28 -3.44 0.46 -3.70
C THR A 28 -4.55 1.46 -4.03
N TYR A 29 -4.27 2.72 -3.77
CA TYR A 29 -5.23 3.77 -4.03
C TYR A 29 -5.09 4.32 -5.45
N GLN A 30 -3.84 4.33 -5.92
CA GLN A 30 -3.55 4.81 -7.25
C GLN A 30 -4.14 3.87 -8.31
N PHE A 31 -4.63 2.74 -7.83
CA PHE A 31 -5.23 1.75 -8.72
C PHE A 31 -6.74 1.64 -8.48
N LEU A 32 -7.14 1.91 -7.24
CA LEU A 32 -8.53 1.84 -6.87
C LEU A 32 -9.15 3.24 -6.97
N PHE A 33 -8.49 4.09 -7.74
CA PHE A 33 -8.96 5.45 -7.94
C PHE A 33 -9.46 5.67 -9.36
N SER A 34 -8.69 5.13 -10.31
CA SER A 34 -9.05 5.27 -11.72
C SER A 34 -9.87 4.05 -12.15
N ILE A 35 -11.03 3.90 -11.53
CA ILE A 35 -11.91 2.79 -11.86
C ILE A 35 -13.15 3.33 -12.59
N GLY A 36 -13.47 4.58 -12.29
CA GLY A 36 -14.62 5.22 -12.91
C GLY A 36 -14.90 6.59 -12.28
N ARG A 37 -14.80 7.62 -13.10
CA ARG A 37 -15.03 8.97 -12.64
C ARG A 37 -16.38 9.06 -11.91
N CYS A 38 -17.29 8.19 -12.32
CA CYS A 38 -18.61 8.16 -11.72
C CYS A 38 -19.35 9.45 -12.09
N PRO A 39 -19.85 9.47 -13.36
CA PRO A 39 -20.58 10.63 -13.85
C PRO A 39 -21.98 10.71 -13.24
N ILE A 40 -22.05 11.31 -12.07
CA ILE A 40 -23.32 11.45 -11.37
C ILE A 40 -24.36 11.98 -12.35
N LEU A 41 -23.93 12.89 -13.20
CA LEU A 41 -24.83 13.48 -14.18
C LEU A 41 -25.55 12.37 -14.94
N ALA A 42 -24.79 11.64 -15.74
CA ALA A 42 -25.36 10.55 -16.51
C ALA A 42 -26.20 11.12 -17.65
N THR A 43 -27.26 11.83 -17.26
CA THR A 43 -28.15 12.43 -18.24
C THR A 43 -28.50 11.43 -19.34
N GLN A 44 -28.94 10.26 -18.91
CA GLN A 44 -29.31 9.21 -19.84
C GLN A 44 -30.02 8.06 -19.10
N GLY A 45 -30.74 8.44 -18.06
CA GLY A 45 -31.46 7.47 -17.26
C GLY A 45 -32.94 7.44 -17.64
N PRO A 46 -33.61 6.30 -17.31
CA PRO A 46 -35.02 6.14 -17.61
C PRO A 46 -35.88 6.96 -16.65
N THR A 47 -35.42 7.03 -15.41
CA THR A 47 -36.14 7.78 -14.39
C THR A 47 -37.51 7.14 -14.13
N CYS A 48 -37.88 7.11 -12.86
CA CYS A 48 -39.17 6.54 -12.47
C CYS A 48 -40.12 7.68 -12.17
N SER A 49 -39.58 8.74 -11.59
CA SER A 49 -40.37 9.91 -11.25
C SER A 49 -41.36 9.55 -10.13
N MET A 1 31.85 -18.94 -15.01
CA MET A 1 33.23 -19.07 -14.57
C MET A 1 33.53 -18.13 -13.41
N VAL A 2 34.71 -18.31 -12.84
CA VAL A 2 35.14 -17.49 -11.72
C VAL A 2 35.42 -16.07 -12.22
N ALA A 3 34.84 -15.10 -11.53
CA ALA A 3 35.02 -13.70 -11.89
C ALA A 3 34.69 -12.82 -10.69
N ALA A 4 34.07 -11.69 -10.97
CA ALA A 4 33.69 -10.76 -9.93
C ALA A 4 33.14 -11.53 -8.73
N ALA A 5 31.94 -12.08 -8.93
CA ALA A 5 31.29 -12.84 -7.88
C ALA A 5 31.50 -12.14 -6.54
N MET A 6 30.79 -11.04 -6.37
CA MET A 6 30.88 -10.27 -5.14
C MET A 6 30.54 -11.13 -3.92
N LEU A 7 29.30 -11.60 -3.91
CA LEU A 7 28.82 -12.44 -2.81
C LEU A 7 27.43 -12.97 -3.15
N LEU A 8 26.48 -12.04 -3.19
CA LEU A 8 25.11 -12.40 -3.49
C LEU A 8 24.26 -11.12 -3.59
N ARG A 9 24.09 -10.46 -2.46
CA ARG A 9 23.31 -9.24 -2.42
C ARG A 9 23.34 -8.64 -1.00
N SER A 10 22.98 -9.47 -0.03
CA SER A 10 22.97 -9.04 1.36
C SER A 10 21.62 -8.40 1.68
N CYS A 11 21.09 -7.67 0.72
CA CYS A 11 19.82 -6.99 0.90
C CYS A 11 19.96 -5.97 2.03
N PRO A 12 19.15 -4.89 1.92
CA PRO A 12 19.19 -3.83 2.93
C PRO A 12 18.49 -4.28 4.22
N VAL A 13 18.25 -3.31 5.09
CA VAL A 13 17.59 -3.59 6.35
C VAL A 13 16.11 -3.91 6.09
N LEU A 14 15.47 -3.03 5.34
CA LEU A 14 14.07 -3.21 5.01
C LEU A 14 13.91 -4.45 4.12
N SER A 15 14.49 -4.36 2.93
CA SER A 15 14.41 -5.45 1.98
C SER A 15 12.96 -5.81 1.70
N GLN A 16 12.25 -4.86 1.10
CA GLN A 16 10.85 -5.07 0.77
C GLN A 16 10.44 -4.15 -0.39
N GLY A 17 10.15 -2.91 -0.04
CA GLY A 17 9.74 -1.93 -1.03
C GLY A 17 9.50 -0.56 -0.40
N PRO A 18 8.50 -0.54 0.52
CA PRO A 18 8.15 0.70 1.21
C PRO A 18 9.20 1.03 2.28
N THR A 19 8.85 2.02 3.10
CA THR A 19 9.76 2.46 4.16
C THR A 19 8.97 2.70 5.45
N GLY A 20 7.82 2.05 5.55
CA GLY A 20 6.97 2.19 6.71
C GLY A 20 5.49 2.15 6.32
N LEU A 21 5.15 1.17 5.49
CA LEU A 21 3.78 1.01 5.05
C LEU A 21 3.24 2.36 4.58
N LEU A 22 3.51 2.67 3.32
CA LEU A 22 3.06 3.93 2.74
C LEU A 22 2.88 3.75 1.24
N GLY A 23 3.92 3.22 0.60
CA GLY A 23 3.89 3.00 -0.83
C GLY A 23 2.83 1.95 -1.20
N LYS A 24 2.52 1.12 -0.22
CA LYS A 24 1.53 0.06 -0.44
C LYS A 24 0.13 0.66 -0.32
N VAL A 25 0.07 1.85 0.26
CA VAL A 25 -1.20 2.52 0.44
C VAL A 25 -1.36 3.61 -0.64
N ALA A 26 -0.23 3.93 -1.27
CA ALA A 26 -0.22 4.93 -2.32
C ALA A 26 -0.58 4.27 -3.65
N LYS A 27 0.25 3.30 -4.03
CA LYS A 27 0.04 2.59 -5.28
C LYS A 27 -1.38 2.02 -5.31
N THR A 28 -1.70 1.26 -4.28
CA THR A 28 -3.02 0.66 -4.18
C THR A 28 -4.10 1.67 -4.59
N TYR A 29 -3.88 2.92 -4.20
CA TYR A 29 -4.82 3.97 -4.52
C TYR A 29 -4.81 4.27 -6.02
N GLN A 30 -3.62 4.28 -6.59
CA GLN A 30 -3.46 4.55 -8.01
C GLN A 30 -4.46 3.72 -8.83
N PHE A 31 -4.88 2.62 -8.22
CA PHE A 31 -5.84 1.73 -8.88
C PHE A 31 -7.20 1.79 -8.19
N LEU A 32 -7.16 1.79 -6.86
CA LEU A 32 -8.38 1.84 -6.07
C LEU A 32 -9.18 3.09 -6.47
N PHE A 33 -8.45 4.15 -6.78
CA PHE A 33 -9.08 5.40 -7.17
C PHE A 33 -10.17 5.16 -8.22
N SER A 34 -9.99 4.08 -8.97
CA SER A 34 -10.95 3.73 -10.00
C SER A 34 -11.02 2.21 -10.16
N ILE A 35 -11.98 1.62 -9.46
CA ILE A 35 -12.17 0.18 -9.50
C ILE A 35 -13.43 -0.15 -10.30
N GLY A 36 -14.39 0.77 -10.22
CA GLY A 36 -15.65 0.60 -10.92
C GLY A 36 -16.74 1.49 -10.32
N ARG A 37 -17.81 1.67 -11.09
CA ARG A 37 -18.92 2.49 -10.65
C ARG A 37 -20.06 2.43 -11.66
N CYS A 38 -20.46 1.21 -11.98
CA CYS A 38 -21.53 1.01 -12.94
C CYS A 38 -22.83 1.48 -12.30
N PRO A 39 -23.12 0.93 -11.08
CA PRO A 39 -24.32 1.30 -10.36
C PRO A 39 -24.19 2.70 -9.75
N ILE A 40 -25.11 3.57 -10.13
CA ILE A 40 -25.11 4.93 -9.63
C ILE A 40 -26.40 5.17 -8.84
N LEU A 41 -27.42 5.60 -9.57
CA LEU A 41 -28.71 5.88 -8.94
C LEU A 41 -29.02 4.78 -7.91
N ALA A 42 -29.09 3.56 -8.40
CA ALA A 42 -29.37 2.42 -7.54
C ALA A 42 -28.89 1.14 -8.20
N THR A 43 -29.56 0.79 -9.30
CA THR A 43 -29.21 -0.41 -10.04
C THR A 43 -30.05 -0.51 -11.31
N GLN A 44 -31.31 -0.14 -11.18
CA GLN A 44 -32.23 -0.19 -12.30
C GLN A 44 -33.61 0.34 -11.89
N GLY A 45 -33.63 1.60 -11.51
CA GLY A 45 -34.87 2.23 -11.09
C GLY A 45 -34.60 3.54 -10.36
N PRO A 46 -35.70 4.22 -9.95
CA PRO A 46 -35.60 5.48 -9.23
C PRO A 46 -35.16 5.25 -7.78
N THR A 47 -34.85 6.36 -7.12
CA THR A 47 -34.43 6.29 -5.73
C THR A 47 -35.29 5.31 -4.95
N CYS A 48 -34.78 4.92 -3.79
CA CYS A 48 -35.49 3.97 -2.94
C CYS A 48 -35.72 2.69 -3.73
N SER A 49 -34.66 1.90 -3.84
CA SER A 49 -34.73 0.64 -4.57
C SER A 49 -35.59 0.81 -5.83
N MET A 1 42.81 9.12 -10.91
CA MET A 1 41.97 8.77 -9.77
C MET A 1 42.19 7.32 -9.35
N VAL A 2 41.89 7.04 -8.10
CA VAL A 2 42.05 5.70 -7.56
C VAL A 2 40.76 5.27 -6.87
N ALA A 3 40.51 3.98 -6.90
CA ALA A 3 39.31 3.42 -6.27
C ALA A 3 38.12 3.62 -7.22
N ALA A 4 37.49 2.51 -7.56
CA ALA A 4 36.35 2.53 -8.45
C ALA A 4 35.48 1.30 -8.19
N ALA A 5 34.97 1.20 -6.98
CA ALA A 5 34.14 0.07 -6.60
C ALA A 5 32.94 -0.02 -7.55
N MET A 6 32.16 1.05 -7.56
CA MET A 6 30.99 1.10 -8.42
C MET A 6 30.02 -0.05 -8.12
N LEU A 7 29.61 -0.11 -6.86
CA LEU A 7 28.70 -1.15 -6.42
C LEU A 7 27.26 -0.63 -6.54
N LEU A 8 26.98 -0.04 -7.70
CA LEU A 8 25.65 0.49 -7.96
C LEU A 8 24.72 -0.65 -8.39
N ARG A 9 24.67 -1.67 -7.56
CA ARG A 9 23.83 -2.82 -7.84
C ARG A 9 23.87 -3.80 -6.67
N SER A 10 23.68 -3.27 -5.48
CA SER A 10 23.69 -4.09 -4.28
C SER A 10 23.13 -3.29 -3.10
N CYS A 11 23.78 -2.17 -2.82
CA CYS A 11 23.36 -1.31 -1.73
C CYS A 11 22.07 -0.61 -2.13
N PRO A 12 21.23 -0.31 -1.10
CA PRO A 12 19.96 0.37 -1.35
C PRO A 12 20.18 1.85 -1.66
N VAL A 13 19.22 2.41 -2.38
CA VAL A 13 19.29 3.82 -2.75
C VAL A 13 18.97 4.67 -1.53
N LEU A 14 17.87 4.33 -0.86
CA LEU A 14 17.45 5.05 0.32
C LEU A 14 16.92 4.07 1.36
N SER A 15 16.04 3.20 0.90
CA SER A 15 15.45 2.19 1.78
C SER A 15 14.41 2.85 2.68
N GLN A 16 13.76 3.88 2.15
CA GLN A 16 12.75 4.60 2.90
C GLN A 16 11.36 4.25 2.37
N GLY A 17 11.29 3.16 1.63
CA GLY A 17 10.03 2.72 1.06
C GLY A 17 9.31 1.75 2.01
N PRO A 18 9.92 0.55 2.17
CA PRO A 18 9.35 -0.47 3.04
C PRO A 18 9.57 -0.11 4.52
N THR A 19 9.06 -0.98 5.38
CA THR A 19 9.20 -0.77 6.81
C THR A 19 8.16 0.24 7.30
N GLY A 20 8.17 1.40 6.65
CA GLY A 20 7.24 2.47 7.01
C GLY A 20 5.82 2.13 6.54
N LEU A 21 5.73 1.64 5.31
CA LEU A 21 4.45 1.28 4.74
C LEU A 21 3.70 2.55 4.32
N LEU A 22 3.92 2.94 3.07
CA LEU A 22 3.28 4.12 2.54
C LEU A 22 2.99 3.92 1.05
N GLY A 23 4.06 3.71 0.30
CA GLY A 23 3.94 3.49 -1.13
C GLY A 23 3.03 2.30 -1.44
N LYS A 24 2.91 1.43 -0.45
CA LYS A 24 2.07 0.25 -0.60
C LYS A 24 0.60 0.66 -0.54
N VAL A 25 0.31 1.58 0.36
CA VAL A 25 -1.05 2.07 0.53
C VAL A 25 -1.37 3.07 -0.59
N ALA A 26 -0.31 3.57 -1.21
CA ALA A 26 -0.46 4.52 -2.29
C ALA A 26 -0.89 3.79 -3.56
N LYS A 27 -0.06 2.85 -3.98
CA LYS A 27 -0.34 2.09 -5.17
C LYS A 27 -1.82 1.66 -5.18
N THR A 28 -2.20 1.00 -4.10
CA THR A 28 -3.57 0.54 -3.95
C THR A 28 -4.55 1.65 -4.35
N TYR A 29 -4.42 2.78 -3.68
CA TYR A 29 -5.27 3.92 -3.96
C TYR A 29 -5.07 4.43 -5.39
N GLN A 30 -3.80 4.44 -5.80
CA GLN A 30 -3.46 4.91 -7.13
C GLN A 30 -4.12 4.02 -8.18
N PHE A 31 -4.61 2.88 -7.73
CA PHE A 31 -5.26 1.93 -8.63
C PHE A 31 -6.77 1.90 -8.37
N LEU A 32 -7.13 1.91 -7.10
CA LEU A 32 -8.53 1.88 -6.72
C LEU A 32 -9.26 3.09 -7.33
N PHE A 33 -8.59 4.23 -7.26
CA PHE A 33 -9.15 5.46 -7.80
C PHE A 33 -9.59 5.25 -9.25
N SER A 34 -8.72 4.60 -10.01
CA SER A 34 -9.00 4.35 -11.41
C SER A 34 -10.17 3.36 -11.54
N ILE A 35 -10.01 2.22 -10.91
CA ILE A 35 -11.04 1.19 -10.95
C ILE A 35 -12.40 1.82 -10.63
N GLY A 36 -12.76 1.77 -9.35
CA GLY A 36 -14.03 2.33 -8.92
C GLY A 36 -15.20 1.41 -9.30
N ARG A 37 -15.80 1.72 -10.44
CA ARG A 37 -16.93 0.94 -10.92
C ARG A 37 -16.99 0.99 -12.45
N CYS A 38 -16.20 0.13 -13.07
CA CYS A 38 -16.16 0.07 -14.52
C CYS A 38 -16.63 -1.32 -14.95
N PRO A 39 -17.24 -1.36 -16.17
CA PRO A 39 -17.75 -2.61 -16.71
C PRO A 39 -16.59 -3.50 -17.21
N ILE A 40 -15.93 -3.01 -18.25
CA ILE A 40 -14.81 -3.74 -18.83
C ILE A 40 -15.16 -5.23 -18.87
N LEU A 41 -16.42 -5.51 -19.12
CA LEU A 41 -16.89 -6.88 -19.20
C LEU A 41 -16.64 -7.57 -17.85
N ALA A 42 -17.35 -7.11 -16.84
CA ALA A 42 -17.23 -7.67 -15.51
C ALA A 42 -18.27 -7.04 -14.59
N THR A 43 -19.50 -7.51 -14.73
CA THR A 43 -20.59 -7.00 -13.92
C THR A 43 -21.49 -8.16 -13.45
N GLN A 44 -21.98 -8.91 -14.42
CA GLN A 44 -22.85 -10.04 -14.13
C GLN A 44 -23.16 -10.82 -15.41
N GLY A 45 -22.24 -11.71 -15.76
CA GLY A 45 -22.40 -12.53 -16.96
C GLY A 45 -21.85 -13.93 -16.73
N PRO A 46 -22.12 -14.81 -17.73
CA PRO A 46 -21.67 -16.19 -17.66
C PRO A 46 -20.17 -16.28 -17.96
N THR A 47 -19.59 -17.42 -17.59
CA THR A 47 -18.17 -17.65 -17.81
C THR A 47 -17.95 -18.48 -19.07
N CYS A 48 -17.15 -17.92 -19.97
CA CYS A 48 -16.85 -18.60 -21.22
C CYS A 48 -18.16 -18.76 -22.00
N SER A 49 -18.01 -18.75 -23.33
CA SER A 49 -19.17 -18.89 -24.20
C SER A 49 -19.43 -20.37 -24.50
N MET A 1 45.61 3.71 1.37
CA MET A 1 44.60 3.89 0.33
C MET A 1 43.49 4.82 0.81
N VAL A 2 42.62 5.20 -0.13
CA VAL A 2 41.51 6.08 0.18
C VAL A 2 40.21 5.27 0.19
N ALA A 3 39.31 5.67 1.08
CA ALA A 3 38.04 5.00 1.21
C ALA A 3 38.22 3.73 2.03
N ALA A 4 37.28 3.51 2.94
CA ALA A 4 37.32 2.33 3.79
C ALA A 4 36.64 1.16 3.08
N ALA A 5 35.36 1.35 2.80
CA ALA A 5 34.58 0.32 2.12
C ALA A 5 34.29 -0.82 3.10
N MET A 6 33.08 -0.77 3.67
CA MET A 6 32.67 -1.78 4.62
C MET A 6 33.59 -1.81 5.84
N LEU A 7 33.38 -0.84 6.72
CA LEU A 7 34.17 -0.74 7.93
C LEU A 7 33.96 -1.98 8.79
N LEU A 8 32.68 -2.28 9.03
CA LEU A 8 32.33 -3.44 9.84
C LEU A 8 30.83 -3.70 9.71
N ARG A 9 30.49 -4.51 8.73
CA ARG A 9 29.09 -4.85 8.48
C ARG A 9 28.97 -6.29 7.98
N SER A 10 29.26 -6.46 6.70
CA SER A 10 29.19 -7.77 6.08
C SER A 10 27.74 -8.09 5.68
N CYS A 11 26.85 -7.19 6.08
CA CYS A 11 25.44 -7.36 5.77
C CYS A 11 25.10 -6.50 4.56
N PRO A 12 24.09 -6.95 3.79
CA PRO A 12 23.65 -6.23 2.61
C PRO A 12 22.85 -4.99 2.98
N VAL A 13 22.66 -4.12 2.00
CA VAL A 13 21.91 -2.89 2.22
C VAL A 13 20.41 -3.21 2.20
N LEU A 14 20.06 -4.20 1.39
CA LEU A 14 18.67 -4.60 1.27
C LEU A 14 18.43 -5.82 2.17
N SER A 15 19.07 -5.81 3.32
CA SER A 15 18.93 -6.91 4.27
C SER A 15 17.58 -6.82 4.97
N GLN A 16 16.52 -6.83 4.16
CA GLN A 16 15.17 -6.76 4.69
C GLN A 16 15.08 -5.66 5.75
N GLY A 17 15.03 -4.42 5.28
CA GLY A 17 14.94 -3.28 6.18
C GLY A 17 13.64 -2.52 5.95
N PRO A 18 13.64 -1.69 4.87
CA PRO A 18 12.46 -0.90 4.54
C PRO A 18 11.36 -1.77 3.93
N THR A 19 10.23 -1.82 4.61
CA THR A 19 9.11 -2.60 4.14
C THR A 19 8.22 -1.77 3.20
N GLY A 20 8.23 -0.48 3.43
CA GLY A 20 7.44 0.44 2.63
C GLY A 20 5.99 0.52 3.14
N LEU A 21 5.83 1.23 4.24
CA LEU A 21 4.51 1.38 4.83
C LEU A 21 3.88 2.68 4.33
N LEU A 22 3.85 2.81 3.01
CA LEU A 22 3.27 3.99 2.38
C LEU A 22 3.03 3.70 0.90
N GLY A 23 4.12 3.47 0.19
CA GLY A 23 4.04 3.18 -1.24
C GLY A 23 3.00 2.10 -1.53
N LYS A 24 2.84 1.21 -0.56
CA LYS A 24 1.88 0.13 -0.69
C LYS A 24 0.46 0.69 -0.60
N VAL A 25 0.29 1.64 0.32
CA VAL A 25 -1.00 2.26 0.52
C VAL A 25 -1.24 3.30 -0.57
N ALA A 26 -0.14 3.75 -1.17
CA ALA A 26 -0.22 4.74 -2.23
C ALA A 26 -0.73 4.07 -3.50
N LYS A 27 0.05 3.11 -3.99
CA LYS A 27 -0.30 2.39 -5.19
C LYS A 27 -1.77 1.95 -5.10
N THR A 28 -2.07 1.19 -4.07
CA THR A 28 -3.41 0.71 -3.85
C THR A 28 -4.44 1.82 -4.13
N TYR A 29 -4.30 2.90 -3.39
CA TYR A 29 -5.19 4.03 -3.55
C TYR A 29 -5.13 4.59 -4.97
N GLN A 30 -3.96 4.44 -5.57
CA GLN A 30 -3.75 4.93 -6.92
C GLN A 30 -4.08 3.83 -7.94
N PHE A 31 -4.83 2.85 -7.47
CA PHE A 31 -5.22 1.73 -8.32
C PHE A 31 -6.74 1.59 -8.37
N LEU A 32 -7.36 1.77 -7.21
CA LEU A 32 -8.79 1.66 -7.10
C LEU A 32 -9.43 3.04 -7.28
N PHE A 33 -8.68 3.91 -7.95
CA PHE A 33 -9.16 5.26 -8.21
C PHE A 33 -9.45 5.47 -9.70
N SER A 34 -8.43 5.23 -10.51
CA SER A 34 -8.58 5.39 -11.94
C SER A 34 -8.79 4.03 -12.60
N ILE A 35 -9.87 3.37 -12.19
CA ILE A 35 -10.21 2.07 -12.72
C ILE A 35 -10.45 2.19 -14.23
N GLY A 36 -10.74 3.41 -14.66
CA GLY A 36 -10.99 3.67 -16.07
C GLY A 36 -9.82 4.43 -16.70
N ARG A 37 -10.15 5.56 -17.30
CA ARG A 37 -9.14 6.39 -17.95
C ARG A 37 -8.99 7.71 -17.20
N CYS A 38 -10.07 8.14 -16.58
CA CYS A 38 -10.07 9.38 -15.83
C CYS A 38 -11.52 9.81 -15.58
N PRO A 39 -12.28 9.90 -16.71
CA PRO A 39 -13.68 10.28 -16.63
C PRO A 39 -14.54 9.14 -16.10
N ILE A 40 -15.59 9.52 -15.38
CA ILE A 40 -16.49 8.54 -14.80
C ILE A 40 -17.50 8.09 -15.86
N LEU A 41 -17.91 9.05 -16.69
CA LEU A 41 -18.85 8.76 -17.75
C LEU A 41 -18.85 9.91 -18.76
N ALA A 42 -17.66 10.19 -19.27
CA ALA A 42 -17.50 11.26 -20.25
C ALA A 42 -16.04 11.29 -20.72
N THR A 43 -15.80 10.64 -21.84
CA THR A 43 -14.47 10.59 -22.41
C THR A 43 -14.35 11.56 -23.60
N GLN A 44 -15.44 11.67 -24.33
CA GLN A 44 -15.48 12.55 -25.48
C GLN A 44 -16.89 12.60 -26.07
N GLY A 45 -17.76 13.31 -25.37
CA GLY A 45 -19.15 13.45 -25.81
C GLY A 45 -19.62 14.90 -25.68
N PRO A 46 -20.95 15.04 -25.46
CA PRO A 46 -21.54 16.37 -25.32
C PRO A 46 -21.21 16.98 -23.96
N THR A 47 -21.19 18.31 -23.93
CA THR A 47 -20.89 19.02 -22.70
C THR A 47 -22.08 18.98 -21.75
N CYS A 48 -23.26 18.78 -22.34
CA CYS A 48 -24.48 18.72 -21.56
C CYS A 48 -24.71 20.09 -20.91
N SER A 49 -25.95 20.56 -21.02
CA SER A 49 -26.31 21.85 -20.44
C SER A 49 -26.63 21.69 -18.96
N MET A 1 23.60 -18.00 44.96
CA MET A 1 23.82 -16.81 45.76
C MET A 1 24.19 -15.61 44.87
N VAL A 2 24.41 -15.91 43.60
CA VAL A 2 24.77 -14.88 42.65
C VAL A 2 23.91 -15.03 41.40
N ALA A 3 22.91 -14.16 41.29
CA ALA A 3 22.02 -14.18 40.15
C ALA A 3 21.62 -15.63 39.85
N ALA A 4 20.61 -16.10 40.57
CA ALA A 4 20.13 -17.46 40.40
C ALA A 4 18.71 -17.57 40.95
N ALA A 5 17.75 -17.22 40.10
CA ALA A 5 16.35 -17.28 40.50
C ALA A 5 15.47 -17.07 39.26
N MET A 6 15.62 -15.90 38.66
CA MET A 6 14.85 -15.57 37.47
C MET A 6 15.29 -14.23 36.89
N LEU A 7 16.35 -14.28 36.08
CA LEU A 7 16.88 -13.09 35.46
C LEU A 7 15.89 -12.58 34.41
N LEU A 8 15.68 -13.40 33.39
CA LEU A 8 14.76 -13.03 32.33
C LEU A 8 14.98 -11.57 31.93
N ARG A 9 15.89 -11.39 30.99
CA ARG A 9 16.21 -10.06 30.51
C ARG A 9 16.57 -10.10 29.02
N SER A 10 15.89 -10.99 28.31
CA SER A 10 16.13 -11.14 26.88
C SER A 10 14.80 -11.26 26.15
N CYS A 11 13.80 -10.58 26.68
CA CYS A 11 12.47 -10.61 26.08
C CYS A 11 12.41 -9.54 24.99
N PRO A 12 11.56 -9.81 23.96
CA PRO A 12 11.41 -8.88 22.86
C PRO A 12 10.58 -7.66 23.27
N VAL A 13 10.54 -6.69 22.37
CA VAL A 13 9.78 -5.47 22.63
C VAL A 13 9.18 -4.96 21.32
N LEU A 14 10.03 -4.86 20.32
CA LEU A 14 9.60 -4.39 19.01
C LEU A 14 10.35 -5.16 17.92
N SER A 15 11.63 -4.85 17.80
CA SER A 15 12.47 -5.51 16.80
C SER A 15 11.73 -5.54 15.46
N GLN A 16 11.82 -4.44 14.74
CA GLN A 16 11.19 -4.35 13.44
C GLN A 16 9.67 -4.38 13.59
N GLY A 17 9.10 -3.20 13.82
CA GLY A 17 7.66 -3.08 13.99
C GLY A 17 6.99 -2.68 12.68
N PRO A 18 7.19 -1.39 12.30
CA PRO A 18 6.62 -0.87 11.07
C PRO A 18 7.36 -1.38 9.85
N THR A 19 6.65 -2.17 9.04
CA THR A 19 7.24 -2.73 7.84
C THR A 19 7.47 -1.64 6.79
N GLY A 20 6.39 -0.95 6.45
CA GLY A 20 6.46 0.12 5.46
C GLY A 20 5.06 0.52 5.00
N LEU A 21 4.50 1.49 5.71
CA LEU A 21 3.17 1.98 5.37
C LEU A 21 3.29 3.23 4.51
N LEU A 22 4.03 3.09 3.42
CA LEU A 22 4.24 4.20 2.50
C LEU A 22 4.60 3.66 1.12
N GLY A 23 3.60 3.62 0.25
CA GLY A 23 3.80 3.13 -1.10
C GLY A 23 2.71 2.14 -1.50
N LYS A 24 2.62 1.06 -0.74
CA LYS A 24 1.63 0.04 -1.00
C LYS A 24 0.24 0.58 -0.62
N VAL A 25 0.25 1.55 0.29
CA VAL A 25 -0.99 2.15 0.75
C VAL A 25 -1.37 3.29 -0.19
N ALA A 26 -0.39 3.74 -0.95
CA ALA A 26 -0.62 4.82 -1.89
C ALA A 26 -0.85 4.24 -3.29
N LYS A 27 -0.12 3.17 -3.58
CA LYS A 27 -0.25 2.51 -4.87
C LYS A 27 -1.59 1.78 -4.94
N THR A 28 -2.01 1.28 -3.80
CA THR A 28 -3.27 0.55 -3.71
C THR A 28 -4.44 1.49 -4.03
N TYR A 29 -4.18 2.78 -3.91
CA TYR A 29 -5.19 3.78 -4.18
C TYR A 29 -5.09 4.29 -5.61
N GLN A 30 -3.87 4.36 -6.10
CA GLN A 30 -3.62 4.83 -7.45
C GLN A 30 -4.41 3.97 -8.46
N PHE A 31 -4.82 2.80 -8.00
CA PHE A 31 -5.57 1.88 -8.85
C PHE A 31 -7.04 1.86 -8.42
N LEU A 32 -7.26 1.93 -7.12
CA LEU A 32 -8.62 1.91 -6.60
C LEU A 32 -9.38 3.13 -7.11
N PHE A 33 -8.63 4.10 -7.60
CA PHE A 33 -9.22 5.32 -8.12
C PHE A 33 -9.49 5.20 -9.63
N SER A 34 -9.25 3.99 -10.14
CA SER A 34 -9.47 3.73 -11.55
C SER A 34 -10.12 2.35 -11.73
N ILE A 35 -11.32 2.23 -11.17
CA ILE A 35 -12.05 0.98 -11.26
C ILE A 35 -13.51 1.28 -11.60
N GLY A 36 -14.32 1.37 -10.56
CA GLY A 36 -15.74 1.65 -10.73
C GLY A 36 -16.55 1.25 -9.49
N ARG A 37 -17.86 1.22 -9.65
CA ARG A 37 -18.73 0.85 -8.57
C ARG A 37 -20.18 1.26 -8.88
N CYS A 38 -20.30 2.32 -9.67
CA CYS A 38 -21.60 2.82 -10.06
C CYS A 38 -21.44 4.24 -10.58
N PRO A 39 -20.80 5.10 -9.74
CA PRO A 39 -20.57 6.47 -10.11
C PRO A 39 -19.45 6.59 -11.14
N ILE A 40 -19.84 6.79 -12.39
CA ILE A 40 -18.88 6.92 -13.46
C ILE A 40 -18.41 8.37 -13.56
N LEU A 41 -19.16 9.15 -14.32
CA LEU A 41 -18.83 10.55 -14.51
C LEU A 41 -18.81 11.24 -13.14
N ALA A 42 -19.96 11.19 -12.47
CA ALA A 42 -20.07 11.81 -11.16
C ALA A 42 -21.40 11.38 -10.52
N THR A 43 -22.49 11.74 -11.17
CA THR A 43 -23.80 11.40 -10.68
C THR A 43 -24.82 11.42 -11.83
N GLN A 44 -24.96 12.59 -12.43
CA GLN A 44 -25.90 12.74 -13.54
C GLN A 44 -25.80 14.16 -14.10
N GLY A 45 -24.65 14.47 -14.66
CA GLY A 45 -24.42 15.79 -15.24
C GLY A 45 -23.33 16.55 -14.47
N PRO A 46 -23.32 17.89 -14.67
CA PRO A 46 -22.34 18.74 -14.00
C PRO A 46 -22.70 18.92 -12.53
N THR A 47 -23.90 19.42 -12.30
CA THR A 47 -24.37 19.65 -10.94
C THR A 47 -25.89 19.53 -10.87
N CYS A 48 -26.34 18.41 -10.31
CA CYS A 48 -27.76 18.15 -10.18
C CYS A 48 -28.37 18.09 -11.59
N SER A 49 -29.42 17.30 -11.71
CA SER A 49 -30.10 17.14 -12.98
C SER A 49 -29.15 16.52 -14.00
N MET A 1 37.74 -20.08 -10.57
CA MET A 1 36.39 -19.85 -11.06
C MET A 1 35.36 -20.11 -9.96
N VAL A 2 35.22 -19.13 -9.08
CA VAL A 2 34.28 -19.23 -7.97
C VAL A 2 33.08 -18.33 -8.25
N ALA A 3 32.62 -18.36 -9.50
CA ALA A 3 31.49 -17.55 -9.90
C ALA A 3 31.27 -17.69 -11.40
N ALA A 4 30.51 -18.72 -11.76
CA ALA A 4 30.21 -18.99 -13.16
C ALA A 4 29.34 -17.86 -13.71
N ALA A 5 28.13 -17.79 -13.18
CA ALA A 5 27.19 -16.77 -13.61
C ALA A 5 25.91 -16.88 -12.78
N MET A 6 25.89 -16.17 -11.66
CA MET A 6 24.74 -16.18 -10.78
C MET A 6 23.59 -15.36 -11.36
N LEU A 7 23.88 -14.09 -11.60
CA LEU A 7 22.89 -13.19 -12.16
C LEU A 7 23.55 -11.84 -12.48
N LEU A 8 23.92 -11.14 -11.42
CA LEU A 8 24.56 -9.84 -11.58
C LEU A 8 25.08 -9.37 -10.22
N ARG A 9 24.15 -9.09 -9.32
CA ARG A 9 24.50 -8.62 -7.99
C ARG A 9 23.39 -9.01 -6.99
N SER A 10 22.18 -8.64 -7.34
CA SER A 10 21.03 -8.93 -6.50
C SER A 10 21.14 -8.15 -5.19
N CYS A 11 21.51 -6.89 -5.31
CA CYS A 11 21.66 -6.03 -4.14
C CYS A 11 21.86 -4.59 -4.63
N PRO A 12 20.71 -3.94 -4.97
CA PRO A 12 20.75 -2.57 -5.45
C PRO A 12 20.99 -1.60 -4.29
N VAL A 13 20.02 -1.53 -3.40
CA VAL A 13 20.12 -0.65 -2.25
C VAL A 13 19.46 -1.31 -1.04
N LEU A 14 18.17 -1.61 -1.20
CA LEU A 14 17.42 -2.24 -0.13
C LEU A 14 16.54 -3.33 -0.73
N SER A 15 15.67 -2.93 -1.65
CA SER A 15 14.77 -3.85 -2.30
C SER A 15 13.61 -4.19 -1.36
N GLN A 16 13.95 -4.70 -0.18
CA GLN A 16 12.95 -5.06 0.80
C GLN A 16 13.61 -5.26 2.17
N GLY A 17 13.61 -4.18 2.94
CA GLY A 17 14.20 -4.22 4.28
C GLY A 17 13.12 -4.24 5.35
N PRO A 18 12.49 -3.05 5.55
CA PRO A 18 11.43 -2.92 6.55
C PRO A 18 10.14 -3.57 6.06
N THR A 19 9.09 -3.42 6.86
CA THR A 19 7.80 -3.99 6.52
C THR A 19 7.20 -3.27 5.31
N GLY A 20 6.98 -1.97 5.48
CA GLY A 20 6.42 -1.16 4.41
C GLY A 20 4.93 -0.87 4.67
N LEU A 21 4.64 0.39 4.93
CA LEU A 21 3.28 0.81 5.20
C LEU A 21 3.12 2.28 4.81
N LEU A 22 3.14 2.51 3.50
CA LEU A 22 2.99 3.87 2.99
C LEU A 22 2.92 3.82 1.46
N GLY A 23 4.04 3.44 0.86
CA GLY A 23 4.11 3.34 -0.59
C GLY A 23 3.13 2.29 -1.12
N LYS A 24 2.83 1.33 -0.27
CA LYS A 24 1.91 0.25 -0.65
C LYS A 24 0.49 0.81 -0.70
N VAL A 25 0.25 1.83 0.11
CA VAL A 25 -1.05 2.47 0.16
C VAL A 25 -1.22 3.40 -1.04
N ALA A 26 -0.08 3.79 -1.60
CA ALA A 26 -0.08 4.69 -2.75
C ALA A 26 -0.60 3.95 -3.97
N LYS A 27 0.12 2.89 -4.34
CA LYS A 27 -0.25 2.08 -5.49
C LYS A 27 -1.72 1.68 -5.37
N THR A 28 -2.04 1.08 -4.23
CA THR A 28 -3.40 0.64 -3.98
C THR A 28 -4.40 1.70 -4.43
N TYR A 29 -4.28 2.88 -3.83
CA TYR A 29 -5.15 3.99 -4.16
C TYR A 29 -4.97 4.42 -5.62
N GLN A 30 -3.72 4.44 -6.04
CA GLN A 30 -3.40 4.83 -7.41
C GLN A 30 -4.24 4.01 -8.40
N PHE A 31 -4.72 2.88 -7.92
CA PHE A 31 -5.54 2.00 -8.75
C PHE A 31 -6.98 2.00 -8.28
N LEU A 32 -7.16 1.76 -6.99
CA LEU A 32 -8.49 1.71 -6.41
C LEU A 32 -9.26 2.98 -6.82
N PHE A 33 -8.50 4.05 -7.02
CA PHE A 33 -9.09 5.31 -7.41
C PHE A 33 -10.13 5.11 -8.52
N SER A 34 -9.80 4.22 -9.44
CA SER A 34 -10.69 3.94 -10.55
C SER A 34 -10.53 2.48 -10.99
N ILE A 35 -11.38 1.63 -10.43
CA ILE A 35 -11.33 0.21 -10.75
C ILE A 35 -12.56 -0.16 -11.60
N GLY A 36 -13.62 0.62 -11.41
CA GLY A 36 -14.84 0.39 -12.16
C GLY A 36 -15.32 1.68 -12.85
N ARG A 37 -16.61 1.92 -12.74
CA ARG A 37 -17.20 3.10 -13.35
C ARG A 37 -17.64 4.10 -12.27
N CYS A 38 -17.90 3.56 -11.09
CA CYS A 38 -18.32 4.39 -9.97
C CYS A 38 -18.62 3.47 -8.79
N PRO A 39 -17.54 2.83 -8.27
CA PRO A 39 -17.68 1.92 -7.14
C PRO A 39 -17.88 2.70 -5.84
N ILE A 40 -19.12 2.76 -5.41
CA ILE A 40 -19.47 3.47 -4.18
C ILE A 40 -18.68 2.86 -3.02
N LEU A 41 -19.29 1.86 -2.40
CA LEU A 41 -18.67 1.20 -1.27
C LEU A 41 -18.36 -0.26 -1.65
N ALA A 42 -17.61 -0.41 -2.73
CA ALA A 42 -17.24 -1.72 -3.22
C ALA A 42 -18.48 -2.61 -3.24
N THR A 43 -19.49 -2.15 -3.96
CA THR A 43 -20.73 -2.89 -4.08
C THR A 43 -21.37 -3.10 -2.70
N GLN A 44 -21.48 -2.00 -1.96
CA GLN A 44 -22.06 -2.06 -0.63
C GLN A 44 -22.52 -0.66 -0.20
N GLY A 45 -22.86 0.15 -1.19
CA GLY A 45 -23.32 1.50 -0.93
C GLY A 45 -24.66 1.50 -0.22
N PRO A 46 -25.26 2.71 -0.10
CA PRO A 46 -26.54 2.86 0.57
C PRO A 46 -27.68 2.35 -0.32
N THR A 47 -28.67 1.75 0.32
CA THR A 47 -29.82 1.22 -0.39
C THR A 47 -30.73 2.36 -0.84
N CYS A 48 -30.83 3.37 0.01
CA CYS A 48 -31.67 4.52 -0.30
C CYS A 48 -33.13 4.04 -0.39
N SER A 49 -34.03 4.93 -0.02
CA SER A 49 -35.45 4.62 -0.07
C SER A 49 -35.77 3.54 0.97
N MET A 1 21.78 -20.21 32.31
CA MET A 1 21.35 -20.55 33.66
C MET A 1 21.51 -19.35 34.60
N VAL A 2 22.17 -18.32 34.09
CA VAL A 2 22.39 -17.11 34.88
C VAL A 2 22.13 -15.88 34.00
N ALA A 3 20.90 -15.80 33.51
CA ALA A 3 20.51 -14.68 32.67
C ALA A 3 19.04 -14.84 32.27
N ALA A 4 18.30 -13.74 32.41
CA ALA A 4 16.89 -13.74 32.07
C ALA A 4 16.64 -12.76 30.92
N ALA A 5 17.22 -13.07 29.78
CA ALA A 5 17.07 -12.23 28.61
C ALA A 5 15.59 -12.08 28.28
N MET A 6 14.97 -13.21 27.98
CA MET A 6 13.55 -13.23 27.65
C MET A 6 13.29 -12.43 26.37
N LEU A 7 13.55 -13.07 25.23
CA LEU A 7 13.34 -12.44 23.95
C LEU A 7 13.32 -13.52 22.85
N LEU A 8 14.48 -14.09 22.61
CA LEU A 8 14.61 -15.13 21.60
C LEU A 8 13.86 -14.70 20.34
N ARG A 9 14.53 -13.93 19.51
CA ARG A 9 13.95 -13.44 18.27
C ARG A 9 15.03 -13.20 17.22
N SER A 10 15.78 -12.13 17.44
CA SER A 10 16.85 -11.77 16.53
C SER A 10 16.30 -10.96 15.36
N CYS A 11 14.97 -10.88 15.30
CA CYS A 11 14.30 -10.14 14.25
C CYS A 11 14.76 -10.70 12.90
N PRO A 12 14.04 -11.77 12.44
CA PRO A 12 14.36 -12.40 11.17
C PRO A 12 13.90 -11.54 10.00
N VAL A 13 12.94 -10.67 10.28
CA VAL A 13 12.41 -9.79 9.26
C VAL A 13 13.18 -8.46 9.28
N LEU A 14 13.90 -8.25 10.37
CA LEU A 14 14.69 -7.04 10.53
C LEU A 14 13.81 -5.94 11.12
N SER A 15 12.64 -5.78 10.53
CA SER A 15 11.69 -4.77 10.99
C SER A 15 12.43 -3.46 11.26
N GLN A 16 12.71 -2.73 10.18
CA GLN A 16 13.41 -1.47 10.29
C GLN A 16 13.19 -0.63 9.02
N GLY A 17 13.37 -1.30 7.88
CA GLY A 17 13.20 -0.64 6.59
C GLY A 17 11.72 -0.60 6.19
N PRO A 18 11.15 -1.82 5.99
CA PRO A 18 9.76 -1.93 5.60
C PRO A 18 8.83 -1.65 6.78
N THR A 19 8.52 -2.72 7.52
CA THR A 19 7.64 -2.60 8.67
C THR A 19 6.19 -2.52 8.22
N GLY A 20 5.91 -1.58 7.34
CA GLY A 20 4.57 -1.40 6.82
C GLY A 20 4.59 -0.94 5.36
N LEU A 21 5.46 0.03 5.09
CA LEU A 21 5.59 0.56 3.75
C LEU A 21 4.31 1.32 3.38
N LEU A 22 4.36 2.63 3.58
CA LEU A 22 3.22 3.47 3.27
C LEU A 22 3.01 3.52 1.75
N GLY A 23 4.13 3.44 1.03
CA GLY A 23 4.08 3.48 -0.41
C GLY A 23 3.19 2.36 -0.96
N LYS A 24 2.93 1.38 -0.11
CA LYS A 24 2.09 0.26 -0.50
C LYS A 24 0.65 0.74 -0.66
N VAL A 25 0.21 1.54 0.31
CA VAL A 25 -1.15 2.07 0.28
C VAL A 25 -1.21 3.22 -0.73
N ALA A 26 -0.07 3.51 -1.32
CA ALA A 26 0.00 4.58 -2.31
C ALA A 26 -0.57 4.09 -3.64
N LYS A 27 0.14 3.15 -4.24
CA LYS A 27 -0.27 2.59 -5.52
C LYS A 27 -1.71 2.09 -5.40
N THR A 28 -1.97 1.40 -4.29
CA THR A 28 -3.30 0.86 -4.05
C THR A 28 -4.37 1.86 -4.50
N TYR A 29 -4.18 3.10 -4.11
CA TYR A 29 -5.12 4.15 -4.48
C TYR A 29 -5.12 4.39 -5.99
N GLN A 30 -3.93 4.44 -6.55
CA GLN A 30 -3.77 4.66 -7.98
C GLN A 30 -4.60 3.64 -8.76
N PHE A 31 -4.94 2.55 -8.08
CA PHE A 31 -5.73 1.50 -8.70
C PHE A 31 -7.15 1.46 -8.11
N LEU A 32 -7.26 1.99 -6.91
CA LEU A 32 -8.55 2.03 -6.22
C LEU A 32 -9.22 3.38 -6.47
N PHE A 33 -8.73 4.07 -7.50
CA PHE A 33 -9.27 5.37 -7.86
C PHE A 33 -10.40 5.24 -8.88
N SER A 34 -10.41 4.10 -9.56
CA SER A 34 -11.41 3.83 -10.57
C SER A 34 -11.61 2.32 -10.73
N ILE A 35 -10.49 1.62 -10.80
CA ILE A 35 -10.53 0.17 -10.95
C ILE A 35 -11.10 -0.18 -12.33
N GLY A 36 -11.13 0.82 -13.19
CA GLY A 36 -11.64 0.64 -14.54
C GLY A 36 -10.65 -0.17 -15.39
N ARG A 37 -10.53 -1.44 -15.06
CA ARG A 37 -9.63 -2.33 -15.78
C ARG A 37 -10.15 -3.76 -15.74
N CYS A 38 -11.06 -4.05 -16.67
CA CYS A 38 -11.64 -5.38 -16.75
C CYS A 38 -11.85 -5.72 -18.23
N PRO A 39 -11.78 -7.05 -18.54
CA PRO A 39 -11.97 -7.51 -19.90
C PRO A 39 -13.44 -7.46 -20.30
N ILE A 40 -13.70 -6.73 -21.36
CA ILE A 40 -15.05 -6.59 -21.86
C ILE A 40 -15.36 -7.72 -22.84
N LEU A 41 -15.39 -8.93 -22.30
CA LEU A 41 -15.66 -10.11 -23.10
C LEU A 41 -14.47 -10.38 -24.02
N ALA A 42 -13.33 -10.66 -23.41
CA ALA A 42 -12.12 -10.94 -24.16
C ALA A 42 -11.30 -12.01 -23.43
N THR A 43 -11.90 -13.19 -23.33
CA THR A 43 -11.24 -14.30 -22.66
C THR A 43 -10.18 -14.93 -23.58
N GLN A 44 -10.59 -15.15 -24.82
CA GLN A 44 -9.69 -15.74 -25.81
C GLN A 44 -10.03 -15.22 -27.20
N GLY A 45 -11.27 -15.47 -27.61
CA GLY A 45 -11.73 -15.05 -28.92
C GLY A 45 -12.11 -16.25 -29.79
N PRO A 46 -11.08 -17.02 -30.21
CA PRO A 46 -11.29 -18.18 -31.03
C PRO A 46 -11.85 -19.35 -30.21
N THR A 47 -12.28 -20.38 -30.91
CA THR A 47 -12.84 -21.55 -30.25
C THR A 47 -12.02 -22.80 -30.62
N CYS A 48 -11.36 -23.34 -29.60
CA CYS A 48 -10.55 -24.53 -29.80
C CYS A 48 -9.40 -24.17 -30.74
N SER A 49 -8.52 -23.31 -30.26
CA SER A 49 -7.37 -22.88 -31.05
C SER A 49 -7.85 -22.07 -32.25
N MET A 1 26.54 -25.98 29.14
CA MET A 1 25.20 -25.60 29.51
C MET A 1 24.98 -24.09 29.33
N VAL A 2 25.38 -23.62 28.15
CA VAL A 2 25.24 -22.20 27.84
C VAL A 2 25.39 -22.00 26.33
N ALA A 3 24.64 -21.04 25.81
CA ALA A 3 24.68 -20.74 24.39
C ALA A 3 23.76 -19.55 24.10
N ALA A 4 24.31 -18.59 23.37
CA ALA A 4 23.56 -17.40 23.01
C ALA A 4 22.18 -17.81 22.47
N ALA A 5 22.21 -18.60 21.41
CA ALA A 5 20.99 -19.06 20.79
C ALA A 5 21.25 -20.38 20.06
N MET A 6 22.16 -20.31 19.10
CA MET A 6 22.52 -21.48 18.32
C MET A 6 23.97 -21.40 17.84
N LEU A 7 24.26 -20.31 17.14
CA LEU A 7 25.61 -20.10 16.62
C LEU A 7 25.93 -18.60 16.63
N LEU A 8 25.19 -17.86 15.81
CA LEU A 8 25.39 -16.43 15.73
C LEU A 8 24.30 -15.83 14.82
N ARG A 9 23.12 -15.66 15.40
CA ARG A 9 22.01 -15.10 14.65
C ARG A 9 21.08 -14.31 15.60
N SER A 10 21.70 -13.73 16.61
CA SER A 10 20.95 -12.95 17.58
C SER A 10 21.06 -11.46 17.24
N CYS A 11 21.17 -11.18 15.95
CA CYS A 11 21.28 -9.80 15.49
C CYS A 11 19.89 -9.35 15.01
N PRO A 12 19.64 -8.02 15.15
CA PRO A 12 18.37 -7.46 14.73
C PRO A 12 18.29 -7.34 13.21
N VAL A 13 17.09 -7.55 12.69
CA VAL A 13 16.87 -7.47 11.26
C VAL A 13 16.45 -6.06 10.89
N LEU A 14 17.03 -5.10 11.59
CA LEU A 14 16.72 -3.69 11.34
C LEU A 14 15.23 -3.46 11.57
N SER A 15 14.84 -3.51 12.84
CA SER A 15 13.45 -3.29 13.19
C SER A 15 13.04 -1.85 12.91
N GLN A 16 13.85 -0.93 13.43
CA GLN A 16 13.59 0.49 13.25
C GLN A 16 14.59 1.09 12.25
N GLY A 17 14.54 0.57 11.04
CA GLY A 17 15.43 1.04 10.00
C GLY A 17 14.65 1.43 8.73
N PRO A 18 14.20 0.39 7.99
CA PRO A 18 13.43 0.61 6.78
C PRO A 18 12.01 1.04 7.10
N THR A 19 11.31 1.48 6.06
CA THR A 19 9.93 1.93 6.22
C THR A 19 9.11 1.55 4.98
N GLY A 20 8.60 0.33 5.00
CA GLY A 20 7.80 -0.17 3.89
C GLY A 20 6.31 -0.05 4.21
N LEU A 21 5.90 1.16 4.59
CA LEU A 21 4.51 1.41 4.91
C LEU A 21 4.11 2.79 4.38
N LEU A 22 3.83 2.82 3.08
CA LEU A 22 3.43 4.06 2.45
C LEU A 22 3.08 3.79 0.98
N GLY A 23 4.03 3.19 0.28
CA GLY A 23 3.84 2.86 -1.13
C GLY A 23 2.81 1.74 -1.28
N LYS A 24 2.46 1.13 -0.16
CA LYS A 24 1.49 0.05 -0.17
C LYS A 24 0.08 0.63 -0.10
N VAL A 25 0.01 1.90 0.28
CA VAL A 25 -1.27 2.57 0.39
C VAL A 25 -1.42 3.56 -0.78
N ALA A 26 -0.28 3.96 -1.33
CA ALA A 26 -0.28 4.88 -2.45
C ALA A 26 -0.68 4.15 -3.72
N LYS A 27 0.15 3.18 -4.09
CA LYS A 27 -0.10 2.40 -5.29
C LYS A 27 -1.55 1.88 -5.26
N THR A 28 -1.88 1.22 -4.15
CA THR A 28 -3.21 0.68 -3.99
C THR A 28 -4.27 1.69 -4.47
N TYR A 29 -4.24 2.86 -3.83
CA TYR A 29 -5.19 3.91 -4.18
C TYR A 29 -5.01 4.35 -5.63
N GLN A 30 -3.75 4.47 -6.04
CA GLN A 30 -3.43 4.88 -7.39
C GLN A 30 -4.21 4.03 -8.40
N PHE A 31 -4.62 2.85 -7.95
CA PHE A 31 -5.37 1.95 -8.79
C PHE A 31 -6.83 1.85 -8.34
N LEU A 32 -7.00 1.81 -7.02
CA LEU A 32 -8.33 1.71 -6.46
C LEU A 32 -9.17 2.90 -6.93
N PHE A 33 -8.51 4.05 -7.02
CA PHE A 33 -9.18 5.26 -7.45
C PHE A 33 -10.04 5.00 -8.69
N SER A 34 -9.43 4.33 -9.66
CA SER A 34 -10.13 4.00 -10.90
C SER A 34 -9.78 2.58 -11.34
N ILE A 35 -10.45 1.62 -10.73
CA ILE A 35 -10.22 0.23 -11.05
C ILE A 35 -10.40 0.02 -12.56
N GLY A 36 -11.60 -0.42 -12.92
CA GLY A 36 -11.92 -0.65 -14.32
C GLY A 36 -11.19 -1.91 -14.84
N ARG A 37 -11.83 -3.04 -14.63
CA ARG A 37 -11.25 -4.31 -15.06
C ARG A 37 -11.94 -5.47 -14.34
N CYS A 38 -12.39 -5.19 -13.13
CA CYS A 38 -13.06 -6.21 -12.33
C CYS A 38 -14.42 -5.65 -11.88
N PRO A 39 -15.38 -6.57 -11.69
CA PRO A 39 -16.71 -6.19 -11.25
C PRO A 39 -16.73 -5.82 -9.77
N ILE A 40 -17.32 -4.68 -9.48
CA ILE A 40 -17.41 -4.20 -8.11
C ILE A 40 -18.77 -4.60 -7.52
N LEU A 41 -19.74 -4.75 -8.41
CA LEU A 41 -21.08 -5.14 -7.99
C LEU A 41 -21.94 -5.38 -9.22
N ALA A 42 -21.48 -6.30 -10.05
CA ALA A 42 -22.19 -6.65 -11.27
C ALA A 42 -21.60 -7.93 -11.87
N THR A 43 -21.96 -9.04 -11.24
CA THR A 43 -21.47 -10.34 -11.68
C THR A 43 -22.64 -11.31 -11.85
N GLN A 44 -23.50 -11.33 -10.85
CA GLN A 44 -24.66 -12.20 -10.87
C GLN A 44 -25.67 -11.78 -9.80
N GLY A 45 -25.16 -11.54 -8.60
CA GLY A 45 -26.00 -11.12 -7.49
C GLY A 45 -25.59 -9.75 -6.98
N PRO A 46 -26.21 -8.70 -7.58
CA PRO A 46 -25.92 -7.34 -7.20
C PRO A 46 -26.57 -6.99 -5.86
N THR A 47 -27.84 -7.34 -5.75
CA THR A 47 -28.60 -7.07 -4.52
C THR A 47 -28.38 -8.20 -3.52
N CYS A 48 -28.71 -9.41 -3.95
CA CYS A 48 -28.57 -10.57 -3.09
C CYS A 48 -29.60 -10.49 -1.98
N SER A 49 -30.11 -11.65 -1.59
CA SER A 49 -31.11 -11.73 -0.54
C SER A 49 -30.43 -11.80 0.83
N MET A 1 21.92 4.95 48.19
CA MET A 1 21.17 5.90 47.39
C MET A 1 19.67 5.64 47.49
N VAL A 2 18.91 6.59 46.96
CA VAL A 2 17.47 6.48 46.98
C VAL A 2 16.91 6.74 45.57
N ALA A 3 15.73 6.21 45.33
CA ALA A 3 15.09 6.38 44.04
C ALA A 3 15.63 5.33 43.06
N ALA A 4 14.86 4.27 42.87
CA ALA A 4 15.28 3.21 41.97
C ALA A 4 15.84 3.81 40.68
N ALA A 5 14.98 4.51 39.96
CA ALA A 5 15.38 5.13 38.71
C ALA A 5 15.85 4.07 37.73
N MET A 6 14.91 3.59 36.93
CA MET A 6 15.21 2.56 35.95
C MET A 6 13.98 2.25 35.09
N LEU A 7 13.80 3.05 34.05
CA LEU A 7 12.68 2.88 33.15
C LEU A 7 12.77 1.50 32.50
N LEU A 8 14.00 1.12 32.16
CA LEU A 8 14.23 -0.17 31.52
C LEU A 8 14.08 -0.02 30.01
N ARG A 9 15.21 0.00 29.33
CA ARG A 9 15.21 0.14 27.88
C ARG A 9 16.51 -0.41 27.29
N SER A 10 17.61 -0.04 27.93
CA SER A 10 18.92 -0.50 27.49
C SER A 10 19.20 0.01 26.08
N CYS A 11 18.92 1.30 25.88
CA CYS A 11 19.14 1.92 24.59
C CYS A 11 18.32 1.16 23.54
N PRO A 12 17.09 1.66 23.28
CA PRO A 12 16.21 1.04 22.30
C PRO A 12 16.67 1.32 20.87
N VAL A 13 16.06 0.62 19.94
CA VAL A 13 16.40 0.80 18.53
C VAL A 13 15.23 0.33 17.67
N LEU A 14 14.68 -0.83 18.03
CA LEU A 14 13.57 -1.39 17.31
C LEU A 14 14.09 -2.26 16.16
N SER A 15 15.11 -1.75 15.49
CA SER A 15 15.72 -2.47 14.38
C SER A 15 14.66 -2.75 13.31
N GLN A 16 14.73 -1.98 12.23
CA GLN A 16 13.80 -2.13 11.13
C GLN A 16 12.39 -2.40 11.67
N GLY A 17 11.73 -1.33 12.08
CA GLY A 17 10.38 -1.45 12.61
C GLY A 17 9.34 -1.39 11.49
N PRO A 18 9.22 -0.17 10.88
CA PRO A 18 8.27 0.04 9.81
C PRO A 18 8.78 -0.60 8.50
N THR A 19 7.97 -1.53 8.00
CA THR A 19 8.32 -2.22 6.77
C THR A 19 8.01 -1.35 5.55
N GLY A 20 6.73 -1.03 5.41
CA GLY A 20 6.29 -0.20 4.30
C GLY A 20 4.80 0.14 4.42
N LEU A 21 4.50 1.02 5.36
CA LEU A 21 3.13 1.44 5.59
C LEU A 21 2.86 2.74 4.84
N LEU A 22 3.10 2.69 3.53
CA LEU A 22 2.90 3.86 2.70
C LEU A 22 2.89 3.42 1.23
N GLY A 23 3.99 2.81 0.82
CA GLY A 23 4.12 2.35 -0.55
C GLY A 23 2.85 1.62 -1.01
N LYS A 24 2.16 1.05 -0.04
CA LYS A 24 0.93 0.33 -0.33
C LYS A 24 -0.17 1.32 -0.70
N VAL A 25 -0.25 2.38 0.08
CA VAL A 25 -1.25 3.41 -0.15
C VAL A 25 -0.80 4.28 -1.34
N ALA A 26 0.46 4.16 -1.69
CA ALA A 26 1.02 4.91 -2.80
C ALA A 26 1.10 4.01 -4.03
N LYS A 27 -0.03 3.40 -4.35
CA LYS A 27 -0.10 2.52 -5.50
C LYS A 27 -1.47 1.83 -5.53
N THR A 28 -1.79 1.19 -4.42
CA THR A 28 -3.06 0.48 -4.30
C THR A 28 -4.22 1.45 -4.55
N TYR A 29 -4.17 2.57 -3.85
CA TYR A 29 -5.21 3.59 -3.98
C TYR A 29 -5.17 4.24 -5.36
N GLN A 30 -3.95 4.50 -5.82
CA GLN A 30 -3.76 5.12 -7.12
C GLN A 30 -4.48 4.31 -8.21
N PHE A 31 -4.77 3.06 -7.87
CA PHE A 31 -5.44 2.18 -8.80
C PHE A 31 -6.88 1.89 -8.34
N LEU A 32 -7.02 1.71 -7.05
CA LEU A 32 -8.32 1.43 -6.47
C LEU A 32 -9.28 2.56 -6.82
N PHE A 33 -8.75 3.77 -6.80
CA PHE A 33 -9.55 4.95 -7.11
C PHE A 33 -10.22 4.81 -8.48
N SER A 34 -9.37 4.68 -9.50
CA SER A 34 -9.85 4.54 -10.86
C SER A 34 -9.86 3.06 -11.27
N ILE A 35 -10.75 2.31 -10.63
CA ILE A 35 -10.87 0.89 -10.92
C ILE A 35 -10.74 0.66 -12.42
N GLY A 36 -11.17 1.66 -13.19
CA GLY A 36 -11.11 1.58 -14.63
C GLY A 36 -12.46 1.22 -15.22
N ARG A 37 -13.25 2.25 -15.49
CA ARG A 37 -14.57 2.05 -16.07
C ARG A 37 -14.74 2.90 -17.33
N CYS A 38 -13.62 3.19 -17.96
CA CYS A 38 -13.62 3.99 -19.17
C CYS A 38 -14.14 3.11 -20.32
N PRO A 39 -13.48 1.93 -20.49
CA PRO A 39 -13.86 1.01 -21.53
C PRO A 39 -15.15 0.27 -21.17
N ILE A 40 -15.22 -0.16 -19.92
CA ILE A 40 -16.38 -0.88 -19.43
C ILE A 40 -17.65 -0.22 -19.99
N LEU A 41 -17.62 1.11 -20.06
CA LEU A 41 -18.74 1.86 -20.58
C LEU A 41 -18.26 2.84 -21.65
N ALA A 42 -17.84 2.28 -22.77
CA ALA A 42 -17.34 3.09 -23.87
C ALA A 42 -18.51 3.85 -24.51
N THR A 43 -19.43 3.09 -25.08
CA THR A 43 -20.60 3.68 -25.71
C THR A 43 -21.70 2.62 -25.90
N GLN A 44 -21.29 1.47 -26.41
CA GLN A 44 -22.21 0.39 -26.63
C GLN A 44 -21.46 -0.89 -27.00
N GLY A 45 -20.96 -1.56 -25.97
CA GLY A 45 -20.22 -2.79 -26.17
C GLY A 45 -20.49 -3.79 -25.05
N PRO A 46 -20.21 -5.08 -25.34
CA PRO A 46 -20.41 -6.13 -24.36
C PRO A 46 -19.33 -6.11 -23.28
N THR A 47 -19.56 -6.89 -22.24
CA THR A 47 -18.61 -6.97 -21.14
C THR A 47 -17.36 -7.74 -21.57
N CYS A 48 -16.44 -7.03 -22.19
CA CYS A 48 -15.21 -7.63 -22.65
C CYS A 48 -14.05 -7.03 -21.86
N SER A 49 -13.11 -7.88 -21.48
CA SER A 49 -11.95 -7.45 -20.71
C SER A 49 -12.41 -6.92 -19.35
N MET A 1 41.03 6.57 -8.13
CA MET A 1 40.45 5.30 -7.74
C MET A 1 39.00 5.19 -8.23
N VAL A 2 38.49 6.30 -8.72
CA VAL A 2 37.13 6.34 -9.23
C VAL A 2 36.21 5.61 -8.24
N ALA A 3 36.57 5.69 -6.97
CA ALA A 3 35.79 5.05 -5.93
C ALA A 3 36.11 5.71 -4.59
N ALA A 4 36.15 4.88 -3.55
CA ALA A 4 36.44 5.37 -2.21
C ALA A 4 36.64 4.18 -1.27
N ALA A 5 35.62 3.35 -1.18
CA ALA A 5 35.68 2.17 -0.32
C ALA A 5 34.46 1.28 -0.61
N MET A 6 34.33 0.91 -1.87
CA MET A 6 33.22 0.06 -2.28
C MET A 6 31.93 0.45 -1.55
N LEU A 7 31.56 1.71 -1.71
CA LEU A 7 30.35 2.21 -1.06
C LEU A 7 30.02 3.60 -1.62
N LEU A 8 29.41 3.60 -2.80
CA LEU A 8 29.04 4.85 -3.45
C LEU A 8 27.73 5.36 -2.86
N ARG A 9 26.66 4.62 -3.13
CA ARG A 9 25.35 4.99 -2.64
C ARG A 9 24.32 3.93 -3.01
N SER A 10 24.73 2.67 -2.85
CA SER A 10 23.85 1.56 -3.18
C SER A 10 23.12 1.08 -1.92
N CYS A 11 22.74 2.06 -1.10
CA CYS A 11 22.04 1.75 0.14
C CYS A 11 21.00 2.85 0.38
N PRO A 12 19.98 2.88 -0.52
CA PRO A 12 18.92 3.87 -0.41
C PRO A 12 17.96 3.52 0.72
N VAL A 13 17.27 2.40 0.54
CA VAL A 13 16.31 1.95 1.54
C VAL A 13 15.78 0.57 1.13
N LEU A 14 15.53 0.42 -0.17
CA LEU A 14 15.02 -0.83 -0.69
C LEU A 14 13.50 -0.81 -0.65
N SER A 15 12.97 -0.33 0.48
CA SER A 15 11.54 -0.26 0.67
C SER A 15 10.89 -1.60 0.30
N GLN A 16 11.47 -2.66 0.84
CA GLN A 16 10.96 -4.00 0.58
C GLN A 16 11.55 -5.00 1.57
N GLY A 17 11.49 -4.63 2.84
CA GLY A 17 12.02 -5.47 3.89
C GLY A 17 10.89 -6.14 4.68
N PRO A 18 10.25 -5.33 5.57
CA PRO A 18 9.15 -5.82 6.37
C PRO A 18 7.87 -5.98 5.55
N THR A 19 7.38 -4.84 5.07
CA THR A 19 6.18 -4.84 4.26
C THR A 19 6.09 -3.55 3.44
N GLY A 20 6.02 -2.44 4.14
CA GLY A 20 5.93 -1.14 3.48
C GLY A 20 4.57 -0.50 3.72
N LEU A 21 4.54 0.46 4.63
CA LEU A 21 3.31 1.15 4.95
C LEU A 21 3.27 2.48 4.20
N LEU A 22 3.71 2.44 2.96
CA LEU A 22 3.73 3.62 2.12
C LEU A 22 3.19 3.27 0.73
N GLY A 23 3.93 2.42 0.04
CA GLY A 23 3.53 2.00 -1.29
C GLY A 23 2.16 1.31 -1.27
N LYS A 24 1.80 0.83 -0.09
CA LYS A 24 0.52 0.15 0.08
C LYS A 24 -0.61 1.18 0.04
N VAL A 25 -0.24 2.43 0.34
CA VAL A 25 -1.20 3.51 0.34
C VAL A 25 -0.94 4.43 -0.85
N ALA A 26 0.33 4.50 -1.23
CA ALA A 26 0.73 5.33 -2.36
C ALA A 26 1.02 4.45 -3.57
N LYS A 27 0.03 3.64 -3.93
CA LYS A 27 0.16 2.75 -5.07
C LYS A 27 -1.15 1.98 -5.26
N THR A 28 -1.72 1.55 -4.15
CA THR A 28 -2.98 0.82 -4.18
C THR A 28 -4.14 1.76 -4.47
N TYR A 29 -4.08 2.94 -3.86
CA TYR A 29 -5.12 3.93 -4.04
C TYR A 29 -5.13 4.46 -5.48
N GLN A 30 -3.93 4.63 -6.02
CA GLN A 30 -3.79 5.13 -7.38
C GLN A 30 -4.42 4.15 -8.37
N PHE A 31 -4.73 2.96 -7.88
CA PHE A 31 -5.34 1.94 -8.71
C PHE A 31 -6.79 1.71 -8.30
N LEU A 32 -6.99 1.54 -7.01
CA LEU A 32 -8.33 1.31 -6.47
C LEU A 32 -9.26 2.42 -6.95
N PHE A 33 -8.68 3.60 -7.12
CA PHE A 33 -9.45 4.75 -7.57
C PHE A 33 -10.35 4.39 -8.74
N SER A 34 -9.94 3.37 -9.48
CA SER A 34 -10.70 2.91 -10.63
C SER A 34 -12.02 2.29 -10.16
N ILE A 35 -11.99 0.97 -10.00
CA ILE A 35 -13.18 0.25 -9.57
C ILE A 35 -13.86 1.03 -8.44
N GLY A 36 -13.03 1.73 -7.67
CA GLY A 36 -13.55 2.52 -6.57
C GLY A 36 -14.58 1.72 -5.76
N ARG A 37 -14.08 1.00 -4.77
CA ARG A 37 -14.95 0.20 -3.92
C ARG A 37 -14.15 -0.39 -2.76
N CYS A 38 -14.19 0.32 -1.64
CA CYS A 38 -13.47 -0.11 -0.44
C CYS A 38 -13.97 0.71 0.74
N PRO A 39 -15.26 0.47 1.12
CA PRO A 39 -15.86 1.17 2.23
C PRO A 39 -15.33 0.66 3.56
N ILE A 40 -14.17 1.16 3.94
CA ILE A 40 -13.55 0.74 5.20
C ILE A 40 -13.96 1.73 6.30
N LEU A 41 -14.16 2.97 5.90
CA LEU A 41 -14.55 4.01 6.84
C LEU A 41 -15.87 3.61 7.50
N ALA A 42 -16.84 3.26 6.67
CA ALA A 42 -18.14 2.87 7.16
C ALA A 42 -18.07 1.45 7.71
N THR A 43 -17.28 1.30 8.78
CA THR A 43 -17.12 0.00 9.40
C THR A 43 -18.23 -0.24 10.43
N GLN A 44 -18.70 0.86 11.01
CA GLN A 44 -19.76 0.78 12.00
C GLN A 44 -20.53 2.11 12.06
N GLY A 45 -21.12 2.45 10.93
CA GLY A 45 -21.89 3.68 10.84
C GLY A 45 -23.39 3.39 10.70
N PRO A 46 -24.15 4.43 10.29
CA PRO A 46 -25.59 4.29 10.13
C PRO A 46 -25.92 3.51 8.87
N THR A 47 -25.40 2.29 8.80
CA THR A 47 -25.63 1.44 7.66
C THR A 47 -26.24 0.11 8.10
N CYS A 48 -27.29 -0.30 7.39
CA CYS A 48 -27.97 -1.54 7.71
C CYS A 48 -27.26 -2.68 6.95
N SER A 49 -27.29 -2.57 5.63
CA SER A 49 -26.66 -3.58 4.78
C SER A 49 -27.34 -4.93 4.99
N MET A 1 29.85 -17.84 44.39
CA MET A 1 29.53 -16.82 43.40
C MET A 1 28.03 -16.81 43.09
N VAL A 2 27.46 -15.61 43.13
CA VAL A 2 26.04 -15.45 42.86
C VAL A 2 25.73 -13.97 42.62
N ALA A 3 24.48 -13.62 42.83
CA ALA A 3 24.04 -12.25 42.64
C ALA A 3 22.75 -12.02 43.42
N ALA A 4 21.87 -11.23 42.83
CA ALA A 4 20.59 -10.93 43.46
C ALA A 4 19.58 -10.51 42.39
N ALA A 5 19.93 -9.44 41.68
CA ALA A 5 19.06 -8.93 40.63
C ALA A 5 19.74 -7.73 39.95
N MET A 6 20.53 -8.04 38.93
CA MET A 6 21.23 -7.01 38.20
C MET A 6 21.49 -7.44 36.75
N LEU A 7 20.40 -7.52 35.99
CA LEU A 7 20.50 -7.93 34.60
C LEU A 7 20.65 -6.68 33.73
N LEU A 8 19.73 -5.75 33.89
CA LEU A 8 19.74 -4.52 33.13
C LEU A 8 19.11 -4.75 31.76
N ARG A 9 17.85 -5.18 31.80
CA ARG A 9 17.11 -5.45 30.58
C ARG A 9 15.66 -5.78 30.89
N SER A 10 15.49 -6.60 31.93
CA SER A 10 14.15 -7.00 32.35
C SER A 10 13.28 -7.27 31.12
N CYS A 11 13.90 -7.83 30.10
CA CYS A 11 13.19 -8.13 28.87
C CYS A 11 12.68 -6.83 28.26
N PRO A 12 12.64 -6.80 26.91
CA PRO A 12 12.17 -5.61 26.19
C PRO A 12 10.65 -5.49 26.29
N VAL A 13 10.12 -4.56 25.50
CA VAL A 13 8.68 -4.33 25.48
C VAL A 13 8.25 -3.94 24.07
N LEU A 14 9.01 -3.01 23.49
CA LEU A 14 8.71 -2.53 22.15
C LEU A 14 8.94 -3.67 21.15
N SER A 15 10.20 -4.04 21.00
CA SER A 15 10.57 -5.11 20.09
C SER A 15 9.74 -5.01 18.81
N GLN A 16 10.26 -4.27 17.86
CA GLN A 16 9.58 -4.09 16.59
C GLN A 16 8.27 -3.32 16.79
N GLY A 17 8.34 -2.01 16.59
CA GLY A 17 7.17 -1.17 16.75
C GLY A 17 6.49 -0.91 15.41
N PRO A 18 7.18 -0.08 14.57
CA PRO A 18 6.65 0.25 13.26
C PRO A 18 6.81 -0.92 12.28
N THR A 19 6.24 -0.74 11.10
CA THR A 19 6.32 -1.78 10.08
C THR A 19 6.63 -1.16 8.71
N GLY A 20 5.73 -0.28 8.28
CA GLY A 20 5.89 0.39 7.00
C GLY A 20 4.54 0.63 6.33
N LEU A 21 4.16 1.90 6.25
CA LEU A 21 2.91 2.27 5.64
C LEU A 21 3.10 3.52 4.79
N LEU A 22 3.68 3.32 3.62
CA LEU A 22 3.93 4.43 2.70
C LEU A 22 4.46 3.87 1.37
N GLY A 23 3.61 3.93 0.37
CA GLY A 23 3.98 3.45 -0.95
C GLY A 23 3.04 2.32 -1.40
N LYS A 24 3.03 1.25 -0.60
CA LYS A 24 2.20 0.10 -0.91
C LYS A 24 0.73 0.48 -0.70
N VAL A 25 0.51 1.41 0.22
CA VAL A 25 -0.83 1.87 0.53
C VAL A 25 -1.27 2.88 -0.53
N ALA A 26 -0.28 3.55 -1.12
CA ALA A 26 -0.56 4.55 -2.14
C ALA A 26 -1.03 3.84 -3.42
N LYS A 27 -0.13 3.05 -3.98
CA LYS A 27 -0.45 2.32 -5.20
C LYS A 27 -1.87 1.79 -5.12
N THR A 28 -2.14 1.06 -4.04
CA THR A 28 -3.46 0.49 -3.83
C THR A 28 -4.54 1.56 -4.02
N TYR A 29 -4.28 2.72 -3.45
CA TYR A 29 -5.23 3.82 -3.54
C TYR A 29 -4.97 4.65 -4.82
N GLN A 30 -4.16 4.08 -5.70
CA GLN A 30 -3.84 4.74 -6.95
C GLN A 30 -4.40 3.95 -8.13
N PHE A 31 -4.92 2.78 -7.82
CA PHE A 31 -5.49 1.91 -8.85
C PHE A 31 -7.01 1.88 -8.75
N LEU A 32 -7.50 1.83 -7.52
CA LEU A 32 -8.93 1.80 -7.29
C LEU A 32 -9.55 3.12 -7.75
N PHE A 33 -8.74 4.18 -7.66
CA PHE A 33 -9.19 5.50 -8.05
C PHE A 33 -8.97 5.73 -9.55
N SER A 34 -8.14 4.88 -10.14
CA SER A 34 -7.84 4.98 -11.55
C SER A 34 -8.81 4.10 -12.35
N ILE A 35 -10.08 4.16 -11.96
CA ILE A 35 -11.10 3.38 -12.64
C ILE A 35 -11.98 4.31 -13.47
N GLY A 36 -12.10 5.54 -13.01
CA GLY A 36 -12.90 6.52 -13.71
C GLY A 36 -13.68 7.40 -12.71
N ARG A 37 -14.99 7.44 -12.91
CA ARG A 37 -15.85 8.23 -12.05
C ARG A 37 -17.24 8.37 -12.69
N CYS A 38 -17.25 8.38 -14.01
CA CYS A 38 -18.50 8.52 -14.74
C CYS A 38 -18.16 8.86 -16.20
N PRO A 39 -17.36 9.95 -16.36
CA PRO A 39 -16.96 10.38 -17.68
C PRO A 39 -15.90 9.46 -18.27
N ILE A 40 -16.26 8.19 -18.41
CA ILE A 40 -15.35 7.21 -18.94
C ILE A 40 -15.25 7.39 -20.46
N LEU A 41 -16.28 7.99 -21.03
CA LEU A 41 -16.31 8.23 -22.46
C LEU A 41 -16.21 9.74 -22.72
N ALA A 42 -17.22 10.46 -22.25
CA ALA A 42 -17.24 11.90 -22.43
C ALA A 42 -18.20 12.52 -21.41
N THR A 43 -19.46 12.12 -21.53
CA THR A 43 -20.49 12.63 -20.62
C THR A 43 -21.82 11.90 -20.86
N GLN A 44 -22.09 11.67 -22.14
CA GLN A 44 -23.32 10.99 -22.52
C GLN A 44 -23.39 10.83 -24.03
N GLY A 45 -22.97 11.88 -24.72
CA GLY A 45 -22.98 11.87 -26.18
C GLY A 45 -23.35 13.25 -26.73
N PRO A 46 -22.30 14.03 -27.08
CA PRO A 46 -22.50 15.37 -27.63
C PRO A 46 -22.99 15.30 -29.08
N THR A 47 -22.46 14.33 -29.81
CA THR A 47 -22.82 14.15 -31.20
C THR A 47 -24.32 14.39 -31.39
N CYS A 48 -24.66 14.91 -32.56
CA CYS A 48 -26.06 15.18 -32.87
C CYS A 48 -26.55 16.30 -31.96
N SER A 49 -26.36 17.53 -32.41
CA SER A 49 -26.78 18.69 -31.65
C SER A 49 -28.27 18.95 -31.85
N MET A 1 4.08 7.40 48.05
CA MET A 1 4.25 8.04 46.74
C MET A 1 5.43 7.42 45.99
N VAL A 2 5.95 8.21 45.05
CA VAL A 2 7.08 7.75 44.26
C VAL A 2 6.69 6.51 43.47
N ALA A 3 7.32 6.34 42.32
CA ALA A 3 7.04 5.20 41.47
C ALA A 3 5.79 5.49 40.62
N ALA A 4 5.90 6.52 39.80
CA ALA A 4 4.80 6.91 38.94
C ALA A 4 4.98 6.26 37.56
N ALA A 5 6.16 6.45 37.00
CA ALA A 5 6.47 5.90 35.70
C ALA A 5 5.79 6.73 34.62
N MET A 6 6.55 7.64 34.03
CA MET A 6 6.03 8.51 32.99
C MET A 6 6.18 7.85 31.62
N LEU A 7 5.94 6.54 31.59
CA LEU A 7 6.03 5.79 30.36
C LEU A 7 4.66 5.76 29.68
N LEU A 8 4.02 6.92 29.64
CA LEU A 8 2.71 7.03 29.03
C LEU A 8 2.87 7.15 27.51
N ARG A 9 3.57 6.18 26.94
CA ARG A 9 3.80 6.17 25.51
C ARG A 9 4.55 4.90 25.10
N SER A 10 4.20 3.81 25.77
CA SER A 10 4.84 2.53 25.49
C SER A 10 3.86 1.61 24.75
N CYS A 11 3.14 2.20 23.80
CA CYS A 11 2.18 1.45 23.02
C CYS A 11 2.28 1.91 21.56
N PRO A 12 1.96 0.96 20.64
CA PRO A 12 2.01 1.25 19.22
C PRO A 12 0.82 2.13 18.79
N VAL A 13 1.07 2.96 17.79
CA VAL A 13 0.04 3.84 17.28
C VAL A 13 0.18 3.99 15.77
N LEU A 14 1.42 4.24 15.35
CA LEU A 14 1.71 4.38 13.93
C LEU A 14 2.23 3.05 13.37
N SER A 15 1.46 2.01 13.60
CA SER A 15 1.83 0.69 13.13
C SER A 15 1.59 0.58 11.62
N GLN A 16 2.23 1.48 10.89
CA GLN A 16 2.10 1.50 9.44
C GLN A 16 3.26 2.26 8.81
N GLY A 17 4.43 2.12 9.44
CA GLY A 17 5.63 2.78 8.95
C GLY A 17 6.62 1.77 8.39
N PRO A 18 7.29 1.04 9.33
CA PRO A 18 8.27 0.03 8.94
C PRO A 18 7.58 -1.23 8.40
N THR A 19 6.26 -1.17 8.37
CA THR A 19 5.47 -2.29 7.88
C THR A 19 4.34 -1.80 6.98
N GLY A 20 3.66 -0.76 7.46
CA GLY A 20 2.55 -0.19 6.72
C GLY A 20 2.92 0.00 5.25
N LEU A 21 3.97 0.78 5.04
CA LEU A 21 4.45 1.05 3.69
C LEU A 21 3.44 1.96 2.98
N LEU A 22 3.75 3.25 2.99
CA LEU A 22 2.88 4.23 2.35
C LEU A 22 2.75 3.90 0.87
N GLY A 23 3.87 3.51 0.28
CA GLY A 23 3.89 3.16 -1.13
C GLY A 23 2.84 2.10 -1.45
N LYS A 24 2.65 1.19 -0.50
CA LYS A 24 1.69 0.13 -0.68
C LYS A 24 0.27 0.71 -0.62
N VAL A 25 0.11 1.70 0.25
CA VAL A 25 -1.19 2.35 0.40
C VAL A 25 -1.39 3.35 -0.74
N ALA A 26 -0.27 3.76 -1.33
CA ALA A 26 -0.31 4.70 -2.43
C ALA A 26 -0.75 3.98 -3.71
N LYS A 27 0.03 2.99 -4.07
CA LYS A 27 -0.27 2.20 -5.27
C LYS A 27 -1.71 1.71 -5.21
N THR A 28 -2.00 0.96 -4.15
CA THR A 28 -3.33 0.42 -3.96
C THR A 28 -4.39 1.45 -4.36
N TYR A 29 -4.37 2.57 -3.66
CA TYR A 29 -5.32 3.64 -3.94
C TYR A 29 -5.11 4.20 -5.36
N GLN A 30 -3.85 4.39 -5.71
CA GLN A 30 -3.52 4.92 -7.02
C GLN A 30 -4.12 4.05 -8.11
N PHE A 31 -4.46 2.83 -7.73
CA PHE A 31 -5.04 1.88 -8.67
C PHE A 31 -6.52 1.66 -8.36
N LEU A 32 -6.91 2.01 -7.15
CA LEU A 32 -8.28 1.85 -6.71
C LEU A 32 -8.98 3.21 -6.70
N PHE A 33 -8.36 4.16 -7.40
CA PHE A 33 -8.90 5.50 -7.48
C PHE A 33 -9.98 5.60 -8.57
N SER A 34 -9.63 5.10 -9.74
CA SER A 34 -10.55 5.12 -10.86
C SER A 34 -10.42 3.84 -11.68
N ILE A 35 -10.80 2.74 -11.04
CA ILE A 35 -10.73 1.43 -11.70
C ILE A 35 -11.69 1.41 -12.88
N GLY A 36 -12.76 2.20 -12.76
CA GLY A 36 -13.76 2.28 -13.81
C GLY A 36 -14.02 3.73 -14.20
N ARG A 37 -15.31 4.05 -14.30
CA ARG A 37 -15.71 5.39 -14.67
C ARG A 37 -17.09 5.71 -14.10
N CYS A 38 -17.22 5.52 -12.79
CA CYS A 38 -18.48 5.77 -12.11
C CYS A 38 -18.30 5.47 -10.63
N PRO A 39 -17.47 6.32 -9.96
CA PRO A 39 -17.21 6.15 -8.54
C PRO A 39 -18.41 6.60 -7.70
N ILE A 40 -19.20 5.61 -7.28
CA ILE A 40 -20.37 5.88 -6.46
C ILE A 40 -20.32 5.03 -5.20
N LEU A 41 -19.14 4.99 -4.59
CA LEU A 41 -18.95 4.22 -3.38
C LEU A 41 -19.67 2.88 -3.52
N ALA A 42 -19.21 2.08 -4.47
CA ALA A 42 -19.80 0.78 -4.70
C ALA A 42 -21.32 0.92 -4.77
N THR A 43 -21.82 1.05 -5.99
CA THR A 43 -23.24 1.19 -6.21
C THR A 43 -24.01 0.11 -5.46
N GLN A 44 -23.79 -1.13 -5.88
CA GLN A 44 -24.45 -2.26 -5.26
C GLN A 44 -24.10 -3.55 -6.01
N GLY A 45 -22.80 -3.81 -6.13
CA GLY A 45 -22.33 -4.99 -6.82
C GLY A 45 -21.78 -6.01 -5.82
N PRO A 46 -21.62 -7.27 -6.33
CA PRO A 46 -21.11 -8.35 -5.49
C PRO A 46 -19.59 -8.20 -5.28
N THR A 47 -19.06 -9.05 -4.42
CA THR A 47 -17.64 -9.04 -4.12
C THR A 47 -16.94 -10.21 -4.80
N CYS A 48 -16.74 -10.07 -6.12
CA CYS A 48 -16.09 -11.11 -6.89
C CYS A 48 -17.13 -12.17 -7.25
N SER A 49 -17.66 -12.81 -6.21
CA SER A 49 -18.67 -13.84 -6.41
C SER A 49 -18.16 -14.87 -7.42
N MET A 1 46.01 -0.97 3.61
CA MET A 1 45.33 -2.17 3.13
C MET A 1 44.31 -2.66 4.16
N VAL A 2 44.36 -2.06 5.34
CA VAL A 2 43.45 -2.43 6.41
C VAL A 2 42.18 -1.59 6.30
N ALA A 3 41.06 -2.21 6.64
CA ALA A 3 39.77 -1.53 6.58
C ALA A 3 39.28 -1.51 5.13
N ALA A 4 37.99 -1.79 4.99
CA ALA A 4 37.37 -1.81 3.67
C ALA A 4 35.88 -1.51 3.80
N ALA A 5 35.57 -0.22 3.78
CA ALA A 5 34.19 0.22 3.90
C ALA A 5 33.34 -0.51 2.86
N MET A 6 33.68 -0.28 1.59
CA MET A 6 32.97 -0.91 0.50
C MET A 6 31.47 -0.59 0.57
N LEU A 7 31.16 0.67 0.26
CA LEU A 7 29.78 1.13 0.28
C LEU A 7 29.15 0.90 -1.10
N LEU A 8 30.02 0.81 -2.10
CA LEU A 8 29.57 0.60 -3.47
C LEU A 8 29.30 -0.89 -3.68
N ARG A 9 28.44 -1.44 -2.82
CA ARG A 9 28.08 -2.83 -2.90
C ARG A 9 26.93 -3.15 -1.95
N SER A 10 25.94 -2.26 -1.95
CA SER A 10 24.78 -2.43 -1.11
C SER A 10 23.66 -1.48 -1.55
N CYS A 11 23.41 -1.48 -2.85
CA CYS A 11 22.38 -0.63 -3.41
C CYS A 11 21.01 -1.14 -2.93
N PRO A 12 20.06 -0.19 -2.82
CA PRO A 12 18.71 -0.53 -2.37
C PRO A 12 17.93 -1.24 -3.49
N VAL A 13 16.72 -1.64 -3.15
CA VAL A 13 15.86 -2.33 -4.10
C VAL A 13 14.42 -2.31 -3.59
N LEU A 14 14.28 -2.61 -2.31
CA LEU A 14 12.96 -2.63 -1.69
C LEU A 14 13.11 -2.39 -0.18
N SER A 15 13.31 -1.13 0.17
CA SER A 15 13.47 -0.76 1.57
C SER A 15 12.82 0.61 1.82
N GLN A 16 11.50 0.58 1.98
CA GLN A 16 10.76 1.80 2.23
C GLN A 16 10.70 2.65 0.95
N GLY A 17 10.35 1.99 -0.14
CA GLY A 17 10.25 2.67 -1.42
C GLY A 17 9.14 2.06 -2.27
N PRO A 18 9.45 0.87 -2.86
CA PRO A 18 8.49 0.18 -3.70
C PRO A 18 7.40 -0.48 -2.86
N THR A 19 7.84 -1.22 -1.85
CA THR A 19 6.92 -1.90 -0.95
C THR A 19 7.47 -1.94 0.47
N GLY A 20 7.20 -0.85 1.20
CA GLY A 20 7.67 -0.75 2.57
C GLY A 20 6.72 0.12 3.40
N LEU A 21 5.53 -0.41 3.63
CA LEU A 21 4.53 0.30 4.41
C LEU A 21 4.53 1.78 4.01
N LEU A 22 4.12 2.02 2.77
CA LEU A 22 4.07 3.37 2.25
C LEU A 22 3.53 3.36 0.83
N GLY A 23 3.94 2.34 0.08
CA GLY A 23 3.50 2.18 -1.29
C GLY A 23 2.11 1.54 -1.36
N LYS A 24 1.73 0.91 -0.25
CA LYS A 24 0.44 0.26 -0.17
C LYS A 24 -0.65 1.32 0.05
N VAL A 25 -0.22 2.51 0.42
CA VAL A 25 -1.14 3.60 0.67
C VAL A 25 -0.93 4.69 -0.40
N ALA A 26 0.16 4.53 -1.14
CA ALA A 26 0.48 5.49 -2.19
C ALA A 26 0.76 4.73 -3.49
N LYS A 27 -0.10 3.76 -3.78
CA LYS A 27 0.05 2.96 -4.98
C LYS A 27 -1.21 2.11 -5.16
N THR A 28 -1.68 1.55 -4.06
CA THR A 28 -2.87 0.72 -4.09
C THR A 28 -4.09 1.54 -4.51
N TYR A 29 -4.20 2.72 -3.91
CA TYR A 29 -5.32 3.61 -4.21
C TYR A 29 -5.24 4.11 -5.66
N GLN A 30 -4.02 4.34 -6.11
CA GLN A 30 -3.81 4.82 -7.47
C GLN A 30 -4.44 3.86 -8.48
N PHE A 31 -4.70 2.65 -8.00
CA PHE A 31 -5.30 1.63 -8.85
C PHE A 31 -6.75 1.36 -8.44
N LEU A 32 -7.04 1.63 -7.17
CA LEU A 32 -8.38 1.42 -6.65
C LEU A 32 -9.11 2.76 -6.60
N PHE A 33 -8.67 3.68 -7.45
CA PHE A 33 -9.27 5.00 -7.52
C PHE A 33 -10.26 5.09 -8.67
N SER A 34 -9.95 4.37 -9.74
CA SER A 34 -10.82 4.36 -10.91
C SER A 34 -12.14 3.67 -10.59
N ILE A 35 -12.04 2.41 -10.19
CA ILE A 35 -13.22 1.63 -9.84
C ILE A 35 -14.14 2.49 -8.96
N GLY A 36 -13.96 2.35 -7.66
CA GLY A 36 -14.76 3.09 -6.70
C GLY A 36 -16.25 2.94 -7.01
N ARG A 37 -16.95 4.05 -6.93
CA ARG A 37 -18.38 4.06 -7.18
C ARG A 37 -18.83 5.45 -7.63
N CYS A 38 -18.35 6.45 -6.92
CA CYS A 38 -18.69 7.83 -7.22
C CYS A 38 -18.65 8.01 -8.74
N PRO A 39 -17.48 7.64 -9.33
CA PRO A 39 -17.29 7.75 -10.76
C PRO A 39 -18.06 6.65 -11.50
N ILE A 40 -17.76 6.54 -12.79
CA ILE A 40 -18.41 5.53 -13.62
C ILE A 40 -19.91 5.56 -13.35
N LEU A 41 -20.46 6.77 -13.33
CA LEU A 41 -21.88 6.94 -13.09
C LEU A 41 -22.38 8.18 -13.86
N ALA A 42 -21.86 9.33 -13.46
CA ALA A 42 -22.24 10.57 -14.09
C ALA A 42 -21.40 11.71 -13.51
N THR A 43 -20.12 11.69 -13.87
CA THR A 43 -19.20 12.71 -13.39
C THR A 43 -19.16 13.89 -14.37
N GLN A 44 -19.82 13.71 -15.50
CA GLN A 44 -19.88 14.74 -16.52
C GLN A 44 -20.96 14.43 -17.54
N GLY A 45 -22.16 14.17 -17.02
CA GLY A 45 -23.29 13.85 -17.88
C GLY A 45 -24.44 14.82 -17.63
N PRO A 46 -24.42 15.95 -18.40
CA PRO A 46 -25.46 16.95 -18.27
C PRO A 46 -26.76 16.49 -18.93
N THR A 47 -27.83 16.54 -18.15
CA THR A 47 -29.13 16.13 -18.65
C THR A 47 -30.21 17.12 -18.21
N CYS A 48 -31.08 17.47 -19.15
CA CYS A 48 -32.14 18.41 -18.86
C CYS A 48 -31.53 19.69 -18.32
N SER A 49 -31.36 20.66 -19.21
CA SER A 49 -30.79 21.94 -18.84
C SER A 49 -31.89 23.01 -18.79
N MET A 1 38.51 -12.65 7.95
CA MET A 1 39.63 -13.54 7.77
C MET A 1 39.66 -14.60 8.88
N VAL A 2 38.68 -14.53 9.76
CA VAL A 2 38.59 -15.47 10.86
C VAL A 2 37.16 -16.02 10.93
N ALA A 3 37.05 -17.21 11.51
CA ALA A 3 35.76 -17.86 11.64
C ALA A 3 34.89 -17.06 12.61
N ALA A 4 34.38 -15.94 12.11
CA ALA A 4 33.54 -15.08 12.93
C ALA A 4 32.08 -15.29 12.53
N ALA A 5 31.63 -16.52 12.69
CA ALA A 5 30.25 -16.86 12.36
C ALA A 5 30.16 -17.19 10.87
N MET A 6 30.73 -16.31 10.06
CA MET A 6 30.72 -16.49 8.63
C MET A 6 29.33 -16.87 8.13
N LEU A 7 28.40 -15.93 8.29
CA LEU A 7 27.03 -16.15 7.86
C LEU A 7 26.44 -14.85 7.34
N LEU A 8 26.59 -13.80 8.15
CA LEU A 8 26.08 -12.49 7.78
C LEU A 8 24.55 -12.54 7.72
N ARG A 9 23.93 -12.03 8.77
CA ARG A 9 22.48 -12.01 8.86
C ARG A 9 22.02 -11.03 9.93
N SER A 10 22.59 -9.83 9.87
CA SER A 10 22.25 -8.79 10.84
C SER A 10 21.35 -7.74 10.19
N CYS A 11 21.80 -7.26 9.03
CA CYS A 11 21.06 -6.26 8.30
C CYS A 11 19.76 -6.89 7.79
N PRO A 12 18.71 -6.04 7.66
CA PRO A 12 17.41 -6.51 7.19
C PRO A 12 17.44 -6.77 5.68
N VAL A 13 18.33 -6.05 5.00
CA VAL A 13 18.46 -6.19 3.57
C VAL A 13 17.15 -5.78 2.90
N LEU A 14 16.49 -4.81 3.50
CA LEU A 14 15.23 -4.33 2.96
C LEU A 14 15.20 -2.80 3.04
N SER A 15 15.25 -2.30 4.27
CA SER A 15 15.22 -0.87 4.50
C SER A 15 15.70 -0.55 5.92
N GLN A 16 14.96 -1.09 6.88
CA GLN A 16 15.29 -0.87 8.29
C GLN A 16 14.55 -1.87 9.16
N GLY A 17 13.26 -2.03 8.89
CA GLY A 17 12.43 -2.95 9.65
C GLY A 17 10.98 -2.90 9.16
N PRO A 18 10.35 -1.70 9.36
CA PRO A 18 8.97 -1.50 8.96
C PRO A 18 8.86 -1.36 7.44
N THR A 19 10.00 -1.12 6.81
CA THR A 19 10.05 -0.96 5.37
C THR A 19 9.58 0.44 4.97
N GLY A 20 8.40 0.80 5.46
CA GLY A 20 7.83 2.10 5.16
C GLY A 20 6.32 2.12 5.40
N LEU A 21 5.64 1.21 4.71
CA LEU A 21 4.19 1.11 4.85
C LEU A 21 3.55 2.43 4.44
N LEU A 22 3.82 2.83 3.20
CA LEU A 22 3.28 4.07 2.67
C LEU A 22 2.96 3.89 1.19
N GLY A 23 4.01 3.76 0.40
CA GLY A 23 3.86 3.58 -1.04
C GLY A 23 3.01 2.35 -1.35
N LYS A 24 3.03 1.40 -0.42
CA LYS A 24 2.26 0.18 -0.58
C LYS A 24 0.79 0.48 -0.37
N VAL A 25 0.52 1.61 0.26
CA VAL A 25 -0.85 2.03 0.52
C VAL A 25 -1.32 2.96 -0.60
N ALA A 26 -0.36 3.66 -1.19
CA ALA A 26 -0.67 4.57 -2.27
C ALA A 26 -0.98 3.79 -3.54
N LYS A 27 -0.02 2.96 -3.94
CA LYS A 27 -0.19 2.14 -5.12
C LYS A 27 -1.61 1.61 -5.18
N THR A 28 -2.08 1.12 -4.04
CA THR A 28 -3.42 0.58 -3.95
C THR A 28 -4.45 1.63 -4.36
N TYR A 29 -4.30 2.82 -3.79
CA TYR A 29 -5.20 3.91 -4.08
C TYR A 29 -5.02 4.40 -5.52
N GLN A 30 -3.78 4.33 -5.98
CA GLN A 30 -3.47 4.76 -7.34
C GLN A 30 -4.23 3.91 -8.36
N PHE A 31 -4.77 2.80 -7.86
CA PHE A 31 -5.53 1.89 -8.72
C PHE A 31 -7.02 1.93 -8.38
N LEU A 32 -7.30 1.94 -7.08
CA LEU A 32 -8.67 1.98 -6.62
C LEU A 32 -9.38 3.20 -7.22
N PHE A 33 -8.64 4.30 -7.27
CA PHE A 33 -9.19 5.52 -7.82
C PHE A 33 -9.70 5.31 -9.25
N SER A 34 -9.01 4.44 -9.97
CA SER A 34 -9.39 4.14 -11.33
C SER A 34 -10.37 2.97 -11.36
N ILE A 35 -11.51 3.17 -10.70
CA ILE A 35 -12.53 2.14 -10.65
C ILE A 35 -13.62 2.44 -11.67
N GLY A 36 -13.82 3.74 -11.90
CA GLY A 36 -14.83 4.19 -12.86
C GLY A 36 -14.34 4.00 -14.29
N ARG A 37 -15.14 3.28 -15.07
CA ARG A 37 -14.81 3.03 -16.46
C ARG A 37 -13.50 2.26 -16.55
N CYS A 38 -13.60 0.94 -16.48
CA CYS A 38 -12.43 0.09 -16.56
C CYS A 38 -12.30 -0.42 -18.00
N PRO A 39 -11.02 -0.67 -18.41
CA PRO A 39 -10.75 -1.16 -19.75
C PRO A 39 -11.12 -2.64 -19.88
N ILE A 40 -10.68 -3.23 -20.98
CA ILE A 40 -10.95 -4.63 -21.25
C ILE A 40 -12.44 -4.80 -21.57
N LEU A 41 -13.26 -4.44 -20.59
CA LEU A 41 -14.71 -4.55 -20.75
C LEU A 41 -15.23 -3.31 -21.48
N ALA A 42 -15.24 -2.20 -20.76
CA ALA A 42 -15.71 -0.94 -21.33
C ALA A 42 -17.22 -1.01 -21.52
N THR A 43 -17.64 -1.95 -22.35
CA THR A 43 -19.06 -2.13 -22.62
C THR A 43 -19.27 -3.34 -23.54
N GLN A 44 -18.89 -4.50 -23.03
CA GLN A 44 -19.04 -5.73 -23.79
C GLN A 44 -18.58 -6.94 -22.96
N GLY A 45 -17.28 -7.00 -22.75
CA GLY A 45 -16.70 -8.08 -21.97
C GLY A 45 -16.31 -9.25 -22.88
N PRO A 46 -15.37 -10.09 -22.35
CA PRO A 46 -14.89 -11.25 -23.10
C PRO A 46 -15.94 -12.36 -23.09
N THR A 47 -15.80 -13.26 -24.06
CA THR A 47 -16.72 -14.38 -24.18
C THR A 47 -16.31 -15.51 -23.24
N CYS A 48 -17.26 -15.96 -22.44
CA CYS A 48 -17.01 -17.03 -21.50
C CYS A 48 -18.35 -17.62 -21.06
N SER A 49 -18.53 -18.89 -21.37
CA SER A 49 -19.76 -19.58 -21.01
C SER A 49 -19.48 -21.06 -20.75
N MET A 1 8.97 15.02 44.48
CA MET A 1 9.73 13.90 45.04
C MET A 1 10.80 13.42 44.06
N VAL A 2 11.61 12.48 44.54
CA VAL A 2 12.68 11.94 43.71
C VAL A 2 12.07 11.05 42.62
N ALA A 3 12.82 10.88 41.55
CA ALA A 3 12.37 10.08 40.43
C ALA A 3 10.90 10.41 40.13
N ALA A 4 10.72 11.35 39.22
CA ALA A 4 9.39 11.78 38.83
C ALA A 4 8.73 10.65 38.03
N ALA A 5 9.39 10.26 36.96
CA ALA A 5 8.88 9.20 36.10
C ALA A 5 10.04 8.51 35.39
N MET A 6 10.67 9.27 34.49
CA MET A 6 11.79 8.75 33.74
C MET A 6 12.39 9.85 32.84
N LEU A 7 11.58 10.32 31.92
CA LEU A 7 12.02 11.36 30.99
C LEU A 7 10.79 12.02 30.36
N LEU A 8 10.16 11.27 29.45
CA LEU A 8 8.99 11.77 28.77
C LEU A 8 9.29 13.16 28.19
N ARG A 9 9.97 13.16 27.06
CA ARG A 9 10.32 14.41 26.41
C ARG A 9 11.01 14.13 25.06
N SER A 10 10.19 14.06 24.03
CA SER A 10 10.70 13.80 22.69
C SER A 10 9.61 14.09 21.66
N CYS A 11 8.48 13.41 21.80
CA CYS A 11 7.37 13.58 20.90
C CYS A 11 7.92 13.62 19.46
N PRO A 12 8.24 12.39 18.95
CA PRO A 12 8.78 12.27 17.60
C PRO A 12 7.67 12.46 16.56
N VAL A 13 8.10 12.72 15.33
CA VAL A 13 7.17 12.92 14.24
C VAL A 13 6.91 11.59 13.55
N LEU A 14 8.00 10.90 13.23
CA LEU A 14 7.90 9.61 12.55
C LEU A 14 7.58 9.83 11.08
N SER A 15 8.36 10.71 10.45
CA SER A 15 8.16 11.01 9.05
C SER A 15 8.67 9.85 8.19
N GLN A 16 9.95 9.55 8.37
CA GLN A 16 10.57 8.47 7.61
C GLN A 16 11.51 7.67 8.51
N GLY A 17 10.93 7.05 9.53
CA GLY A 17 11.70 6.25 10.47
C GLY A 17 11.60 4.76 10.13
N PRO A 18 10.40 4.18 10.45
CA PRO A 18 10.16 2.77 10.20
C PRO A 18 9.92 2.52 8.71
N THR A 19 9.04 3.32 8.14
CA THR A 19 8.71 3.20 6.72
C THR A 19 8.10 1.82 6.44
N GLY A 20 7.53 1.24 7.48
CA GLY A 20 6.90 -0.07 7.36
C GLY A 20 6.15 -0.19 6.03
N LEU A 21 5.09 0.59 5.91
CA LEU A 21 4.28 0.58 4.69
C LEU A 21 4.72 1.73 3.78
N LEU A 22 3.92 2.78 3.77
CA LEU A 22 4.22 3.94 2.95
C LEU A 22 4.64 3.47 1.56
N GLY A 23 3.64 3.37 0.68
CA GLY A 23 3.89 2.93 -0.68
C GLY A 23 2.74 2.06 -1.20
N LYS A 24 2.50 0.97 -0.47
CA LYS A 24 1.44 0.05 -0.85
C LYS A 24 0.09 0.72 -0.60
N VAL A 25 0.11 1.77 0.19
CA VAL A 25 -1.10 2.50 0.51
C VAL A 25 -1.32 3.60 -0.54
N ALA A 26 -0.24 3.93 -1.24
CA ALA A 26 -0.30 4.95 -2.27
C ALA A 26 -0.64 4.31 -3.61
N LYS A 27 0.01 3.19 -3.88
CA LYS A 27 -0.20 2.47 -5.12
C LYS A 27 -1.66 2.01 -5.18
N THR A 28 -2.05 1.22 -4.18
CA THR A 28 -3.40 0.71 -4.10
C THR A 28 -4.40 1.79 -4.54
N TYR A 29 -4.20 2.98 -4.01
CA TYR A 29 -5.07 4.10 -4.33
C TYR A 29 -4.99 4.46 -5.82
N GLN A 30 -3.76 4.45 -6.32
CA GLN A 30 -3.53 4.77 -7.72
C GLN A 30 -4.37 3.86 -8.62
N PHE A 31 -4.81 2.75 -8.04
CA PHE A 31 -5.62 1.80 -8.77
C PHE A 31 -7.07 1.81 -8.28
N LEU A 32 -7.20 1.77 -6.97
CA LEU A 32 -8.52 1.77 -6.36
C LEU A 32 -9.34 2.93 -6.93
N PHE A 33 -8.64 4.01 -7.24
CA PHE A 33 -9.29 5.19 -7.79
C PHE A 33 -10.09 4.83 -9.05
N SER A 34 -9.78 3.67 -9.60
CA SER A 34 -10.46 3.21 -10.80
C SER A 34 -10.41 1.68 -10.88
N ILE A 35 -11.46 1.06 -10.38
CA ILE A 35 -11.55 -0.39 -10.40
C ILE A 35 -12.98 -0.81 -10.75
N GLY A 36 -13.94 -0.17 -10.10
CA GLY A 36 -15.34 -0.46 -10.33
C GLY A 36 -16.22 0.11 -9.22
N ARG A 37 -17.52 0.06 -9.46
CA ARG A 37 -18.47 0.57 -8.48
C ARG A 37 -19.84 -0.08 -8.70
N CYS A 38 -19.98 -1.28 -8.16
CA CYS A 38 -21.22 -2.03 -8.28
C CYS A 38 -20.99 -3.44 -7.75
N PRO A 39 -19.98 -4.12 -8.36
CA PRO A 39 -19.65 -5.48 -7.96
C PRO A 39 -18.90 -5.49 -6.62
N ILE A 40 -19.67 -5.58 -5.56
CA ILE A 40 -19.10 -5.61 -4.22
C ILE A 40 -18.30 -6.89 -4.03
N LEU A 41 -18.79 -7.95 -4.68
CA LEU A 41 -18.13 -9.25 -4.59
C LEU A 41 -18.33 -10.00 -5.90
N ALA A 42 -17.77 -9.44 -6.97
CA ALA A 42 -17.88 -10.04 -8.28
C ALA A 42 -16.82 -9.45 -9.20
N THR A 43 -15.63 -10.02 -9.13
CA THR A 43 -14.52 -9.56 -9.95
C THR A 43 -14.80 -9.82 -11.43
N GLN A 44 -15.31 -11.01 -11.70
CA GLN A 44 -15.63 -11.41 -13.06
C GLN A 44 -16.99 -12.10 -13.11
N GLY A 45 -17.08 -13.19 -12.37
CA GLY A 45 -18.32 -13.96 -12.32
C GLY A 45 -18.42 -14.91 -13.51
N PRO A 46 -19.69 -15.25 -13.87
CA PRO A 46 -19.94 -16.14 -14.99
C PRO A 46 -19.73 -15.43 -16.32
N THR A 47 -18.46 -15.20 -16.63
CA THR A 47 -18.11 -14.53 -17.87
C THR A 47 -19.09 -13.40 -18.17
N CYS A 48 -19.12 -12.43 -17.26
CA CYS A 48 -20.03 -11.29 -17.41
C CYS A 48 -21.46 -11.82 -17.49
N SER A 49 -22.07 -11.96 -16.32
CA SER A 49 -23.44 -12.46 -16.25
C SER A 49 -23.65 -13.58 -17.27
N MET A 1 3.23 -13.12 42.41
CA MET A 1 2.00 -13.15 43.17
C MET A 1 1.86 -11.91 44.05
N VAL A 2 2.94 -11.13 44.08
CA VAL A 2 2.95 -9.91 44.87
C VAL A 2 3.62 -8.80 44.06
N ALA A 3 3.06 -8.53 42.89
CA ALA A 3 3.59 -7.49 42.02
C ALA A 3 2.50 -7.05 41.05
N ALA A 4 2.93 -6.78 39.82
CA ALA A 4 2.00 -6.34 38.79
C ALA A 4 2.57 -6.70 37.42
N ALA A 5 3.73 -6.13 37.12
CA ALA A 5 4.38 -6.39 35.84
C ALA A 5 5.88 -6.12 35.99
N MET A 6 6.20 -4.93 36.45
CA MET A 6 7.59 -4.54 36.64
C MET A 6 8.47 -5.09 35.52
N LEU A 7 7.89 -5.14 34.32
CA LEU A 7 8.61 -5.63 33.17
C LEU A 7 8.21 -4.83 31.93
N LEU A 8 6.92 -4.86 31.63
CA LEU A 8 6.39 -4.14 30.48
C LEU A 8 6.96 -4.74 29.21
N ARG A 9 6.14 -5.56 28.56
CA ARG A 9 6.55 -6.21 27.32
C ARG A 9 5.39 -7.00 26.73
N SER A 10 4.21 -6.38 26.75
CA SER A 10 3.01 -7.01 26.22
C SER A 10 1.91 -5.98 26.04
N CYS A 11 2.26 -4.89 25.35
CA CYS A 11 1.31 -3.82 25.11
C CYS A 11 1.53 -3.29 23.70
N PRO A 12 0.42 -2.79 23.09
CA PRO A 12 0.49 -2.26 21.74
C PRO A 12 1.16 -0.88 21.73
N VAL A 13 1.79 -0.57 20.60
CA VAL A 13 2.46 0.71 20.45
C VAL A 13 2.29 1.21 19.02
N LEU A 14 2.74 0.38 18.08
CA LEU A 14 2.64 0.72 16.67
C LEU A 14 2.18 -0.51 15.88
N SER A 15 3.00 -1.55 15.94
CA SER A 15 2.69 -2.79 15.24
C SER A 15 3.01 -2.64 13.75
N GLN A 16 2.39 -1.65 13.13
CA GLN A 16 2.59 -1.40 11.72
C GLN A 16 2.88 0.09 11.49
N GLY A 17 4.06 0.51 11.93
CA GLY A 17 4.47 1.89 11.79
C GLY A 17 5.76 2.00 10.97
N PRO A 18 6.90 1.69 11.65
CA PRO A 18 8.19 1.75 11.01
C PRO A 18 8.40 0.55 10.07
N THR A 19 7.60 0.54 9.01
CA THR A 19 7.68 -0.54 8.04
C THR A 19 7.59 0.03 6.62
N GLY A 20 6.47 0.69 6.35
CA GLY A 20 6.25 1.28 5.04
C GLY A 20 4.80 1.06 4.59
N LEU A 21 3.88 1.59 5.36
CA LEU A 21 2.46 1.45 5.05
C LEU A 21 1.99 2.73 4.34
N LEU A 22 2.76 3.14 3.35
CA LEU A 22 2.42 4.34 2.59
C LEU A 22 2.55 4.04 1.10
N GLY A 23 3.75 3.67 0.70
CA GLY A 23 4.01 3.34 -0.69
C GLY A 23 3.12 2.19 -1.17
N LYS A 24 3.01 1.19 -0.32
CA LYS A 24 2.19 0.02 -0.64
C LYS A 24 0.71 0.42 -0.58
N VAL A 25 0.45 1.55 0.05
CA VAL A 25 -0.91 2.05 0.18
C VAL A 25 -1.17 3.08 -0.92
N ALA A 26 -0.09 3.64 -1.44
CA ALA A 26 -0.19 4.64 -2.49
C ALA A 26 -0.65 3.96 -3.79
N LYS A 27 0.16 3.02 -4.25
CA LYS A 27 -0.15 2.30 -5.47
C LYS A 27 -1.59 1.77 -5.39
N THR A 28 -1.89 1.13 -4.27
CA THR A 28 -3.21 0.57 -4.05
C THR A 28 -4.29 1.58 -4.46
N TYR A 29 -4.23 2.74 -3.82
CA TYR A 29 -5.19 3.80 -4.12
C TYR A 29 -5.07 4.27 -5.56
N GLN A 30 -3.83 4.32 -6.03
CA GLN A 30 -3.56 4.75 -7.40
C GLN A 30 -4.31 3.87 -8.39
N PHE A 31 -4.73 2.71 -7.90
CA PHE A 31 -5.46 1.76 -8.74
C PHE A 31 -6.93 1.71 -8.34
N LEU A 32 -7.18 1.91 -7.05
CA LEU A 32 -8.54 1.88 -6.53
C LEU A 32 -9.08 3.31 -6.44
N PHE A 33 -8.49 4.18 -7.24
CA PHE A 33 -8.90 5.57 -7.26
C PHE A 33 -10.05 5.79 -8.24
N SER A 34 -9.79 5.43 -9.49
CA SER A 34 -10.79 5.58 -10.54
C SER A 34 -11.84 4.48 -10.41
N ILE A 35 -12.44 4.39 -9.24
CA ILE A 35 -13.46 3.38 -8.99
C ILE A 35 -14.81 4.07 -8.74
N GLY A 36 -15.10 4.29 -7.47
CA GLY A 36 -16.34 4.93 -7.09
C GLY A 36 -16.08 6.29 -6.45
N ARG A 37 -16.75 7.30 -7.00
CA ARG A 37 -16.59 8.66 -6.51
C ARG A 37 -17.19 9.66 -7.50
N CYS A 38 -17.14 9.29 -8.78
CA CYS A 38 -17.68 10.14 -9.83
C CYS A 38 -18.28 9.23 -10.91
N PRO A 39 -19.31 9.78 -11.60
CA PRO A 39 -19.98 9.04 -12.65
C PRO A 39 -19.12 8.99 -13.92
N ILE A 40 -18.10 8.14 -13.87
CA ILE A 40 -17.20 7.99 -15.00
C ILE A 40 -17.99 7.54 -16.22
N LEU A 41 -19.07 6.81 -15.95
CA LEU A 41 -19.92 6.30 -17.02
C LEU A 41 -21.30 5.98 -16.45
N ALA A 42 -22.00 7.04 -16.06
CA ALA A 42 -23.34 6.88 -15.50
C ALA A 42 -23.31 5.80 -14.42
N THR A 43 -22.73 6.16 -13.28
CA THR A 43 -22.64 5.23 -12.17
C THR A 43 -24.01 5.04 -11.52
N GLN A 44 -24.55 6.13 -11.00
CA GLN A 44 -25.85 6.09 -10.35
C GLN A 44 -26.21 7.48 -9.82
N GLY A 45 -26.49 8.37 -10.75
CA GLY A 45 -26.86 9.73 -10.39
C GLY A 45 -27.14 10.58 -11.65
N PRO A 46 -28.45 10.64 -12.01
CA PRO A 46 -28.86 11.40 -13.17
C PRO A 46 -28.83 12.90 -12.89
N THR A 47 -28.99 13.68 -13.95
CA THR A 47 -28.98 15.12 -13.83
C THR A 47 -27.68 15.60 -13.18
N CYS A 48 -26.81 16.15 -14.01
CA CYS A 48 -25.53 16.64 -13.54
C CYS A 48 -25.73 18.08 -13.05
N SER A 49 -26.11 18.94 -13.97
CA SER A 49 -26.35 20.34 -13.64
C SER A 49 -27.47 20.90 -14.50
N MET A 1 -3.50 -12.85 36.76
CA MET A 1 -2.09 -12.57 36.98
C MET A 1 -1.61 -11.45 36.06
N VAL A 2 -2.47 -11.07 35.13
CA VAL A 2 -2.15 -10.01 34.19
C VAL A 2 -0.95 -10.44 33.34
N ALA A 3 -1.17 -10.50 32.05
CA ALA A 3 -0.11 -10.89 31.13
C ALA A 3 0.62 -12.10 31.69
N ALA A 4 0.15 -13.28 31.30
CA ALA A 4 0.76 -14.53 31.75
C ALA A 4 2.28 -14.38 31.74
N ALA A 5 2.82 -14.11 30.55
CA ALA A 5 4.25 -13.94 30.40
C ALA A 5 4.95 -15.27 30.70
N MET A 6 5.15 -16.04 29.64
CA MET A 6 5.80 -17.33 29.77
C MET A 6 6.04 -17.97 28.40
N LEU A 7 7.12 -17.55 27.76
CA LEU A 7 7.47 -18.07 26.45
C LEU A 7 6.65 -17.34 25.38
N LEU A 8 7.27 -16.32 24.80
CA LEU A 8 6.60 -15.54 23.77
C LEU A 8 5.80 -14.42 24.42
N ARG A 9 6.50 -13.60 25.20
CA ARG A 9 5.87 -12.50 25.89
C ARG A 9 6.88 -11.38 26.14
N SER A 10 7.88 -11.33 25.28
CA SER A 10 8.92 -10.32 25.40
C SER A 10 9.74 -10.25 24.10
N CYS A 11 9.03 -10.03 23.01
CA CYS A 11 9.67 -9.94 21.70
C CYS A 11 8.85 -9.01 20.82
N PRO A 12 9.55 -8.34 19.87
CA PRO A 12 8.89 -7.41 18.96
C PRO A 12 8.11 -8.18 17.88
N VAL A 13 7.64 -7.42 16.91
CA VAL A 13 6.86 -8.01 15.82
C VAL A 13 7.13 -7.22 14.54
N LEU A 14 6.96 -5.91 14.65
CA LEU A 14 7.16 -5.03 13.50
C LEU A 14 7.66 -3.67 14.00
N SER A 15 8.91 -3.66 14.44
CA SER A 15 9.51 -2.43 14.94
C SER A 15 10.29 -1.74 13.82
N GLN A 16 9.56 -1.39 12.77
CA GLN A 16 10.17 -0.72 11.63
C GLN A 16 11.24 -1.62 10.99
N GLY A 17 10.78 -2.73 10.42
CA GLY A 17 11.67 -3.66 9.78
C GLY A 17 11.86 -3.32 8.31
N PRO A 18 10.76 -3.53 7.52
CA PRO A 18 10.80 -3.26 6.10
C PRO A 18 10.73 -1.75 5.84
N THR A 19 9.78 -1.11 6.49
CA THR A 19 9.61 0.32 6.34
C THR A 19 9.17 0.66 4.92
N GLY A 20 8.82 -0.39 4.18
CA GLY A 20 8.38 -0.23 2.80
C GLY A 20 6.86 -0.32 2.70
N LEU A 21 6.21 -0.19 3.86
CA LEU A 21 4.76 -0.26 3.91
C LEU A 21 4.18 1.16 3.91
N LEU A 22 4.55 1.91 2.88
CA LEU A 22 4.08 3.28 2.76
C LEU A 22 3.51 3.49 1.34
N GLY A 23 4.37 3.32 0.35
CA GLY A 23 3.97 3.49 -1.03
C GLY A 23 2.91 2.45 -1.41
N LYS A 24 2.87 1.38 -0.64
CA LYS A 24 1.91 0.31 -0.89
C LYS A 24 0.51 0.80 -0.53
N VAL A 25 0.46 1.82 0.31
CA VAL A 25 -0.80 2.39 0.75
C VAL A 25 -1.25 3.44 -0.27
N ALA A 26 -0.29 3.96 -1.01
CA ALA A 26 -0.58 4.97 -2.01
C ALA A 26 -0.99 4.28 -3.31
N LYS A 27 -0.24 3.27 -3.67
CA LYS A 27 -0.52 2.53 -4.89
C LYS A 27 -1.94 1.97 -4.83
N THR A 28 -2.23 1.32 -3.72
CA THR A 28 -3.55 0.74 -3.53
C THR A 28 -4.64 1.75 -3.90
N TYR A 29 -4.28 3.02 -3.80
CA TYR A 29 -5.22 4.09 -4.13
C TYR A 29 -5.10 4.48 -5.60
N GLN A 30 -3.88 4.37 -6.11
CA GLN A 30 -3.63 4.70 -7.51
C GLN A 30 -4.32 3.71 -8.44
N PHE A 31 -4.85 2.65 -7.84
CA PHE A 31 -5.54 1.62 -8.60
C PHE A 31 -7.05 1.66 -8.32
N LEU A 32 -7.37 1.88 -7.05
CA LEU A 32 -8.77 1.94 -6.64
C LEU A 32 -9.46 3.12 -7.33
N PHE A 33 -8.63 4.02 -7.86
CA PHE A 33 -9.14 5.19 -8.55
C PHE A 33 -9.36 4.90 -10.03
N SER A 34 -9.24 3.63 -10.38
CA SER A 34 -9.44 3.20 -11.75
C SER A 34 -10.08 1.82 -11.80
N ILE A 35 -11.32 1.77 -11.32
CA ILE A 35 -12.07 0.53 -11.30
C ILE A 35 -13.21 0.60 -12.32
N GLY A 36 -13.69 1.81 -12.54
CA GLY A 36 -14.76 2.03 -13.49
C GLY A 36 -15.78 0.89 -13.42
N ARG A 37 -16.79 1.09 -12.58
CA ARG A 37 -17.83 0.09 -12.41
C ARG A 37 -18.90 0.60 -11.43
N CYS A 38 -19.98 1.11 -12.00
CA CYS A 38 -21.07 1.64 -11.19
C CYS A 38 -21.98 2.47 -12.10
N PRO A 39 -21.36 3.45 -12.80
CA PRO A 39 -22.10 4.32 -13.69
C PRO A 39 -22.46 3.59 -14.99
N ILE A 40 -23.76 3.59 -15.28
CA ILE A 40 -24.25 2.93 -16.48
C ILE A 40 -24.59 3.99 -17.54
N LEU A 41 -23.54 4.67 -18.00
CA LEU A 41 -23.71 5.70 -19.01
C LEU A 41 -24.90 6.59 -18.61
N ALA A 42 -24.78 7.19 -17.44
CA ALA A 42 -25.83 8.07 -16.94
C ALA A 42 -25.38 8.69 -15.62
N THR A 43 -25.43 7.88 -14.57
CA THR A 43 -25.02 8.34 -13.25
C THR A 43 -24.66 7.16 -12.36
N GLN A 44 -25.65 6.31 -12.11
CA GLN A 44 -25.44 5.14 -11.29
C GLN A 44 -26.77 4.41 -11.06
N GLY A 45 -27.83 5.20 -10.95
CA GLY A 45 -29.15 4.65 -10.74
C GLY A 45 -30.04 4.83 -11.98
N PRO A 46 -31.36 4.61 -11.77
CA PRO A 46 -32.32 4.74 -12.86
C PRO A 46 -32.58 6.21 -13.18
N THR A 47 -33.21 6.44 -14.33
CA THR A 47 -33.52 7.78 -14.76
C THR A 47 -34.52 8.44 -13.79
N CYS A 48 -35.65 7.77 -13.63
CA CYS A 48 -36.69 8.27 -12.75
C CYS A 48 -36.98 7.19 -11.69
N SER A 49 -37.31 7.65 -10.50
CA SER A 49 -37.62 6.76 -9.40
C SER A 49 -36.47 5.76 -9.22
#